data_1GPU
#
_entry.id   1GPU
#
_cell.length_a   74.300
_cell.length_b   113.200
_cell.length_c   159.400
_cell.angle_alpha   90.00
_cell.angle_beta   90.00
_cell.angle_gamma   90.00
#
_symmetry.space_group_name_H-M   'P 21 21 21'
#
loop_
_entity.id
_entity.type
_entity.pdbx_description
1 polymer 'TRANSKETOLASE 1'
2 non-polymer 'CALCIUM ION'
3 non-polymer '2-[3-[(4-AMINO-2-METHYL-5-PYRIMIDINYL)METHYL]-2-(1,2-DIHYDROXYETHYL)-4-METHYL-1,3-THIAZOL-3-IUM-5-YL]ETHYL TRIHYDROGEN DIPHOSPHATE'
4 water water
#
_entity_poly.entity_id   1
_entity_poly.type   'polypeptide(L)'
_entity_poly.pdbx_seq_one_letter_code
;MTQFTDIDKLAVSTIRILAVDTVSKANSGHPGAPLGMAPAAHVLWSQMRMNPTNPDWINRDRFVLSNGHAVALLYSMLHL
TGYDLSIEDLKQFRQLGSRTPGHPEFELPGVEVTTGPLGQGISNAVGMAMAQANLAATYNKPGFTLSDNYTYVFLGDGCL
QEGISSEASSLAGHLKLGNLIAIYDDNKITIDGATSISFDEDVAKRYEAYGWEVLYVENGNEDLAGIAKAIAQAKLSKDK
PTLIKMTTTIGYGSLHAGSHSVHGAPLKADDVKQLKSKFGFNPDKSFVVPQEVYDHYQKTILKPGVEANNKWNKLFSEYQ
KKFPELGAELARRLSGQLPANWESKLPTYTAKDSAVATRKLSETVLEDVYNQLPELIGGSADLTPSNLTRWKEALDFQPP
SSGSGNYSGRYIRYGIREHAMGAIMNGISAFGANYKPYGGTFLNFVSYAAGAVRLSALSGHPVIWVATHDSIGVGEDGPT
HQPIETLAHFRSLPNIQVWRPADGNEVSAAYKNSLESKHTPSIIALSRQNLPQLEGSSIESASKGGYVLQDVANPDIILV
ATGSEVSLSVEAAKTLAAKNIKARVVSLPDFFTFDKQPLEYRLSVLPDNVPIMSVEVLATTCWGKYAHQSFGIDRFGASG
KAPEVFKFFGFTPEGVAERAQKTIAFYKGDKLISPLKKAF
;
_entity_poly.pdbx_strand_id   A,B
#
loop_
_chem_comp.id
_chem_comp.type
_chem_comp.name
_chem_comp.formula
CA non-polymer 'CALCIUM ION' 'Ca 2'
THD non-polymer '2-[3-[(4-AMINO-2-METHYL-5-PYRIMIDINYL)METHYL]-2-(1,2-DIHYDROXYETHYL)-4-METHYL-1,3-THIAZOL-3-IUM-5-YL]ETHYL TRIHYDROGEN DIPHOSPHATE' 'C14 H22 N4 O9 P2 S'
#
# COMPACT_ATOMS: atom_id res chain seq x y z
N GLN A 3 -7.40 -37.41 23.39
CA GLN A 3 -6.68 -38.02 24.55
C GLN A 3 -5.18 -38.07 24.28
N PHE A 4 -4.46 -37.12 24.87
CA PHE A 4 -3.02 -37.00 24.72
C PHE A 4 -2.30 -37.65 25.88
N THR A 5 -1.14 -38.26 25.60
CA THR A 5 -0.36 -38.92 26.63
C THR A 5 1.07 -38.37 26.73
N ASP A 6 1.91 -39.04 27.49
CA ASP A 6 3.30 -38.58 27.66
C ASP A 6 4.06 -38.38 26.35
N ILE A 7 3.81 -39.22 25.36
CA ILE A 7 4.53 -39.09 24.09
C ILE A 7 4.19 -37.74 23.46
N ASP A 8 2.96 -37.28 23.68
CA ASP A 8 2.53 -36.00 23.15
C ASP A 8 3.28 -34.87 23.85
N LYS A 9 3.44 -34.99 25.16
CA LYS A 9 4.16 -33.97 25.91
C LYS A 9 5.62 -33.97 25.49
N LEU A 10 6.15 -35.15 25.19
CA LEU A 10 7.54 -35.25 24.76
C LEU A 10 7.70 -34.59 23.39
N ALA A 11 6.72 -34.80 22.51
CA ALA A 11 6.77 -34.21 21.18
C ALA A 11 6.78 -32.69 21.30
N VAL A 12 5.96 -32.14 22.19
CA VAL A 12 5.88 -30.69 22.38
C VAL A 12 7.23 -30.14 22.84
N SER A 13 7.88 -30.84 23.77
CA SER A 13 9.18 -30.39 24.26
C SER A 13 10.21 -30.46 23.14
N THR A 14 10.13 -31.50 22.33
CA THR A 14 11.05 -31.68 21.22
C THR A 14 10.92 -30.52 20.23
N ILE A 15 9.68 -30.16 19.92
CA ILE A 15 9.40 -29.06 19.01
C ILE A 15 9.98 -27.76 19.57
N ARG A 16 9.65 -27.47 20.82
CA ARG A 16 10.15 -26.25 21.46
C ARG A 16 11.67 -26.13 21.43
N ILE A 17 12.35 -27.20 21.82
CA ILE A 17 13.80 -27.18 21.85
C ILE A 17 14.44 -27.16 20.47
N LEU A 18 13.82 -27.84 19.50
CA LEU A 18 14.38 -27.87 18.15
C LEU A 18 14.32 -26.47 17.55
N ALA A 19 13.20 -25.79 17.77
CA ALA A 19 13.03 -24.43 17.26
C ALA A 19 14.05 -23.50 17.92
N VAL A 20 14.22 -23.65 19.23
CA VAL A 20 15.17 -22.84 19.97
C VAL A 20 16.60 -23.07 19.46
N ASP A 21 16.99 -24.32 19.31
CA ASP A 21 18.34 -24.65 18.83
C ASP A 21 18.56 -24.08 17.44
N THR A 22 17.52 -24.13 16.61
CA THR A 22 17.61 -23.62 15.25
C THR A 22 17.92 -22.13 15.26
N VAL A 23 17.20 -21.39 16.10
CA VAL A 23 17.41 -19.95 16.21
C VAL A 23 18.79 -19.65 16.82
N SER A 24 19.16 -20.39 17.86
CA SER A 24 20.44 -20.17 18.51
C SER A 24 21.64 -20.39 17.61
N LYS A 25 21.61 -21.47 16.82
CA LYS A 25 22.73 -21.74 15.92
C LYS A 25 22.91 -20.61 14.91
N ALA A 26 21.80 -20.07 14.45
CA ALA A 26 21.85 -18.97 13.48
C ALA A 26 22.23 -17.66 14.17
N ASN A 27 22.08 -17.61 15.49
CA ASN A 27 22.38 -16.41 16.26
C ASN A 27 21.55 -15.28 15.66
N SER A 28 20.35 -15.64 15.20
CA SER A 28 19.42 -14.71 14.57
C SER A 28 18.07 -15.41 14.46
N GLY A 29 17.00 -14.66 14.65
CA GLY A 29 15.69 -15.26 14.54
C GLY A 29 14.81 -15.01 15.74
N HIS A 30 13.60 -15.57 15.70
CA HIS A 30 12.59 -15.38 16.73
C HIS A 30 12.20 -16.66 17.48
N PRO A 31 12.61 -16.76 18.76
CA PRO A 31 12.32 -17.92 19.61
C PRO A 31 10.98 -17.84 20.34
N GLY A 32 10.52 -16.61 20.59
CA GLY A 32 9.28 -16.37 21.31
C GLY A 32 8.01 -17.10 20.91
N ALA A 33 7.49 -16.79 19.73
CA ALA A 33 6.26 -17.42 19.27
C ALA A 33 6.39 -18.92 19.08
N PRO A 34 7.55 -19.40 18.58
CA PRO A 34 7.71 -20.84 18.40
C PRO A 34 7.49 -21.57 19.73
N LEU A 35 8.08 -21.04 20.79
CA LEU A 35 7.94 -21.64 22.12
C LEU A 35 6.51 -21.56 22.61
N GLY A 36 5.86 -20.44 22.34
CA GLY A 36 4.48 -20.25 22.78
C GLY A 36 3.45 -21.06 22.02
N MET A 37 3.68 -21.26 20.73
CA MET A 37 2.72 -21.99 19.90
C MET A 37 3.01 -23.47 19.65
N ALA A 38 4.08 -23.99 20.25
CA ALA A 38 4.46 -25.40 20.05
C ALA A 38 3.32 -26.38 20.39
N PRO A 39 2.65 -26.18 21.54
CA PRO A 39 1.55 -27.09 21.93
C PRO A 39 0.48 -27.11 20.84
N ALA A 40 0.07 -25.93 20.40
CA ALA A 40 -0.95 -25.81 19.36
C ALA A 40 -0.50 -26.44 18.05
N ALA A 41 0.78 -26.29 17.73
CA ALA A 41 1.32 -26.87 16.49
C ALA A 41 1.18 -28.40 16.54
N HIS A 42 1.58 -28.99 17.67
CA HIS A 42 1.49 -30.43 17.82
C HIS A 42 0.06 -30.94 17.68
N VAL A 43 -0.85 -30.34 18.45
CA VAL A 43 -2.26 -30.74 18.40
C VAL A 43 -2.87 -30.56 17.01
N LEU A 44 -2.67 -29.39 16.43
CA LEU A 44 -3.21 -29.10 15.10
C LEU A 44 -2.67 -30.04 14.02
N TRP A 45 -1.35 -30.10 13.90
CA TRP A 45 -0.74 -30.96 12.88
C TRP A 45 -1.08 -32.43 13.10
N SER A 46 -1.19 -32.85 14.35
CA SER A 46 -1.52 -34.24 14.65
C SER A 46 -2.91 -34.64 14.15
N GLN A 47 -3.78 -33.67 13.92
CA GLN A 47 -5.12 -34.01 13.43
C GLN A 47 -5.40 -33.47 12.02
N MET A 48 -4.36 -32.98 11.36
CA MET A 48 -4.47 -32.48 9.99
C MET A 48 -4.34 -33.67 9.04
N ARG A 49 -5.11 -33.65 7.95
CA ARG A 49 -5.02 -34.73 6.98
C ARG A 49 -4.18 -34.20 5.83
N MET A 50 -2.92 -34.63 5.77
CA MET A 50 -2.03 -34.21 4.70
C MET A 50 -0.97 -35.29 4.46
N ASN A 51 -0.27 -35.19 3.34
CA ASN A 51 0.76 -36.17 2.99
C ASN A 51 2.14 -35.53 2.91
N PRO A 52 2.96 -35.71 3.96
CA PRO A 52 4.32 -35.15 3.97
C PRO A 52 5.14 -35.57 2.75
N THR A 53 4.84 -36.73 2.18
CA THR A 53 5.55 -37.22 1.00
C THR A 53 4.97 -36.69 -0.31
N ASN A 54 3.85 -35.99 -0.22
CA ASN A 54 3.21 -35.36 -1.39
C ASN A 54 2.59 -34.04 -0.95
N PRO A 55 3.43 -33.00 -0.76
CA PRO A 55 2.98 -31.67 -0.33
C PRO A 55 1.98 -31.00 -1.28
N ASP A 56 1.86 -31.54 -2.49
CA ASP A 56 0.97 -30.96 -3.49
C ASP A 56 -0.40 -31.63 -3.60
N TRP A 57 -0.65 -32.65 -2.79
CA TRP A 57 -1.95 -33.33 -2.83
C TRP A 57 -3.03 -32.26 -2.73
N ILE A 58 -3.85 -32.15 -3.77
CA ILE A 58 -4.89 -31.14 -3.84
C ILE A 58 -5.90 -31.08 -2.69
N ASN A 59 -6.26 -32.22 -2.10
CA ASN A 59 -7.24 -32.18 -1.02
C ASN A 59 -6.64 -32.20 0.38
N ARG A 60 -5.36 -31.82 0.49
CA ARG A 60 -4.68 -31.78 1.77
C ARG A 60 -5.24 -30.64 2.62
N ASP A 61 -5.26 -30.83 3.94
CA ASP A 61 -5.67 -29.74 4.82
C ASP A 61 -4.45 -28.83 4.65
N ARG A 62 -4.67 -27.52 4.71
CA ARG A 62 -3.56 -26.59 4.53
C ARG A 62 -3.29 -25.76 5.78
N PHE A 63 -2.02 -25.43 5.99
CA PHE A 63 -1.60 -24.67 7.15
C PHE A 63 -0.83 -23.42 6.72
N VAL A 64 -1.16 -22.28 7.31
CA VAL A 64 -0.49 -21.03 6.99
C VAL A 64 0.01 -20.35 8.26
N LEU A 65 1.29 -20.01 8.27
CA LEU A 65 1.88 -19.33 9.42
C LEU A 65 1.86 -17.84 9.09
N SER A 66 0.79 -17.16 9.48
CA SER A 66 0.67 -15.72 9.20
C SER A 66 1.71 -14.93 10.00
N ASN A 67 2.04 -15.41 11.20
CA ASN A 67 3.08 -14.74 11.97
C ASN A 67 4.37 -15.43 11.54
N GLY A 68 4.78 -15.12 10.30
CA GLY A 68 5.95 -15.70 9.68
C GLY A 68 7.28 -15.69 10.40
N HIS A 69 7.52 -14.70 11.26
CA HIS A 69 8.77 -14.64 12.00
C HIS A 69 8.95 -15.88 12.88
N ALA A 70 7.85 -16.57 13.15
CA ALA A 70 7.89 -17.78 13.97
C ALA A 70 8.22 -19.01 13.12
N VAL A 71 8.82 -18.79 11.95
CA VAL A 71 9.15 -19.87 11.04
C VAL A 71 9.97 -21.03 11.63
N ALA A 72 10.76 -20.77 12.66
CA ALA A 72 11.54 -21.87 13.24
C ALA A 72 10.59 -22.98 13.69
N LEU A 73 9.37 -22.60 14.06
CA LEU A 73 8.37 -23.57 14.49
C LEU A 73 7.89 -24.39 13.28
N LEU A 74 7.64 -23.69 12.17
CA LEU A 74 7.18 -24.37 10.96
C LEU A 74 8.26 -25.33 10.44
N TYR A 75 9.51 -24.89 10.40
CA TYR A 75 10.59 -25.76 9.93
C TYR A 75 10.72 -26.99 10.82
N SER A 76 10.52 -26.79 12.13
CA SER A 76 10.60 -27.90 13.07
C SER A 76 9.48 -28.91 12.79
N MET A 77 8.27 -28.42 12.58
CA MET A 77 7.13 -29.30 12.30
C MET A 77 7.32 -30.02 10.98
N LEU A 78 7.78 -29.31 9.96
CA LEU A 78 8.00 -29.92 8.66
C LEU A 78 8.98 -31.08 8.79
N HIS A 79 10.09 -30.86 9.49
CA HIS A 79 11.08 -31.92 9.67
C HIS A 79 10.55 -33.08 10.50
N LEU A 80 10.00 -32.76 11.66
CA LEU A 80 9.50 -33.78 12.57
C LEU A 80 8.38 -34.65 12.02
N THR A 81 7.53 -34.09 11.17
CA THR A 81 6.42 -34.86 10.64
C THR A 81 6.64 -35.61 9.31
N GLY A 82 7.86 -35.56 8.78
CA GLY A 82 8.13 -36.30 7.56
C GLY A 82 8.33 -35.59 6.23
N TYR A 83 8.35 -34.26 6.24
CA TYR A 83 8.56 -33.53 5.00
C TYR A 83 10.04 -33.61 4.60
N ASP A 84 10.34 -33.27 3.35
CA ASP A 84 11.71 -33.30 2.85
C ASP A 84 12.53 -32.11 3.33
N LEU A 85 12.80 -32.10 4.63
CA LEU A 85 13.59 -31.05 5.27
C LEU A 85 14.36 -31.77 6.36
N SER A 86 15.68 -31.65 6.35
CA SER A 86 16.50 -32.35 7.33
C SER A 86 16.98 -31.47 8.47
N ILE A 87 17.61 -32.11 9.46
CA ILE A 87 18.15 -31.38 10.59
C ILE A 87 19.25 -30.46 10.06
N GLU A 88 20.00 -30.93 9.06
CA GLU A 88 21.06 -30.11 8.48
C GLU A 88 20.45 -28.84 7.90
N ASP A 89 19.27 -28.97 7.30
CA ASP A 89 18.59 -27.80 6.75
C ASP A 89 18.30 -26.81 7.88
N LEU A 90 17.83 -27.33 9.02
CA LEU A 90 17.55 -26.46 10.16
C LEU A 90 18.85 -25.85 10.67
N LYS A 91 19.94 -26.59 10.56
CA LYS A 91 21.24 -26.09 11.02
C LYS A 91 21.79 -25.01 10.08
N GLN A 92 21.09 -24.76 8.98
CA GLN A 92 21.50 -23.74 8.02
C GLN A 92 20.46 -22.62 7.97
N PHE A 93 19.65 -22.55 9.03
CA PHE A 93 18.61 -21.54 9.16
C PHE A 93 19.20 -20.14 8.99
N ARG A 94 18.55 -19.34 8.15
CA ARG A 94 18.97 -17.96 7.90
C ARG A 94 20.35 -17.77 7.26
N GLN A 95 20.87 -18.82 6.64
CA GLN A 95 22.18 -18.73 6.00
C GLN A 95 22.03 -18.62 4.49
N LEU A 96 22.89 -17.81 3.87
CA LEU A 96 22.85 -17.59 2.43
C LEU A 96 22.71 -18.87 1.62
N GLY A 97 21.63 -18.94 0.84
CA GLY A 97 21.40 -20.09 0.00
C GLY A 97 20.80 -21.35 0.60
N SER A 98 20.44 -21.31 1.88
CA SER A 98 19.87 -22.49 2.52
C SER A 98 18.39 -22.62 2.15
N ARG A 99 17.82 -23.78 2.45
CA ARG A 99 16.41 -24.02 2.17
C ARG A 99 15.57 -23.51 3.33
N THR A 100 16.24 -22.93 4.33
CA THR A 100 15.56 -22.42 5.52
C THR A 100 15.79 -20.94 5.79
N PRO A 101 15.21 -20.06 4.95
CA PRO A 101 15.34 -18.60 5.07
C PRO A 101 14.65 -18.07 6.33
N GLY A 102 15.03 -16.86 6.74
CA GLY A 102 14.49 -16.23 7.94
C GLY A 102 12.97 -16.08 8.05
N HIS A 103 12.27 -16.22 6.92
CA HIS A 103 10.81 -16.16 6.90
C HIS A 103 10.39 -17.21 5.87
N PRO A 104 9.21 -17.82 6.06
CA PRO A 104 8.70 -18.85 5.15
C PRO A 104 8.53 -18.42 3.70
N GLU A 105 9.08 -19.20 2.78
CA GLU A 105 8.97 -18.91 1.36
C GLU A 105 8.16 -19.99 0.63
N PHE A 106 7.23 -19.53 -0.20
CA PHE A 106 6.34 -20.36 -1.00
C PHE A 106 7.03 -21.54 -1.70
N GLU A 107 8.24 -21.30 -2.17
CA GLU A 107 9.03 -22.30 -2.88
C GLU A 107 9.27 -23.62 -2.11
N LEU A 108 9.40 -23.55 -0.79
CA LEU A 108 9.65 -24.74 0.00
C LEU A 108 8.43 -25.65 0.10
N PRO A 109 8.61 -26.96 -0.11
CA PRO A 109 7.46 -27.89 -0.01
C PRO A 109 6.92 -27.86 1.42
N GLY A 110 5.61 -27.72 1.57
CA GLY A 110 5.05 -27.67 2.90
C GLY A 110 4.76 -26.25 3.34
N VAL A 111 5.35 -25.27 2.65
CA VAL A 111 5.10 -23.86 2.94
C VAL A 111 4.07 -23.44 1.89
N GLU A 112 2.86 -23.12 2.33
CA GLU A 112 1.78 -22.77 1.40
C GLU A 112 1.83 -21.41 0.72
N VAL A 113 2.51 -20.46 1.35
CA VAL A 113 2.67 -19.12 0.81
C VAL A 113 3.84 -18.45 1.50
N THR A 114 4.30 -17.33 0.96
CA THR A 114 5.40 -16.60 1.56
C THR A 114 4.82 -15.64 2.58
N THR A 115 5.30 -15.69 3.82
CA THR A 115 4.83 -14.77 4.84
C THR A 115 6.02 -14.03 5.43
N GLY A 116 5.77 -13.14 6.37
CA GLY A 116 6.84 -12.33 6.95
C GLY A 116 6.21 -10.97 7.05
N PRO A 117 5.58 -10.49 5.95
CA PRO A 117 4.93 -9.18 5.99
C PRO A 117 3.60 -9.50 6.70
N LEU A 118 3.43 -8.95 7.91
CA LEU A 118 2.24 -9.22 8.70
C LEU A 118 0.90 -8.96 8.02
N GLY A 119 -0.08 -9.82 8.30
CA GLY A 119 -1.41 -9.69 7.74
C GLY A 119 -1.66 -10.44 6.44
N GLN A 120 -0.58 -10.78 5.73
CA GLN A 120 -0.69 -11.48 4.44
C GLN A 120 -1.16 -12.92 4.58
N GLY A 121 -0.53 -13.66 5.49
CA GLY A 121 -0.89 -15.06 5.69
C GLY A 121 -2.36 -15.34 5.92
N ILE A 122 -2.95 -14.68 6.90
CA ILE A 122 -4.36 -14.88 7.20
C ILE A 122 -5.23 -14.53 5.98
N SER A 123 -4.83 -13.49 5.25
CA SER A 123 -5.57 -13.08 4.08
C SER A 123 -5.44 -14.12 2.97
N ASN A 124 -4.25 -14.70 2.86
CA ASN A 124 -3.99 -15.76 1.86
C ASN A 124 -4.90 -16.93 2.17
N ALA A 125 -5.00 -17.26 3.45
CA ALA A 125 -5.83 -18.39 3.89
C ALA A 125 -7.29 -18.18 3.51
N VAL A 126 -7.76 -16.95 3.58
CA VAL A 126 -9.14 -16.69 3.20
C VAL A 126 -9.32 -17.09 1.74
N GLY A 127 -8.31 -16.77 0.92
CA GLY A 127 -8.38 -17.14 -0.48
C GLY A 127 -8.34 -18.65 -0.68
N MET A 128 -7.53 -19.33 0.13
CA MET A 128 -7.44 -20.79 0.02
C MET A 128 -8.77 -21.43 0.35
N ALA A 129 -9.45 -20.91 1.38
CA ALA A 129 -10.74 -21.45 1.79
C ALA A 129 -11.79 -21.18 0.71
N MET A 130 -11.68 -20.04 0.04
CA MET A 130 -12.61 -19.70 -1.02
C MET A 130 -12.42 -20.64 -2.19
N ALA A 131 -11.17 -20.92 -2.52
CA ALA A 131 -10.84 -21.82 -3.63
C ALA A 131 -11.38 -23.23 -3.34
N GLN A 132 -11.21 -23.68 -2.09
CA GLN A 132 -11.68 -24.99 -1.68
C GLN A 132 -13.19 -25.06 -1.84
N ALA A 133 -13.89 -24.02 -1.40
CA ALA A 133 -15.35 -23.99 -1.49
C ALA A 133 -15.81 -24.09 -2.94
N ASN A 134 -15.13 -23.40 -3.83
CA ASN A 134 -15.49 -23.42 -5.25
C ASN A 134 -15.17 -24.77 -5.88
N LEU A 135 -14.00 -25.32 -5.56
CA LEU A 135 -13.61 -26.61 -6.12
C LEU A 135 -14.62 -27.68 -5.73
N ALA A 136 -15.04 -27.67 -4.46
CA ALA A 136 -16.00 -28.64 -3.96
C ALA A 136 -17.36 -28.47 -4.64
N ALA A 137 -17.80 -27.21 -4.73
CA ALA A 137 -19.10 -26.92 -5.34
C ALA A 137 -19.09 -27.21 -6.84
N THR A 138 -17.92 -27.14 -7.45
CA THR A 138 -17.81 -27.38 -8.89
C THR A 138 -17.63 -28.84 -9.27
N TYR A 139 -16.84 -29.58 -8.49
CA TYR A 139 -16.57 -30.99 -8.83
C TYR A 139 -17.15 -32.10 -7.96
N ASN A 140 -17.49 -31.81 -6.71
CA ASN A 140 -18.04 -32.86 -5.86
C ASN A 140 -19.35 -33.42 -6.43
N LYS A 141 -19.52 -34.74 -6.27
CA LYS A 141 -20.72 -35.42 -6.73
C LYS A 141 -21.13 -36.45 -5.68
N PRO A 142 -22.38 -36.93 -5.73
CA PRO A 142 -22.80 -37.93 -4.75
C PRO A 142 -21.84 -39.12 -4.78
N GLY A 143 -21.33 -39.49 -3.60
CA GLY A 143 -20.40 -40.60 -3.51
C GLY A 143 -18.99 -40.24 -3.91
N PHE A 144 -18.79 -38.98 -4.31
CA PHE A 144 -17.48 -38.51 -4.73
C PHE A 144 -17.15 -37.15 -4.12
N THR A 145 -16.66 -37.17 -2.88
CA THR A 145 -16.27 -35.94 -2.19
C THR A 145 -14.78 -35.73 -2.48
N LEU A 146 -14.50 -35.11 -3.61
CA LEU A 146 -13.12 -34.85 -4.02
C LEU A 146 -12.48 -33.72 -3.23
N SER A 147 -13.30 -32.76 -2.83
CA SER A 147 -12.80 -31.60 -2.08
C SER A 147 -13.55 -31.31 -0.79
N ASP A 148 -12.81 -31.29 0.31
CA ASP A 148 -13.40 -31.01 1.62
C ASP A 148 -12.34 -30.65 2.66
N ASN A 149 -11.18 -30.20 2.21
CA ASN A 149 -10.12 -29.87 3.15
C ASN A 149 -10.38 -28.61 3.96
N TYR A 150 -9.67 -28.52 5.08
CA TYR A 150 -9.75 -27.39 5.98
C TYR A 150 -8.56 -26.47 5.70
N THR A 151 -8.69 -25.21 6.11
CA THR A 151 -7.64 -24.22 5.93
C THR A 151 -7.33 -23.69 7.34
N TYR A 152 -6.15 -24.03 7.85
CA TYR A 152 -5.73 -23.62 9.18
C TYR A 152 -4.71 -22.50 9.13
N VAL A 153 -4.85 -21.56 10.06
CA VAL A 153 -3.93 -20.42 10.13
C VAL A 153 -3.50 -20.09 11.54
N PHE A 154 -2.22 -19.76 11.68
CA PHE A 154 -1.66 -19.32 12.96
C PHE A 154 -1.39 -17.83 12.73
N LEU A 155 -1.77 -16.98 13.68
CA LEU A 155 -1.51 -15.55 13.57
C LEU A 155 -1.36 -14.93 14.94
N GLY A 156 -0.73 -13.76 14.98
CA GLY A 156 -0.53 -13.06 16.24
C GLY A 156 -1.13 -11.67 16.25
N ASP A 157 -0.78 -10.89 17.26
CA ASP A 157 -1.31 -9.53 17.39
C ASP A 157 -0.93 -8.66 16.19
N GLY A 158 0.25 -8.90 15.65
CA GLY A 158 0.73 -8.12 14.51
C GLY A 158 -0.19 -8.23 13.31
N CYS A 159 -0.59 -9.46 12.97
CA CYS A 159 -1.47 -9.66 11.84
C CYS A 159 -2.84 -9.06 12.10
N LEU A 160 -3.30 -9.13 13.34
CA LEU A 160 -4.60 -8.58 13.72
C LEU A 160 -4.64 -7.05 13.63
N GLN A 161 -3.48 -6.41 13.72
CA GLN A 161 -3.43 -4.95 13.65
C GLN A 161 -3.33 -4.40 12.23
N GLU A 162 -2.79 -5.18 11.32
CA GLU A 162 -2.67 -4.73 9.92
C GLU A 162 -4.04 -4.69 9.27
N GLY A 163 -4.37 -3.55 8.68
CA GLY A 163 -5.66 -3.37 8.03
C GLY A 163 -6.07 -4.47 7.05
N ILE A 164 -5.09 -5.04 6.36
CA ILE A 164 -5.41 -6.08 5.39
C ILE A 164 -6.15 -7.27 6.02
N SER A 165 -5.81 -7.63 7.26
CA SER A 165 -6.49 -8.76 7.91
C SER A 165 -7.94 -8.42 8.26
N SER A 166 -8.22 -7.15 8.53
CA SER A 166 -9.59 -6.74 8.84
C SER A 166 -10.43 -6.87 7.59
N GLU A 167 -9.87 -6.41 6.46
CA GLU A 167 -10.55 -6.49 5.17
C GLU A 167 -10.87 -7.95 4.86
N ALA A 168 -9.84 -8.79 4.92
CA ALA A 168 -9.99 -10.21 4.61
C ALA A 168 -10.93 -10.93 5.56
N SER A 169 -10.87 -10.57 6.84
CA SER A 169 -11.72 -11.21 7.84
C SER A 169 -13.18 -10.78 7.71
N SER A 170 -13.39 -9.52 7.33
CA SER A 170 -14.75 -9.01 7.15
C SER A 170 -15.39 -9.78 5.99
N LEU A 171 -14.65 -9.90 4.90
CA LEU A 171 -15.13 -10.62 3.72
C LEU A 171 -15.29 -12.12 4.01
N ALA A 172 -14.38 -12.70 4.77
CA ALA A 172 -14.44 -14.11 5.10
C ALA A 172 -15.72 -14.40 5.89
N GLY A 173 -16.08 -13.47 6.78
CA GLY A 173 -17.28 -13.61 7.58
C GLY A 173 -18.51 -13.53 6.69
N HIS A 174 -18.53 -12.57 5.78
CA HIS A 174 -19.66 -12.44 4.87
C HIS A 174 -19.81 -13.73 4.04
N LEU A 175 -18.68 -14.29 3.64
CA LEU A 175 -18.67 -15.48 2.82
C LEU A 175 -18.95 -16.79 3.57
N LYS A 176 -19.12 -16.70 4.89
CA LYS A 176 -19.41 -17.85 5.73
C LYS A 176 -18.50 -19.05 5.47
N LEU A 177 -17.20 -18.80 5.41
CA LEU A 177 -16.22 -19.85 5.16
C LEU A 177 -15.97 -20.73 6.39
N GLY A 178 -16.87 -21.67 6.61
CA GLY A 178 -16.78 -22.57 7.75
C GLY A 178 -15.62 -23.54 7.80
N ASN A 179 -14.87 -23.67 6.72
CA ASN A 179 -13.73 -24.59 6.76
C ASN A 179 -12.42 -23.85 7.03
N LEU A 180 -12.55 -22.56 7.33
CA LEU A 180 -11.40 -21.74 7.65
C LEU A 180 -11.31 -21.65 9.17
N ILE A 181 -10.18 -22.07 9.72
CA ILE A 181 -9.99 -22.05 11.17
C ILE A 181 -8.67 -21.36 11.50
N ALA A 182 -8.76 -20.31 12.29
CA ALA A 182 -7.58 -19.54 12.67
C ALA A 182 -7.32 -19.61 14.17
N ILE A 183 -6.06 -19.79 14.53
CA ILE A 183 -5.67 -19.85 15.93
C ILE A 183 -4.81 -18.62 16.20
N TYR A 184 -5.33 -17.76 17.09
CA TYR A 184 -4.69 -16.52 17.47
C TYR A 184 -3.81 -16.67 18.71
N ASP A 185 -2.53 -16.38 18.53
CA ASP A 185 -1.56 -16.48 19.62
C ASP A 185 -1.72 -15.24 20.50
N ASP A 186 -2.60 -15.34 21.48
CA ASP A 186 -2.88 -14.24 22.39
C ASP A 186 -1.86 -14.20 23.53
N ASN A 187 -0.70 -13.63 23.27
CA ASN A 187 0.36 -13.56 24.27
C ASN A 187 0.65 -12.15 24.84
N LYS A 188 -0.18 -11.19 24.45
CA LYS A 188 -0.09 -9.81 24.93
C LYS A 188 1.25 -9.09 24.84
N ILE A 189 2.02 -9.43 23.81
CA ILE A 189 3.33 -8.83 23.59
C ILE A 189 3.59 -8.55 22.11
N THR A 190 4.20 -7.42 21.79
CA THR A 190 4.60 -7.12 20.43
C THR A 190 5.98 -6.50 20.59
N ILE A 191 6.60 -6.07 19.49
CA ILE A 191 7.94 -5.50 19.58
C ILE A 191 8.11 -4.33 20.54
N ASP A 192 7.14 -3.43 20.59
CA ASP A 192 7.25 -2.28 21.49
C ASP A 192 6.94 -2.57 22.96
N GLY A 193 6.53 -3.81 23.24
CA GLY A 193 6.22 -4.16 24.62
C GLY A 193 4.85 -4.76 24.77
N ALA A 194 4.17 -4.43 25.87
CA ALA A 194 2.83 -4.95 26.11
C ALA A 194 1.86 -4.45 25.05
N THR A 195 0.91 -5.29 24.66
CA THR A 195 -0.06 -4.87 23.64
C THR A 195 -0.91 -3.70 24.13
N SER A 196 -1.12 -3.62 25.44
CA SER A 196 -1.94 -2.56 26.03
C SER A 196 -1.54 -1.13 25.67
N ILE A 197 -0.30 -0.93 25.21
CA ILE A 197 0.13 0.43 24.88
C ILE A 197 -0.33 0.90 23.50
N SER A 198 -0.91 -0.01 22.71
CA SER A 198 -1.36 0.37 21.38
C SER A 198 -2.43 -0.53 20.80
N PHE A 199 -2.74 -1.62 21.50
CA PHE A 199 -3.71 -2.58 21.00
C PHE A 199 -4.50 -3.22 22.14
N ASP A 200 -5.59 -2.57 22.55
CA ASP A 200 -6.40 -3.10 23.63
C ASP A 200 -7.86 -3.28 23.24
N GLU A 201 -8.11 -3.43 21.94
CA GLU A 201 -9.47 -3.64 21.45
C GLU A 201 -9.96 -5.03 21.87
N ASP A 202 -11.27 -5.25 21.75
CA ASP A 202 -11.88 -6.54 22.09
C ASP A 202 -11.88 -7.35 20.79
N VAL A 203 -10.83 -8.13 20.58
CA VAL A 203 -10.69 -8.92 19.36
C VAL A 203 -11.87 -9.87 19.14
N ALA A 204 -12.28 -10.58 20.19
CA ALA A 204 -13.39 -11.52 20.07
C ALA A 204 -14.65 -10.82 19.57
N LYS A 205 -14.96 -9.68 20.17
CA LYS A 205 -16.15 -8.92 19.80
C LYS A 205 -16.06 -8.47 18.33
N ARG A 206 -14.87 -8.01 17.91
CA ARG A 206 -14.69 -7.59 16.52
C ARG A 206 -14.94 -8.74 15.55
N TYR A 207 -14.34 -9.90 15.81
CA TYR A 207 -14.53 -11.03 14.92
C TYR A 207 -15.97 -11.53 14.89
N GLU A 208 -16.66 -11.48 16.03
CA GLU A 208 -18.06 -11.90 16.05
C GLU A 208 -18.85 -10.93 15.17
N ALA A 209 -18.43 -9.67 15.17
CA ALA A 209 -19.08 -8.65 14.37
C ALA A 209 -18.98 -8.98 12.87
N TYR A 210 -17.89 -9.64 12.47
CA TYR A 210 -17.69 -10.02 11.07
C TYR A 210 -18.53 -11.25 10.75
N GLY A 211 -19.02 -11.92 11.79
CA GLY A 211 -19.79 -13.13 11.56
C GLY A 211 -18.95 -14.37 11.82
N TRP A 212 -17.83 -14.20 12.52
CA TRP A 212 -16.98 -15.34 12.85
C TRP A 212 -17.41 -15.91 14.18
N GLU A 213 -17.13 -17.19 14.38
CA GLU A 213 -17.40 -17.83 15.65
C GLU A 213 -16.08 -17.64 16.38
N VAL A 214 -16.12 -17.30 17.66
CA VAL A 214 -14.90 -17.11 18.42
C VAL A 214 -14.88 -18.07 19.61
N LEU A 215 -13.83 -18.90 19.68
CA LEU A 215 -13.68 -19.87 20.76
C LEU A 215 -12.46 -19.46 21.57
N TYR A 216 -12.29 -20.09 22.73
CA TYR A 216 -11.18 -19.73 23.59
C TYR A 216 -10.43 -20.90 24.22
N VAL A 217 -9.15 -20.68 24.47
CA VAL A 217 -8.29 -21.67 25.13
C VAL A 217 -7.46 -20.84 26.11
N GLU A 218 -7.89 -20.84 27.36
CA GLU A 218 -7.22 -20.07 28.40
C GLU A 218 -5.77 -20.43 28.66
N ASN A 219 -5.45 -21.71 28.64
CA ASN A 219 -4.07 -22.12 28.88
C ASN A 219 -3.45 -22.79 27.65
N GLY A 220 -3.10 -21.97 26.65
CA GLY A 220 -2.49 -22.52 25.46
C GLY A 220 -1.08 -23.02 25.72
N ASN A 221 -0.57 -22.79 26.92
CA ASN A 221 0.77 -23.24 27.27
C ASN A 221 0.83 -24.75 27.54
N GLU A 222 -0.27 -25.31 28.03
CA GLU A 222 -0.29 -26.74 28.39
C GLU A 222 -1.56 -27.52 28.05
N ASP A 223 -2.67 -26.83 27.89
CA ASP A 223 -3.95 -27.52 27.64
C ASP A 223 -4.14 -28.12 26.25
N LEU A 224 -3.48 -29.25 26.00
CA LEU A 224 -3.56 -29.93 24.72
C LEU A 224 -5.00 -30.35 24.40
N ALA A 225 -5.71 -30.90 25.38
CA ALA A 225 -7.10 -31.33 25.18
C ALA A 225 -7.98 -30.14 24.82
N GLY A 226 -7.76 -29.02 25.51
CA GLY A 226 -8.54 -27.82 25.26
C GLY A 226 -8.34 -27.31 23.85
N ILE A 227 -7.10 -27.33 23.39
CA ILE A 227 -6.78 -26.89 22.04
C ILE A 227 -7.50 -27.81 21.06
N ALA A 228 -7.38 -29.12 21.29
CA ALA A 228 -8.01 -30.11 20.44
C ALA A 228 -9.52 -29.94 20.42
N LYS A 229 -10.11 -29.65 21.58
CA LYS A 229 -11.56 -29.45 21.67
C LYS A 229 -12.02 -28.23 20.87
N ALA A 230 -11.24 -27.15 20.94
CA ALA A 230 -11.58 -25.93 20.22
C ALA A 230 -11.59 -26.18 18.72
N ILE A 231 -10.57 -26.89 18.24
CA ILE A 231 -10.46 -27.23 16.82
C ILE A 231 -11.66 -28.09 16.40
N ALA A 232 -12.01 -29.07 17.23
CA ALA A 232 -13.13 -29.95 16.93
C ALA A 232 -14.42 -29.14 16.81
N GLN A 233 -14.63 -28.24 17.76
CA GLN A 233 -15.83 -27.39 17.79
C GLN A 233 -15.86 -26.50 16.55
N ALA A 234 -14.70 -25.97 16.16
CA ALA A 234 -14.62 -25.11 14.98
C ALA A 234 -15.14 -25.82 13.73
N LYS A 235 -14.85 -27.12 13.63
CA LYS A 235 -15.30 -27.91 12.49
C LYS A 235 -16.81 -28.10 12.43
N LEU A 236 -17.47 -27.97 13.57
CA LEU A 236 -18.92 -28.15 13.62
C LEU A 236 -19.69 -26.96 13.07
N SER A 237 -19.11 -25.76 13.18
CA SER A 237 -19.74 -24.56 12.67
C SER A 237 -19.38 -24.39 11.19
N LYS A 238 -20.07 -25.13 10.34
CA LYS A 238 -19.81 -25.10 8.91
C LYS A 238 -20.24 -23.81 8.22
N ASP A 239 -21.01 -22.98 8.93
CA ASP A 239 -21.52 -21.74 8.37
C ASP A 239 -20.77 -20.48 8.81
N LYS A 240 -19.69 -20.65 9.56
CA LYS A 240 -18.93 -19.51 10.04
C LYS A 240 -17.44 -19.81 10.18
N PRO A 241 -16.59 -18.89 9.72
CA PRO A 241 -15.16 -19.17 9.89
C PRO A 241 -14.95 -19.07 11.40
N THR A 242 -13.95 -19.74 11.93
CA THR A 242 -13.72 -19.71 13.38
C THR A 242 -12.36 -19.20 13.80
N LEU A 243 -12.35 -18.39 14.86
CA LEU A 243 -11.13 -17.84 15.42
C LEU A 243 -11.01 -18.40 16.83
N ILE A 244 -9.87 -18.97 17.15
CA ILE A 244 -9.62 -19.52 18.47
C ILE A 244 -8.62 -18.62 19.17
N LYS A 245 -9.10 -17.90 20.17
CA LYS A 245 -8.26 -17.00 20.95
C LYS A 245 -7.53 -17.85 21.98
N MET A 246 -6.30 -18.22 21.67
CA MET A 246 -5.49 -19.06 22.55
C MET A 246 -4.44 -18.24 23.30
N THR A 247 -4.63 -18.10 24.60
CA THR A 247 -3.69 -17.32 25.42
C THR A 247 -2.44 -18.14 25.71
N THR A 248 -1.28 -17.54 25.45
CA THR A 248 -0.01 -18.23 25.71
C THR A 248 0.98 -17.25 26.28
N THR A 249 2.10 -17.78 26.74
CA THR A 249 3.16 -16.97 27.30
C THR A 249 4.27 -17.01 26.26
N ILE A 250 4.57 -15.86 25.67
CA ILE A 250 5.61 -15.80 24.66
C ILE A 250 6.92 -16.32 25.26
N GLY A 251 7.62 -17.18 24.52
CA GLY A 251 8.87 -17.74 25.00
C GLY A 251 8.72 -18.67 26.18
N TYR A 252 7.57 -19.33 26.30
CA TYR A 252 7.31 -20.27 27.39
C TYR A 252 8.51 -21.19 27.61
N GLY A 253 9.00 -21.24 28.85
CA GLY A 253 10.13 -22.09 29.14
C GLY A 253 11.40 -21.28 29.38
N SER A 254 11.52 -20.16 28.67
CA SER A 254 12.67 -19.29 28.81
C SER A 254 12.62 -18.54 30.15
N LEU A 255 13.79 -18.13 30.63
CA LEU A 255 13.88 -17.38 31.88
C LEU A 255 13.17 -16.04 31.68
N HIS A 256 13.09 -15.59 30.44
CA HIS A 256 12.44 -14.32 30.14
C HIS A 256 11.11 -14.46 29.42
N ALA A 257 10.43 -15.58 29.64
CA ALA A 257 9.12 -15.80 29.01
C ALA A 257 8.18 -14.69 29.43
N GLY A 258 7.34 -14.24 28.50
CA GLY A 258 6.40 -13.18 28.81
C GLY A 258 6.95 -11.78 28.55
N SER A 259 8.23 -11.71 28.20
CA SER A 259 8.87 -10.43 27.92
C SER A 259 9.03 -10.19 26.42
N HIS A 260 9.02 -8.92 26.02
CA HIS A 260 9.18 -8.58 24.61
C HIS A 260 10.61 -8.91 24.15
N SER A 261 11.50 -9.12 25.11
CA SER A 261 12.89 -9.43 24.77
C SER A 261 13.06 -10.78 24.09
N VAL A 262 12.10 -11.68 24.27
CA VAL A 262 12.18 -13.00 23.65
C VAL A 262 11.46 -13.06 22.31
N HIS A 263 10.97 -11.92 21.84
CA HIS A 263 10.27 -11.88 20.55
C HIS A 263 11.17 -12.20 19.37
N GLY A 264 12.28 -11.47 19.24
CA GLY A 264 13.15 -11.69 18.10
C GLY A 264 14.65 -11.66 18.27
N ALA A 265 15.15 -12.38 19.25
CA ALA A 265 16.57 -12.48 19.50
C ALA A 265 16.79 -13.87 20.06
N PRO A 266 17.85 -14.56 19.64
CA PRO A 266 18.08 -15.90 20.17
C PRO A 266 18.26 -15.91 21.69
N LEU A 267 17.80 -16.97 22.33
CA LEU A 267 17.94 -17.08 23.78
C LEU A 267 19.41 -17.27 24.09
N LYS A 268 19.87 -16.76 25.23
CA LYS A 268 21.26 -16.90 25.62
C LYS A 268 21.56 -18.37 25.89
N ALA A 269 22.83 -18.75 25.75
CA ALA A 269 23.27 -20.13 25.95
C ALA A 269 22.76 -20.75 27.26
N ASP A 270 22.98 -20.07 28.38
CA ASP A 270 22.54 -20.60 29.66
C ASP A 270 21.03 -20.69 29.78
N ASP A 271 20.31 -19.84 29.05
CA ASP A 271 18.86 -19.86 29.09
C ASP A 271 18.42 -21.14 28.39
N VAL A 272 19.07 -21.44 27.28
CA VAL A 272 18.77 -22.64 26.51
C VAL A 272 19.05 -23.89 27.33
N LYS A 273 20.14 -23.86 28.09
CA LYS A 273 20.50 -25.00 28.93
C LYS A 273 19.42 -25.30 29.98
N GLN A 274 19.02 -24.28 30.73
CA GLN A 274 18.00 -24.50 31.75
C GLN A 274 16.66 -24.90 31.14
N LEU A 275 16.42 -24.43 29.91
CA LEU A 275 15.18 -24.76 29.22
C LEU A 275 15.16 -26.26 28.95
N LYS A 276 16.27 -26.77 28.43
CA LYS A 276 16.39 -28.19 28.13
C LYS A 276 16.27 -29.05 29.40
N SER A 277 17.03 -28.70 30.43
CA SER A 277 16.98 -29.45 31.68
C SER A 277 15.55 -29.47 32.20
N LYS A 278 14.90 -28.31 32.15
CA LYS A 278 13.53 -28.17 32.60
C LYS A 278 12.61 -29.18 31.91
N PHE A 279 12.82 -29.39 30.62
CA PHE A 279 11.99 -30.32 29.84
C PHE A 279 12.53 -31.75 29.84
N GLY A 280 13.56 -32.01 30.66
CA GLY A 280 14.12 -33.34 30.74
C GLY A 280 15.09 -33.71 29.62
N PHE A 281 15.64 -32.69 28.97
CA PHE A 281 16.59 -32.91 27.88
C PHE A 281 18.00 -32.61 28.37
N ASN A 282 18.99 -33.14 27.65
CA ASN A 282 20.39 -32.91 28.01
C ASN A 282 20.77 -31.48 27.61
N PRO A 283 21.14 -30.66 28.60
CA PRO A 283 21.52 -29.27 28.32
C PRO A 283 22.76 -29.11 27.44
N ASP A 284 23.50 -30.20 27.25
CA ASP A 284 24.72 -30.12 26.44
C ASP A 284 24.59 -30.71 25.04
N LYS A 285 23.35 -31.04 24.63
CA LYS A 285 23.12 -31.58 23.30
C LYS A 285 22.14 -30.68 22.56
N SER A 286 22.26 -30.63 21.23
CA SER A 286 21.37 -29.80 20.42
C SER A 286 20.81 -30.56 19.22
N PHE A 287 19.70 -30.08 18.70
CA PHE A 287 19.05 -30.69 17.55
C PHE A 287 18.79 -32.16 17.81
N VAL A 288 18.18 -32.44 18.97
CA VAL A 288 17.87 -33.80 19.38
C VAL A 288 16.42 -34.19 19.11
N VAL A 289 16.23 -35.29 18.40
CA VAL A 289 14.88 -35.77 18.13
C VAL A 289 14.79 -37.21 18.63
N PRO A 290 14.12 -37.42 19.77
CA PRO A 290 13.98 -38.77 20.32
C PRO A 290 13.33 -39.69 19.27
N GLN A 291 13.82 -40.91 19.17
CA GLN A 291 13.27 -41.84 18.18
C GLN A 291 11.76 -42.00 18.37
N GLU A 292 11.30 -42.00 19.62
CA GLU A 292 9.88 -42.16 19.92
C GLU A 292 9.04 -41.09 19.25
N VAL A 293 9.63 -39.92 19.02
CA VAL A 293 8.92 -38.82 18.40
C VAL A 293 8.73 -39.08 16.91
N TYR A 294 9.79 -39.51 16.23
CA TYR A 294 9.68 -39.83 14.81
C TYR A 294 8.68 -40.96 14.66
N ASP A 295 8.79 -41.98 15.51
CA ASP A 295 7.86 -43.11 15.44
C ASP A 295 6.43 -42.64 15.63
N HIS A 296 6.21 -41.76 16.60
CA HIS A 296 4.88 -41.24 16.87
C HIS A 296 4.27 -40.53 15.67
N TYR A 297 5.03 -39.63 15.06
CA TYR A 297 4.52 -38.91 13.90
C TYR A 297 4.36 -39.81 12.68
N GLN A 298 5.23 -40.81 12.58
CA GLN A 298 5.15 -41.76 11.47
C GLN A 298 3.77 -42.42 11.55
N LYS A 299 3.39 -42.82 12.76
CA LYS A 299 2.13 -43.51 13.01
C LYS A 299 0.88 -42.63 13.00
N THR A 300 0.98 -41.41 13.54
CA THR A 300 -0.17 -40.52 13.63
C THR A 300 -0.38 -39.53 12.50
N ILE A 301 0.67 -39.21 11.76
CA ILE A 301 0.55 -38.25 10.67
C ILE A 301 0.94 -38.75 9.28
N LEU A 302 2.19 -39.21 9.14
CA LEU A 302 2.72 -39.67 7.87
C LEU A 302 2.01 -40.85 7.23
N LYS A 303 2.00 -42.01 7.88
CA LYS A 303 1.34 -43.17 7.30
C LYS A 303 -0.14 -42.90 7.05
N PRO A 304 -0.84 -42.28 8.02
CA PRO A 304 -2.27 -42.03 7.79
C PRO A 304 -2.47 -41.04 6.63
N GLY A 305 -1.53 -40.10 6.49
CA GLY A 305 -1.62 -39.12 5.42
C GLY A 305 -1.40 -39.77 4.06
N VAL A 306 -0.41 -40.65 3.99
CA VAL A 306 -0.10 -41.36 2.76
C VAL A 306 -1.31 -42.19 2.33
N GLU A 307 -1.97 -42.83 3.30
CA GLU A 307 -3.14 -43.67 3.02
C GLU A 307 -4.34 -42.83 2.60
N ALA A 308 -4.49 -41.65 3.20
CA ALA A 308 -5.60 -40.78 2.84
C ALA A 308 -5.41 -40.33 1.38
N ASN A 309 -4.18 -40.00 1.02
CA ASN A 309 -3.86 -39.55 -0.33
C ASN A 309 -4.12 -40.71 -1.28
N ASN A 310 -3.79 -41.92 -0.82
CA ASN A 310 -3.96 -43.13 -1.63
C ASN A 310 -5.45 -43.33 -1.91
N LYS A 311 -6.27 -43.26 -0.87
CA LYS A 311 -7.71 -43.43 -1.01
C LYS A 311 -8.28 -42.37 -1.95
N TRP A 312 -7.77 -41.15 -1.85
CA TRP A 312 -8.24 -40.06 -2.69
C TRP A 312 -7.92 -40.33 -4.15
N ASN A 313 -6.70 -40.81 -4.42
CA ASN A 313 -6.32 -41.12 -5.80
C ASN A 313 -7.24 -42.18 -6.37
N LYS A 314 -7.62 -43.14 -5.53
CA LYS A 314 -8.51 -44.20 -5.96
C LYS A 314 -9.88 -43.61 -6.29
N LEU A 315 -10.34 -42.74 -5.40
CA LEU A 315 -11.64 -42.09 -5.59
C LEU A 315 -11.66 -41.24 -6.85
N PHE A 316 -10.59 -40.52 -7.12
CA PHE A 316 -10.52 -39.67 -8.32
C PHE A 316 -10.44 -40.53 -9.58
N SER A 317 -9.73 -41.64 -9.52
CA SER A 317 -9.61 -42.52 -10.67
C SER A 317 -11.00 -42.98 -11.10
N GLU A 318 -11.80 -43.37 -10.12
CA GLU A 318 -13.15 -43.83 -10.37
C GLU A 318 -14.03 -42.69 -10.86
N TYR A 319 -13.78 -41.49 -10.32
CA TYR A 319 -14.55 -40.31 -10.70
C TYR A 319 -14.36 -40.01 -12.18
N GLN A 320 -13.15 -40.15 -12.69
CA GLN A 320 -12.88 -39.88 -14.10
C GLN A 320 -13.57 -40.88 -15.01
N LYS A 321 -13.86 -42.07 -14.49
CA LYS A 321 -14.55 -43.09 -15.27
C LYS A 321 -16.03 -42.77 -15.23
N LYS A 322 -16.49 -42.32 -14.07
CA LYS A 322 -17.88 -41.97 -13.86
C LYS A 322 -18.28 -40.67 -14.55
N PHE A 323 -17.39 -39.68 -14.48
CA PHE A 323 -17.63 -38.38 -15.10
C PHE A 323 -16.44 -38.04 -15.99
N PRO A 324 -16.42 -38.61 -17.21
CA PRO A 324 -15.36 -38.39 -18.20
C PRO A 324 -15.00 -36.94 -18.44
N GLU A 325 -16.01 -36.11 -18.68
CA GLU A 325 -15.82 -34.69 -18.96
C GLU A 325 -15.27 -33.92 -17.76
N LEU A 326 -16.01 -33.94 -16.65
CA LEU A 326 -15.56 -33.23 -15.44
C LEU A 326 -14.25 -33.81 -14.94
N GLY A 327 -14.11 -35.12 -15.09
CA GLY A 327 -12.89 -35.78 -14.65
C GLY A 327 -11.68 -35.34 -15.45
N ALA A 328 -11.85 -35.25 -16.77
CA ALA A 328 -10.75 -34.84 -17.64
C ALA A 328 -10.43 -33.37 -17.36
N GLU A 329 -11.48 -32.59 -17.09
CA GLU A 329 -11.33 -31.17 -16.80
C GLU A 329 -10.46 -30.98 -15.56
N LEU A 330 -10.82 -31.63 -14.46
CA LEU A 330 -10.06 -31.53 -13.24
C LEU A 330 -8.65 -32.10 -13.42
N ALA A 331 -8.54 -33.22 -14.13
CA ALA A 331 -7.24 -33.83 -14.36
C ALA A 331 -6.34 -32.82 -15.08
N ARG A 332 -6.90 -32.14 -16.08
CA ARG A 332 -6.14 -31.13 -16.82
C ARG A 332 -5.66 -30.03 -15.87
N ARG A 333 -6.59 -29.52 -15.08
CA ARG A 333 -6.29 -28.45 -14.11
C ARG A 333 -5.19 -28.88 -13.14
N LEU A 334 -5.27 -30.10 -12.65
CA LEU A 334 -4.28 -30.61 -11.71
C LEU A 334 -2.91 -30.74 -12.38
N SER A 335 -2.89 -30.87 -13.70
CA SER A 335 -1.62 -30.99 -14.42
C SER A 335 -1.02 -29.60 -14.61
N GLY A 336 -1.79 -28.57 -14.25
CA GLY A 336 -1.33 -27.19 -14.37
C GLY A 336 -1.26 -26.66 -15.79
N GLN A 337 -2.11 -27.19 -16.66
CA GLN A 337 -2.12 -26.76 -18.06
C GLN A 337 -3.48 -26.22 -18.50
N LEU A 338 -3.46 -25.18 -19.32
CA LEU A 338 -4.69 -24.60 -19.84
C LEU A 338 -5.15 -25.51 -20.98
N PRO A 339 -6.39 -25.32 -21.46
CA PRO A 339 -6.87 -26.16 -22.56
C PRO A 339 -6.02 -25.98 -23.82
N ALA A 340 -5.82 -27.07 -24.55
CA ALA A 340 -5.04 -27.01 -25.78
C ALA A 340 -5.66 -26.02 -26.77
N ASN A 341 -4.85 -25.11 -27.28
CA ASN A 341 -5.30 -24.10 -28.24
C ASN A 341 -6.40 -23.18 -27.69
N TRP A 342 -6.42 -23.00 -26.37
CA TRP A 342 -7.42 -22.13 -25.76
C TRP A 342 -7.34 -20.70 -26.32
N GLU A 343 -6.13 -20.29 -26.67
CA GLU A 343 -5.91 -18.94 -27.19
C GLU A 343 -6.68 -18.66 -28.47
N SER A 344 -7.16 -19.72 -29.12
CA SER A 344 -7.92 -19.56 -30.35
C SER A 344 -9.20 -18.77 -30.13
N LYS A 345 -9.62 -18.67 -28.87
CA LYS A 345 -10.85 -17.94 -28.54
C LYS A 345 -10.62 -16.46 -28.24
N LEU A 346 -9.36 -16.05 -28.23
CA LEU A 346 -9.02 -14.66 -27.96
C LEU A 346 -9.41 -13.80 -29.15
N PRO A 347 -10.08 -12.66 -28.91
CA PRO A 347 -10.52 -11.76 -29.97
C PRO A 347 -9.35 -11.20 -30.78
N THR A 348 -9.54 -11.02 -32.08
CA THR A 348 -8.52 -10.46 -32.96
C THR A 348 -9.13 -9.30 -33.72
N TYR A 349 -8.31 -8.32 -34.09
CA TYR A 349 -8.81 -7.16 -34.81
C TYR A 349 -7.90 -6.72 -35.94
N THR A 350 -8.42 -5.80 -36.77
CA THR A 350 -7.68 -5.25 -37.89
C THR A 350 -7.94 -3.74 -37.88
N ALA A 351 -7.15 -3.01 -38.66
CA ALA A 351 -7.30 -1.55 -38.73
C ALA A 351 -8.69 -1.13 -39.20
N LYS A 352 -9.45 -2.08 -39.76
CA LYS A 352 -10.79 -1.77 -40.24
C LYS A 352 -11.84 -1.74 -39.13
N ASP A 353 -11.54 -2.40 -38.03
CA ASP A 353 -12.48 -2.45 -36.91
C ASP A 353 -12.57 -1.07 -36.24
N SER A 354 -13.70 -0.82 -35.58
CA SER A 354 -13.93 0.45 -34.90
C SER A 354 -13.03 0.64 -33.69
N ALA A 355 -12.99 1.89 -33.20
CA ALA A 355 -12.17 2.22 -32.04
C ALA A 355 -12.89 1.76 -30.77
N VAL A 356 -12.12 1.26 -29.81
CA VAL A 356 -12.68 0.77 -28.56
C VAL A 356 -11.75 1.09 -27.41
N ALA A 357 -12.29 1.32 -26.22
CA ALA A 357 -11.47 1.59 -25.05
C ALA A 357 -10.89 0.24 -24.65
N THR A 358 -9.64 0.21 -24.19
CA THR A 358 -9.05 -1.08 -23.82
C THR A 358 -9.78 -1.69 -22.64
N ARG A 359 -10.54 -0.86 -21.92
CA ARG A 359 -11.33 -1.33 -20.78
C ARG A 359 -12.44 -2.24 -21.31
N LYS A 360 -13.03 -1.81 -22.43
CA LYS A 360 -14.11 -2.55 -23.07
C LYS A 360 -13.56 -3.79 -23.77
N LEU A 361 -12.39 -3.65 -24.39
CA LEU A 361 -11.75 -4.76 -25.08
C LEU A 361 -11.47 -5.86 -24.08
N SER A 362 -11.06 -5.46 -22.88
CA SER A 362 -10.75 -6.40 -21.81
C SER A 362 -12.01 -7.18 -21.46
N GLU A 363 -13.12 -6.47 -21.34
CA GLU A 363 -14.40 -7.09 -21.01
C GLU A 363 -14.75 -8.15 -22.05
N THR A 364 -14.49 -7.83 -23.32
CA THR A 364 -14.78 -8.75 -24.42
C THR A 364 -13.93 -10.01 -24.35
N VAL A 365 -12.65 -9.87 -23.95
CA VAL A 365 -11.77 -11.03 -23.83
C VAL A 365 -12.31 -11.95 -22.75
N LEU A 366 -12.67 -11.37 -21.61
CA LEU A 366 -13.21 -12.14 -20.49
C LEU A 366 -14.48 -12.88 -20.92
N GLU A 367 -15.32 -12.20 -21.67
CA GLU A 367 -16.56 -12.79 -22.15
C GLU A 367 -16.28 -13.95 -23.11
N ASP A 368 -15.23 -13.82 -23.90
CA ASP A 368 -14.86 -14.84 -24.88
C ASP A 368 -14.05 -16.01 -24.35
N VAL A 369 -13.56 -15.92 -23.12
CA VAL A 369 -12.74 -17.03 -22.59
C VAL A 369 -13.20 -17.65 -21.27
N TYR A 370 -14.13 -17.02 -20.57
CA TYR A 370 -14.57 -17.56 -19.29
C TYR A 370 -15.12 -18.97 -19.37
N ASN A 371 -15.82 -19.28 -20.45
CA ASN A 371 -16.40 -20.62 -20.60
C ASN A 371 -15.31 -21.64 -20.94
N GLN A 372 -14.31 -21.18 -21.69
CA GLN A 372 -13.19 -22.01 -22.10
C GLN A 372 -12.26 -22.31 -20.92
N LEU A 373 -12.23 -21.39 -19.95
CA LEU A 373 -11.36 -21.53 -18.79
C LEU A 373 -12.12 -21.64 -17.48
N PRO A 374 -12.57 -22.86 -17.13
CA PRO A 374 -13.32 -23.04 -15.88
C PRO A 374 -12.57 -22.63 -14.62
N GLU A 375 -11.24 -22.59 -14.70
CA GLU A 375 -10.41 -22.21 -13.55
C GLU A 375 -10.32 -20.69 -13.38
N LEU A 376 -10.89 -19.95 -14.32
CA LEU A 376 -10.86 -18.49 -14.28
C LEU A 376 -11.85 -17.97 -13.24
N ILE A 377 -11.35 -17.24 -12.24
CA ILE A 377 -12.20 -16.68 -11.20
C ILE A 377 -11.96 -15.18 -11.14
N GLY A 378 -12.96 -14.40 -11.50
CA GLY A 378 -12.82 -12.95 -11.50
C GLY A 378 -13.45 -12.24 -10.33
N GLY A 379 -13.35 -10.92 -10.34
CA GLY A 379 -13.92 -10.12 -9.27
C GLY A 379 -13.46 -8.69 -9.38
N SER A 380 -13.99 -7.83 -8.53
CA SER A 380 -13.63 -6.42 -8.52
C SER A 380 -13.80 -5.88 -7.10
N ALA A 381 -13.02 -4.86 -6.78
CA ALA A 381 -13.10 -4.24 -5.48
C ALA A 381 -14.14 -3.13 -5.56
N ASP A 382 -15.41 -3.52 -5.62
CA ASP A 382 -16.55 -2.60 -5.71
C ASP A 382 -16.53 -1.66 -6.93
N LEU A 383 -15.96 -2.13 -8.03
CA LEU A 383 -15.91 -1.33 -9.26
C LEU A 383 -16.29 -2.16 -10.48
N THR A 384 -17.19 -3.12 -10.29
CA THR A 384 -17.61 -3.98 -11.38
C THR A 384 -18.11 -3.22 -12.62
N PRO A 385 -19.03 -2.26 -12.45
CA PRO A 385 -19.51 -1.51 -13.62
C PRO A 385 -18.47 -0.57 -14.23
N SER A 386 -17.38 -0.31 -13.52
CA SER A 386 -16.33 0.58 -14.01
C SER A 386 -15.17 -0.19 -14.63
N ASN A 387 -14.82 -1.32 -14.03
CA ASN A 387 -13.74 -2.15 -14.53
C ASN A 387 -14.19 -3.05 -15.68
N LEU A 388 -15.49 -3.35 -15.72
CA LEU A 388 -16.08 -4.21 -16.74
C LEU A 388 -15.45 -5.60 -16.67
N THR A 389 -15.35 -6.11 -15.45
CA THR A 389 -14.75 -7.41 -15.19
C THR A 389 -15.70 -8.61 -15.05
N ARG A 390 -17.01 -8.35 -15.07
CA ARG A 390 -17.98 -9.43 -14.91
C ARG A 390 -18.65 -9.79 -16.22
N TRP A 391 -18.52 -11.05 -16.64
CA TRP A 391 -19.14 -11.49 -17.88
C TRP A 391 -20.66 -11.57 -17.71
N LYS A 392 -21.38 -11.40 -18.80
CA LYS A 392 -22.84 -11.38 -18.80
C LYS A 392 -23.62 -12.38 -17.95
N GLU A 393 -23.43 -13.68 -18.17
CA GLU A 393 -24.19 -14.64 -17.37
C GLU A 393 -23.44 -15.26 -16.20
N ALA A 394 -22.53 -14.49 -15.63
CA ALA A 394 -21.75 -14.95 -14.49
C ALA A 394 -22.62 -15.16 -13.27
N LEU A 395 -22.16 -16.04 -12.38
CA LEU A 395 -22.85 -16.32 -11.14
C LEU A 395 -21.83 -15.90 -10.08
N ASP A 396 -22.24 -15.03 -9.17
CA ASP A 396 -21.34 -14.56 -8.14
C ASP A 396 -20.98 -15.63 -7.12
N PHE A 397 -19.73 -15.59 -6.64
CA PHE A 397 -19.28 -16.52 -5.63
C PHE A 397 -19.87 -15.96 -4.33
N GLN A 398 -20.76 -16.73 -3.70
CA GLN A 398 -21.43 -16.31 -2.48
C GLN A 398 -21.89 -17.53 -1.69
N PRO A 399 -22.22 -17.35 -0.40
CA PRO A 399 -22.70 -18.47 0.41
C PRO A 399 -24.08 -18.81 -0.15
N PRO A 400 -24.46 -20.09 -0.14
CA PRO A 400 -25.77 -20.49 -0.68
C PRO A 400 -26.96 -19.72 -0.09
N SER A 401 -26.86 -19.36 1.18
CA SER A 401 -27.93 -18.64 1.86
C SER A 401 -28.09 -17.18 1.45
N SER A 402 -27.13 -16.67 0.68
CA SER A 402 -27.16 -15.27 0.24
C SER A 402 -28.33 -14.94 -0.67
N GLY A 403 -28.51 -15.76 -1.70
CA GLY A 403 -29.57 -15.51 -2.65
C GLY A 403 -29.03 -14.72 -3.83
N SER A 404 -27.72 -14.47 -3.79
CA SER A 404 -27.03 -13.72 -4.83
C SER A 404 -26.10 -14.64 -5.60
N GLY A 405 -26.05 -15.90 -5.19
CA GLY A 405 -25.19 -16.88 -5.84
C GLY A 405 -24.87 -18.03 -4.90
N ASN A 406 -23.84 -18.80 -5.25
CA ASN A 406 -23.43 -19.93 -4.43
C ASN A 406 -21.93 -20.16 -4.62
N TYR A 407 -21.37 -21.14 -3.91
CA TYR A 407 -19.94 -21.40 -4.01
C TYR A 407 -19.42 -21.86 -5.36
N SER A 408 -20.31 -22.21 -6.27
CA SER A 408 -19.88 -22.64 -7.59
C SER A 408 -19.72 -21.38 -8.44
N GLY A 409 -20.14 -20.24 -7.90
CA GLY A 409 -20.03 -18.98 -8.60
C GLY A 409 -18.57 -18.66 -8.89
N ARG A 410 -18.32 -17.90 -9.94
CA ARG A 410 -16.95 -17.57 -10.33
C ARG A 410 -16.62 -16.08 -10.32
N TYR A 411 -17.50 -15.26 -9.75
CA TYR A 411 -17.23 -13.82 -9.68
C TYR A 411 -17.31 -13.35 -8.24
N ILE A 412 -16.22 -12.77 -7.76
CA ILE A 412 -16.14 -12.30 -6.38
C ILE A 412 -16.38 -10.81 -6.17
N ARG A 413 -17.26 -10.50 -5.23
CA ARG A 413 -17.57 -9.12 -4.87
C ARG A 413 -16.65 -8.83 -3.69
N TYR A 414 -15.46 -8.35 -3.98
CA TYR A 414 -14.46 -8.07 -2.94
C TYR A 414 -14.78 -6.87 -2.05
N GLY A 415 -15.62 -5.96 -2.51
CA GLY A 415 -15.91 -4.78 -1.71
C GLY A 415 -14.75 -3.83 -1.87
N ILE A 416 -14.73 -2.76 -1.10
CA ILE A 416 -13.65 -1.78 -1.19
C ILE A 416 -12.47 -2.27 -0.33
N ARG A 417 -11.83 -3.33 -0.82
CA ARG A 417 -10.72 -3.97 -0.13
C ARG A 417 -9.64 -4.42 -1.12
N GLU A 418 -8.91 -3.48 -1.70
CA GLU A 418 -7.87 -3.84 -2.66
C GLU A 418 -6.76 -4.71 -2.08
N HIS A 419 -6.24 -4.31 -0.93
CA HIS A 419 -5.16 -5.08 -0.33
C HIS A 419 -5.56 -6.52 -0.05
N ALA A 420 -6.70 -6.74 0.58
CA ALA A 420 -7.15 -8.10 0.85
C ALA A 420 -7.39 -8.84 -0.47
N MET A 421 -7.95 -8.14 -1.46
CA MET A 421 -8.19 -8.77 -2.76
C MET A 421 -6.87 -9.30 -3.31
N GLY A 422 -5.81 -8.50 -3.16
CA GLY A 422 -4.51 -8.92 -3.65
C GLY A 422 -4.01 -10.19 -2.97
N ALA A 423 -4.10 -10.24 -1.65
CA ALA A 423 -3.65 -11.40 -0.88
C ALA A 423 -4.59 -12.60 -1.06
N ILE A 424 -5.87 -12.32 -1.27
CA ILE A 424 -6.84 -13.39 -1.46
C ILE A 424 -6.56 -14.05 -2.81
N MET A 425 -6.26 -13.24 -3.82
CA MET A 425 -5.96 -13.81 -5.13
C MET A 425 -4.71 -14.68 -5.01
N ASN A 426 -3.74 -14.25 -4.21
CA ASN A 426 -2.53 -15.05 -4.03
C ASN A 426 -2.89 -16.39 -3.43
N GLY A 427 -3.81 -16.38 -2.47
CA GLY A 427 -4.22 -17.60 -1.81
C GLY A 427 -4.98 -18.53 -2.74
N ILE A 428 -5.81 -17.95 -3.60
CA ILE A 428 -6.58 -18.74 -4.55
C ILE A 428 -5.61 -19.39 -5.52
N SER A 429 -4.64 -18.61 -6.00
CA SER A 429 -3.63 -19.11 -6.93
C SER A 429 -2.81 -20.21 -6.26
N ALA A 430 -2.42 -19.98 -5.01
CA ALA A 430 -1.62 -20.93 -4.26
C ALA A 430 -2.34 -22.26 -3.99
N PHE A 431 -3.66 -22.22 -3.94
CA PHE A 431 -4.45 -23.43 -3.67
C PHE A 431 -4.09 -24.51 -4.69
N GLY A 432 -4.00 -24.11 -5.95
CA GLY A 432 -3.68 -25.07 -6.99
C GLY A 432 -4.83 -25.29 -7.95
N ALA A 433 -4.90 -26.48 -8.54
CA ALA A 433 -5.95 -26.80 -9.49
C ALA A 433 -6.01 -25.76 -10.59
N ASN A 434 -4.86 -25.20 -10.93
CA ASN A 434 -4.73 -24.20 -11.98
C ASN A 434 -5.64 -22.98 -11.84
N TYR A 435 -6.08 -22.66 -10.62
CA TYR A 435 -6.94 -21.51 -10.44
C TYR A 435 -6.29 -20.26 -11.02
N LYS A 436 -7.09 -19.47 -11.74
CA LYS A 436 -6.62 -18.25 -12.37
C LYS A 436 -7.45 -17.06 -11.90
N PRO A 437 -7.12 -16.52 -10.71
CA PRO A 437 -7.89 -15.39 -10.22
C PRO A 437 -7.44 -14.06 -10.84
N TYR A 438 -8.40 -13.18 -11.08
CA TYR A 438 -8.09 -11.84 -11.59
C TYR A 438 -8.98 -10.90 -10.78
N GLY A 439 -8.49 -9.69 -10.55
CA GLY A 439 -9.26 -8.74 -9.77
C GLY A 439 -9.17 -7.35 -10.36
N GLY A 440 -10.30 -6.67 -10.40
CA GLY A 440 -10.30 -5.33 -10.96
C GLY A 440 -10.42 -4.20 -9.94
N THR A 441 -9.84 -3.06 -10.31
CA THR A 441 -9.87 -1.83 -9.52
C THR A 441 -9.20 -0.78 -10.39
N PHE A 442 -9.22 0.47 -9.95
CA PHE A 442 -8.56 1.54 -10.70
C PHE A 442 -7.05 1.37 -10.51
N LEU A 443 -6.29 1.61 -11.55
CA LEU A 443 -4.84 1.46 -11.47
C LEU A 443 -4.25 2.21 -10.28
N ASN A 444 -4.74 3.42 -10.04
CA ASN A 444 -4.22 4.22 -8.94
C ASN A 444 -4.40 3.59 -7.57
N PHE A 445 -5.38 2.71 -7.42
CA PHE A 445 -5.61 2.10 -6.13
C PHE A 445 -5.02 0.70 -5.99
N VAL A 446 -4.35 0.23 -7.04
CA VAL A 446 -3.68 -1.05 -6.97
C VAL A 446 -2.59 -0.79 -5.92
N SER A 447 -2.17 0.47 -5.83
CA SER A 447 -1.13 0.89 -4.88
C SER A 447 -1.51 0.60 -3.43
N TYR A 448 -2.81 0.56 -3.15
CA TYR A 448 -3.31 0.26 -1.81
C TYR A 448 -2.96 -1.17 -1.43
N ALA A 449 -2.69 -2.00 -2.44
CA ALA A 449 -2.38 -3.40 -2.21
C ALA A 449 -0.92 -3.76 -2.46
N ALA A 450 -0.04 -2.77 -2.48
CA ALA A 450 1.37 -3.02 -2.74
C ALA A 450 1.96 -4.16 -1.89
N GLY A 451 1.57 -4.23 -0.62
CA GLY A 451 2.09 -5.28 0.26
C GLY A 451 1.91 -6.66 -0.32
N ALA A 452 0.69 -6.93 -0.81
CA ALA A 452 0.35 -8.22 -1.38
C ALA A 452 0.93 -8.41 -2.78
N VAL A 453 0.88 -7.38 -3.61
CA VAL A 453 1.41 -7.47 -4.96
C VAL A 453 2.90 -7.84 -4.93
N ARG A 454 3.61 -7.31 -3.94
CA ARG A 454 5.03 -7.62 -3.81
C ARG A 454 5.26 -9.11 -3.59
N LEU A 455 4.40 -9.73 -2.80
CA LEU A 455 4.54 -11.16 -2.55
C LEU A 455 4.11 -11.97 -3.78
N SER A 456 3.21 -11.40 -4.59
CA SER A 456 2.78 -12.08 -5.80
C SER A 456 4.02 -12.24 -6.68
N ALA A 457 4.82 -11.17 -6.72
CA ALA A 457 6.04 -11.15 -7.51
C ALA A 457 7.14 -12.01 -6.89
N LEU A 458 7.35 -11.87 -5.58
CA LEU A 458 8.39 -12.64 -4.89
C LEU A 458 8.11 -14.14 -4.90
N SER A 459 6.89 -14.52 -4.54
CA SER A 459 6.50 -15.92 -4.49
C SER A 459 6.29 -16.48 -5.88
N GLY A 460 5.83 -15.63 -6.78
CA GLY A 460 5.59 -16.08 -8.14
C GLY A 460 4.17 -16.55 -8.35
N HIS A 461 3.22 -15.84 -7.77
CA HIS A 461 1.80 -16.20 -7.95
C HIS A 461 1.30 -15.45 -9.20
N PRO A 462 0.92 -16.18 -10.27
CA PRO A 462 0.41 -15.69 -11.56
C PRO A 462 -0.90 -14.91 -11.50
N VAL A 463 -1.12 -14.12 -10.45
CA VAL A 463 -2.41 -13.42 -10.35
C VAL A 463 -2.50 -12.30 -11.36
N ILE A 464 -3.72 -11.89 -11.71
CA ILE A 464 -3.94 -10.83 -12.68
C ILE A 464 -4.77 -9.66 -12.15
N TRP A 465 -4.25 -8.46 -12.30
CA TRP A 465 -4.95 -7.26 -11.88
C TRP A 465 -5.49 -6.55 -13.11
N VAL A 466 -6.79 -6.37 -13.16
CA VAL A 466 -7.41 -5.66 -14.28
C VAL A 466 -7.54 -4.24 -13.77
N ALA A 467 -6.54 -3.42 -14.09
CA ALA A 467 -6.45 -2.05 -13.64
C ALA A 467 -6.86 -1.00 -14.67
N THR A 468 -8.13 -0.59 -14.60
CA THR A 468 -8.67 0.39 -15.53
C THR A 468 -8.41 1.82 -15.06
N HIS A 469 -8.75 2.79 -15.92
CA HIS A 469 -8.56 4.21 -15.60
C HIS A 469 -7.09 4.43 -15.28
N ASP A 470 -6.24 4.15 -16.26
CA ASP A 470 -4.79 4.22 -16.10
C ASP A 470 -4.08 5.56 -16.11
N SER A 471 -4.78 6.66 -16.32
CA SER A 471 -4.08 7.94 -16.38
C SER A 471 -4.98 9.15 -16.27
N ILE A 472 -4.43 10.30 -16.68
CA ILE A 472 -5.17 11.56 -16.67
C ILE A 472 -6.41 11.41 -17.55
N GLY A 473 -6.45 10.35 -18.35
CA GLY A 473 -7.60 10.13 -19.20
C GLY A 473 -8.86 9.96 -18.34
N VAL A 474 -8.65 9.78 -17.03
CA VAL A 474 -9.74 9.61 -16.07
C VAL A 474 -10.59 10.89 -16.15
N GLY A 475 -9.90 12.02 -16.31
CA GLY A 475 -10.59 13.28 -16.40
C GLY A 475 -11.03 13.94 -15.12
N GLU A 476 -12.34 14.18 -15.01
CA GLU A 476 -12.94 14.86 -13.87
C GLU A 476 -12.65 14.41 -12.44
N ASP A 477 -12.53 13.11 -12.19
CA ASP A 477 -12.26 12.67 -10.82
C ASP A 477 -10.99 13.31 -10.25
N GLY A 478 -10.10 13.74 -11.13
CA GLY A 478 -8.90 14.45 -10.68
C GLY A 478 -7.66 13.70 -10.26
N PRO A 479 -6.66 14.43 -9.77
CA PRO A 479 -5.37 13.90 -9.32
C PRO A 479 -5.35 12.76 -8.31
N THR A 480 -6.34 12.71 -7.42
CA THR A 480 -6.37 11.64 -6.43
C THR A 480 -6.72 10.31 -7.09
N HIS A 481 -7.17 10.37 -8.35
CA HIS A 481 -7.57 9.18 -9.12
C HIS A 481 -6.71 8.95 -10.36
N GLN A 482 -5.79 9.86 -10.64
CA GLN A 482 -4.93 9.76 -11.82
C GLN A 482 -3.50 9.29 -11.58
N PRO A 483 -3.19 8.03 -11.94
CA PRO A 483 -1.88 7.41 -11.79
C PRO A 483 -0.78 8.23 -12.48
N ILE A 484 0.39 8.32 -11.85
CA ILE A 484 1.56 9.02 -12.40
C ILE A 484 2.78 8.14 -12.12
N GLU A 485 2.93 7.71 -10.87
CA GLU A 485 4.06 6.90 -10.43
C GLU A 485 3.81 5.39 -10.46
N THR A 486 2.54 5.00 -10.60
CA THR A 486 2.13 3.59 -10.57
C THR A 486 2.88 2.57 -11.46
N LEU A 487 2.99 2.86 -12.74
CA LEU A 487 3.68 1.92 -13.63
C LEU A 487 5.17 1.86 -13.31
N ALA A 488 5.78 3.02 -13.08
CA ALA A 488 7.20 3.10 -12.77
C ALA A 488 7.49 2.27 -11.52
N HIS A 489 6.57 2.33 -10.55
CA HIS A 489 6.68 1.58 -9.30
C HIS A 489 6.81 0.08 -9.58
N PHE A 490 5.79 -0.47 -10.22
CA PHE A 490 5.79 -1.90 -10.50
C PHE A 490 6.80 -2.35 -11.56
N ARG A 491 7.24 -1.44 -12.41
CA ARG A 491 8.24 -1.79 -13.42
C ARG A 491 9.58 -1.94 -12.71
N SER A 492 9.69 -1.35 -11.52
CA SER A 492 10.91 -1.43 -10.72
C SER A 492 10.87 -2.64 -9.79
N LEU A 493 9.71 -3.29 -9.73
CA LEU A 493 9.53 -4.48 -8.91
C LEU A 493 9.90 -5.71 -9.74
N PRO A 494 10.83 -6.53 -9.24
CA PRO A 494 11.19 -7.72 -10.01
C PRO A 494 10.02 -8.69 -10.19
N ASN A 495 10.06 -9.43 -11.29
CA ASN A 495 9.06 -10.45 -11.60
C ASN A 495 7.59 -10.08 -11.64
N ILE A 496 7.24 -9.06 -12.40
CA ILE A 496 5.85 -8.69 -12.57
C ILE A 496 5.65 -8.03 -13.93
N GLN A 497 4.64 -8.51 -14.65
CA GLN A 497 4.32 -7.96 -15.96
C GLN A 497 3.48 -6.73 -15.74
N VAL A 498 3.79 -5.66 -16.46
CA VAL A 498 3.02 -4.44 -16.35
C VAL A 498 2.55 -4.10 -17.76
N TRP A 499 1.45 -4.72 -18.16
CA TRP A 499 0.89 -4.52 -19.48
C TRP A 499 0.09 -3.22 -19.61
N ARG A 500 0.29 -2.52 -20.72
CA ARG A 500 -0.46 -1.30 -21.00
C ARG A 500 -0.77 -1.40 -22.49
N PRO A 501 -1.72 -2.27 -22.86
CA PRO A 501 -2.18 -2.55 -24.23
C PRO A 501 -2.65 -1.30 -24.96
N ALA A 502 -2.20 -1.15 -26.21
CA ALA A 502 -2.58 0.00 -27.02
C ALA A 502 -3.91 -0.18 -27.75
N ASP A 503 -4.21 -1.41 -28.16
CA ASP A 503 -5.47 -1.66 -28.87
C ASP A 503 -5.99 -3.08 -28.69
N GLY A 504 -6.97 -3.45 -29.51
CA GLY A 504 -7.57 -4.76 -29.43
C GLY A 504 -6.61 -5.93 -29.43
N ASN A 505 -5.72 -5.99 -30.42
CA ASN A 505 -4.77 -7.09 -30.50
C ASN A 505 -3.83 -7.12 -29.29
N GLU A 506 -3.37 -5.95 -28.84
CA GLU A 506 -2.47 -5.90 -27.70
C GLU A 506 -3.17 -6.36 -26.42
N VAL A 507 -4.47 -6.09 -26.31
CA VAL A 507 -5.21 -6.52 -25.13
C VAL A 507 -5.23 -8.05 -25.09
N SER A 508 -5.45 -8.68 -26.24
CA SER A 508 -5.47 -10.13 -26.31
C SER A 508 -4.10 -10.71 -25.99
N ALA A 509 -3.04 -10.03 -26.42
CA ALA A 509 -1.68 -10.50 -26.13
C ALA A 509 -1.44 -10.42 -24.63
N ALA A 510 -1.86 -9.34 -24.01
CA ALA A 510 -1.69 -9.14 -22.57
C ALA A 510 -2.36 -10.27 -21.81
N TYR A 511 -3.58 -10.61 -22.20
CA TYR A 511 -4.30 -11.70 -21.54
C TYR A 511 -3.69 -13.06 -21.86
N LYS A 512 -3.20 -13.22 -23.09
CA LYS A 512 -2.59 -14.49 -23.48
C LYS A 512 -1.39 -14.78 -22.60
N ASN A 513 -0.47 -13.82 -22.55
CA ASN A 513 0.74 -13.97 -21.74
C ASN A 513 0.45 -14.07 -20.24
N SER A 514 -0.51 -13.28 -19.77
CA SER A 514 -0.85 -13.27 -18.35
C SER A 514 -1.43 -14.60 -17.90
N LEU A 515 -2.34 -15.16 -18.68
CA LEU A 515 -2.96 -16.43 -18.32
C LEU A 515 -2.03 -17.63 -18.48
N GLU A 516 -1.16 -17.60 -19.48
CA GLU A 516 -0.23 -18.72 -19.68
C GLU A 516 0.91 -18.68 -18.66
N SER A 517 1.10 -17.54 -18.02
CA SER A 517 2.15 -17.39 -17.03
C SER A 517 1.98 -18.34 -15.86
N LYS A 518 3.08 -18.97 -15.46
CA LYS A 518 3.05 -19.91 -14.34
C LYS A 518 3.67 -19.37 -13.06
N HIS A 519 4.60 -18.44 -13.22
CA HIS A 519 5.33 -17.89 -12.04
C HIS A 519 5.42 -16.39 -11.97
N THR A 520 4.69 -15.68 -12.83
CA THR A 520 4.77 -14.21 -12.82
C THR A 520 3.41 -13.52 -12.81
N PRO A 521 3.16 -12.65 -11.82
CA PRO A 521 1.88 -11.95 -11.73
C PRO A 521 1.79 -10.90 -12.83
N SER A 522 0.60 -10.33 -13.02
CA SER A 522 0.41 -9.34 -14.05
C SER A 522 -0.55 -8.22 -13.69
N ILE A 523 -0.22 -7.02 -14.14
CA ILE A 523 -1.06 -5.86 -13.94
C ILE A 523 -1.34 -5.41 -15.37
N ILE A 524 -2.61 -5.38 -15.74
CA ILE A 524 -2.99 -4.95 -17.08
C ILE A 524 -3.65 -3.58 -16.95
N ALA A 525 -2.91 -2.54 -17.35
CA ALA A 525 -3.39 -1.16 -17.27
C ALA A 525 -4.26 -0.84 -18.48
N LEU A 526 -5.53 -0.51 -18.20
CA LEU A 526 -6.50 -0.23 -19.24
C LEU A 526 -7.05 1.19 -19.21
N SER A 527 -7.45 1.68 -20.38
CA SER A 527 -7.99 3.02 -20.52
C SER A 527 -9.50 3.05 -20.65
N ARG A 528 -10.12 4.20 -20.39
CA ARG A 528 -11.56 4.30 -20.58
C ARG A 528 -11.89 5.03 -21.86
N GLN A 529 -10.92 5.78 -22.40
CA GLN A 529 -11.15 6.50 -23.64
C GLN A 529 -11.02 5.57 -24.83
N ASN A 530 -11.74 5.87 -25.91
CA ASN A 530 -11.69 5.04 -27.10
C ASN A 530 -10.37 5.20 -27.83
N LEU A 531 -9.84 4.09 -28.33
CA LEU A 531 -8.59 4.08 -29.08
C LEU A 531 -8.81 3.28 -30.35
N PRO A 532 -8.16 3.68 -31.46
CA PRO A 532 -8.31 2.98 -32.74
C PRO A 532 -7.54 1.67 -32.83
N GLN A 533 -8.00 0.78 -33.72
CA GLN A 533 -7.31 -0.48 -33.91
C GLN A 533 -6.10 -0.15 -34.80
N LEU A 534 -4.92 -0.29 -34.23
CA LEU A 534 -3.68 0.03 -34.91
C LEU A 534 -3.32 -0.83 -36.12
N GLU A 535 -2.78 -0.16 -37.14
CA GLU A 535 -2.34 -0.84 -38.34
C GLU A 535 -0.93 -1.30 -38.02
N GLY A 536 -0.73 -2.61 -37.91
CA GLY A 536 0.58 -3.14 -37.60
C GLY A 536 0.64 -3.89 -36.29
N SER A 537 -0.46 -3.92 -35.56
CA SER A 537 -0.50 -4.64 -34.29
C SER A 537 -0.98 -6.07 -34.53
N SER A 538 -0.60 -6.96 -33.62
CA SER A 538 -1.00 -8.36 -33.70
C SER A 538 -0.69 -9.03 -32.38
N ILE A 539 -1.45 -10.06 -32.04
CA ILE A 539 -1.22 -10.78 -30.79
C ILE A 539 0.21 -11.32 -30.75
N GLU A 540 0.62 -11.93 -31.85
CA GLU A 540 1.95 -12.50 -31.94
C GLU A 540 3.07 -11.52 -31.62
N SER A 541 3.05 -10.36 -32.26
CA SER A 541 4.08 -9.35 -32.04
C SER A 541 4.00 -8.71 -30.65
N ALA A 542 2.79 -8.38 -30.21
CA ALA A 542 2.60 -7.76 -28.90
C ALA A 542 2.96 -8.73 -27.78
N SER A 543 2.88 -10.03 -28.05
CA SER A 543 3.23 -11.03 -27.03
C SER A 543 4.71 -11.02 -26.71
N LYS A 544 5.47 -10.27 -27.51
CA LYS A 544 6.91 -10.17 -27.29
C LYS A 544 7.23 -8.99 -26.38
N GLY A 545 6.19 -8.30 -25.91
CA GLY A 545 6.38 -7.18 -25.00
C GLY A 545 6.75 -5.85 -25.65
N GLY A 546 7.37 -5.92 -26.80
CA GLY A 546 7.78 -4.72 -27.51
C GLY A 546 8.06 -5.06 -28.96
N TYR A 547 7.68 -4.18 -29.88
CA TYR A 547 7.89 -4.44 -31.30
C TYR A 547 7.73 -3.18 -32.12
N VAL A 548 8.11 -3.27 -33.39
CA VAL A 548 7.98 -2.15 -34.30
C VAL A 548 6.57 -2.19 -34.85
N LEU A 549 5.75 -1.22 -34.48
CA LEU A 549 4.36 -1.14 -34.93
C LEU A 549 4.30 -0.59 -36.34
N GLN A 550 4.96 0.55 -36.54
CA GLN A 550 5.00 1.22 -37.83
C GLN A 550 6.46 1.45 -38.19
N ASP A 551 6.93 0.73 -39.21
CA ASP A 551 8.31 0.83 -39.63
C ASP A 551 8.50 1.80 -40.79
N VAL A 552 9.74 2.19 -40.99
CA VAL A 552 10.12 3.09 -42.08
C VAL A 552 11.62 2.98 -42.26
N ALA A 553 12.08 3.04 -43.51
CA ALA A 553 13.51 2.93 -43.79
C ALA A 553 14.26 4.17 -43.31
N ASN A 554 15.41 3.94 -42.67
CA ASN A 554 16.24 5.01 -42.16
C ASN A 554 15.47 6.13 -41.47
N PRO A 555 14.80 5.81 -40.36
CA PRO A 555 14.02 6.81 -39.62
C PRO A 555 14.90 7.91 -39.04
N ASP A 556 14.33 9.09 -38.86
CA ASP A 556 15.05 10.22 -38.28
C ASP A 556 14.95 10.13 -36.77
N ILE A 557 13.94 9.39 -36.31
CA ILE A 557 13.71 9.22 -34.89
C ILE A 557 12.77 8.04 -34.65
N ILE A 558 12.87 7.45 -33.46
CA ILE A 558 12.00 6.36 -33.09
C ILE A 558 11.14 6.87 -31.94
N LEU A 559 9.83 6.71 -32.09
CA LEU A 559 8.91 7.10 -31.05
C LEU A 559 8.48 5.81 -30.38
N VAL A 560 8.85 5.64 -29.11
CA VAL A 560 8.50 4.45 -28.36
C VAL A 560 7.41 4.84 -27.37
N ALA A 561 6.27 4.17 -27.45
CA ALA A 561 5.15 4.48 -26.58
C ALA A 561 4.41 3.25 -26.07
N THR A 562 3.42 3.50 -25.21
CA THR A 562 2.61 2.45 -24.63
C THR A 562 1.14 2.90 -24.59
N GLY A 563 0.25 1.93 -24.45
CA GLY A 563 -1.18 2.21 -24.37
C GLY A 563 -1.73 3.29 -25.27
N SER A 564 -2.47 4.21 -24.68
CA SER A 564 -3.11 5.30 -25.41
C SER A 564 -2.15 6.21 -26.18
N GLU A 565 -0.86 6.19 -25.83
CA GLU A 565 0.07 7.05 -26.53
C GLU A 565 0.66 6.46 -27.81
N VAL A 566 0.35 5.20 -28.09
CA VAL A 566 0.86 4.60 -29.32
C VAL A 566 0.10 5.25 -30.49
N SER A 567 -1.22 5.31 -30.40
CA SER A 567 -2.02 5.93 -31.45
C SER A 567 -1.61 7.39 -31.58
N LEU A 568 -1.35 8.04 -30.44
CA LEU A 568 -0.94 9.44 -30.45
C LEU A 568 0.37 9.58 -31.23
N SER A 569 1.28 8.62 -31.03
CA SER A 569 2.57 8.64 -31.71
C SER A 569 2.41 8.36 -33.21
N VAL A 570 1.43 7.55 -33.56
CA VAL A 570 1.18 7.23 -34.96
C VAL A 570 0.71 8.53 -35.62
N GLU A 571 -0.15 9.28 -34.93
CA GLU A 571 -0.63 10.54 -35.48
C GLU A 571 0.50 11.55 -35.53
N ALA A 572 1.37 11.53 -34.53
CA ALA A 572 2.51 12.45 -34.51
C ALA A 572 3.39 12.16 -35.73
N ALA A 573 3.50 10.88 -36.08
CA ALA A 573 4.31 10.47 -37.22
C ALA A 573 3.77 11.08 -38.50
N LYS A 574 2.45 11.23 -38.59
CA LYS A 574 1.84 11.81 -39.78
C LYS A 574 2.25 13.27 -39.86
N THR A 575 2.23 13.95 -38.72
CA THR A 575 2.61 15.36 -38.68
C THR A 575 4.06 15.49 -39.11
N LEU A 576 4.92 14.61 -38.59
CA LEU A 576 6.34 14.64 -38.92
C LEU A 576 6.57 14.35 -40.40
N ALA A 577 5.82 13.39 -40.94
CA ALA A 577 5.96 13.02 -42.36
C ALA A 577 5.60 14.23 -43.24
N ALA A 578 4.64 15.03 -42.79
CA ALA A 578 4.22 16.22 -43.52
C ALA A 578 5.36 17.23 -43.56
N LYS A 579 6.35 17.04 -42.69
CA LYS A 579 7.52 17.92 -42.63
C LYS A 579 8.75 17.21 -43.18
N ASN A 580 8.50 16.12 -43.91
CA ASN A 580 9.58 15.33 -44.48
C ASN A 580 10.50 14.75 -43.41
N ILE A 581 9.90 14.32 -42.30
CA ILE A 581 10.65 13.72 -41.21
C ILE A 581 10.10 12.29 -41.01
N LYS A 582 11.00 11.32 -40.98
CA LYS A 582 10.62 9.92 -40.84
C LYS A 582 10.66 9.42 -39.40
N ALA A 583 9.54 8.89 -38.91
CA ALA A 583 9.47 8.37 -37.56
C ALA A 583 9.00 6.93 -37.50
N ARG A 584 9.80 6.08 -36.87
CA ARG A 584 9.44 4.67 -36.71
C ARG A 584 8.70 4.64 -35.38
N VAL A 585 7.58 3.92 -35.32
CA VAL A 585 6.82 3.85 -34.08
C VAL A 585 6.96 2.47 -33.44
N VAL A 586 7.39 2.47 -32.19
CA VAL A 586 7.57 1.24 -31.44
C VAL A 586 6.56 1.18 -30.31
N SER A 587 5.91 0.04 -30.17
CA SER A 587 4.93 -0.15 -29.10
C SER A 587 5.58 -1.04 -28.05
N LEU A 588 5.54 -0.62 -26.79
CA LEU A 588 6.12 -1.40 -25.70
C LEU A 588 5.07 -1.77 -24.66
N PRO A 589 4.17 -2.70 -25.02
CA PRO A 589 3.08 -3.18 -24.16
C PRO A 589 3.52 -3.62 -22.77
N ASP A 590 4.69 -4.26 -22.68
CA ASP A 590 5.18 -4.71 -21.40
C ASP A 590 6.70 -4.79 -21.28
N PHE A 591 7.23 -3.95 -20.39
CA PHE A 591 8.68 -3.90 -20.13
C PHE A 591 9.20 -5.30 -19.78
N PHE A 592 8.55 -5.95 -18.82
CA PHE A 592 8.97 -7.27 -18.37
C PHE A 592 9.14 -8.28 -19.50
N THR A 593 8.08 -8.45 -20.29
CA THR A 593 8.09 -9.38 -21.41
C THR A 593 9.14 -8.98 -22.44
N PHE A 594 9.23 -7.68 -22.70
CA PHE A 594 10.21 -7.19 -23.67
C PHE A 594 11.62 -7.55 -23.22
N ASP A 595 11.93 -7.26 -21.96
CA ASP A 595 13.25 -7.55 -21.41
C ASP A 595 13.60 -9.04 -21.45
N LYS A 596 12.59 -9.91 -21.50
CA LYS A 596 12.82 -11.35 -21.55
C LYS A 596 13.26 -11.83 -22.93
N GLN A 597 13.00 -11.02 -23.96
CA GLN A 597 13.38 -11.38 -25.33
C GLN A 597 14.90 -11.33 -25.47
N PRO A 598 15.45 -12.06 -26.45
CA PRO A 598 16.91 -12.04 -26.62
C PRO A 598 17.40 -10.64 -26.98
N LEU A 599 18.58 -10.30 -26.50
CA LEU A 599 19.16 -8.97 -26.76
C LEU A 599 19.12 -8.64 -28.25
N GLU A 600 19.35 -9.65 -29.08
CA GLU A 600 19.33 -9.48 -30.53
C GLU A 600 18.02 -8.86 -30.99
N TYR A 601 16.91 -9.41 -30.50
CA TYR A 601 15.58 -8.91 -30.84
C TYR A 601 15.34 -7.51 -30.30
N ARG A 602 15.64 -7.31 -29.02
CA ARG A 602 15.44 -6.00 -28.40
C ARG A 602 16.18 -4.90 -29.16
N LEU A 603 17.41 -5.20 -29.58
CA LEU A 603 18.20 -4.22 -30.32
C LEU A 603 17.63 -3.97 -31.71
N SER A 604 16.89 -4.95 -32.26
CA SER A 604 16.30 -4.76 -33.59
C SER A 604 15.15 -3.76 -33.45
N VAL A 605 14.59 -3.69 -32.24
CA VAL A 605 13.48 -2.78 -31.95
C VAL A 605 14.00 -1.39 -31.53
N LEU A 606 15.06 -1.38 -30.75
CA LEU A 606 15.67 -0.12 -30.28
C LEU A 606 17.17 -0.17 -30.60
N PRO A 607 17.53 0.02 -31.87
CA PRO A 607 18.92 0.01 -32.35
C PRO A 607 19.74 1.26 -32.06
N ASP A 608 21.01 1.21 -32.43
CA ASP A 608 21.89 2.37 -32.26
C ASP A 608 21.65 3.28 -33.45
N ASN A 609 22.39 4.38 -33.48
CA ASN A 609 22.34 5.34 -34.57
C ASN A 609 21.02 6.04 -34.86
N VAL A 610 20.16 6.19 -33.87
CA VAL A 610 18.90 6.88 -34.07
C VAL A 610 18.33 7.35 -32.74
N PRO A 611 17.92 8.63 -32.66
CA PRO A 611 17.37 9.09 -31.39
C PRO A 611 16.06 8.40 -31.06
N ILE A 612 15.88 8.09 -29.78
CA ILE A 612 14.67 7.43 -29.32
C ILE A 612 14.01 8.30 -28.26
N MET A 613 12.75 8.64 -28.50
CA MET A 613 11.99 9.47 -27.55
C MET A 613 10.76 8.69 -27.12
N SER A 614 10.57 8.56 -25.81
CA SER A 614 9.43 7.84 -25.27
C SER A 614 8.23 8.76 -25.10
N VAL A 615 7.03 8.19 -25.21
CA VAL A 615 5.78 8.95 -25.06
C VAL A 615 4.80 8.15 -24.22
N GLU A 616 4.51 8.64 -23.02
CA GLU A 616 3.59 7.98 -22.09
C GLU A 616 3.17 9.02 -21.05
N VAL A 617 1.85 9.17 -20.85
CA VAL A 617 1.34 10.16 -19.91
C VAL A 617 1.50 9.84 -18.43
N LEU A 618 2.68 9.36 -18.06
CA LEU A 618 2.96 9.03 -16.66
C LEU A 618 4.43 9.39 -16.40
N ALA A 619 4.93 9.08 -15.20
CA ALA A 619 6.31 9.41 -14.85
C ALA A 619 7.31 8.94 -15.90
N THR A 620 8.39 9.71 -16.08
CA THR A 620 9.43 9.38 -17.05
C THR A 620 10.61 8.68 -16.37
N THR A 621 10.56 8.62 -15.05
CA THR A 621 11.61 8.04 -14.24
C THR A 621 12.11 6.64 -14.63
N CYS A 622 11.24 5.82 -15.21
CA CYS A 622 11.61 4.48 -15.60
C CYS A 622 11.99 4.29 -17.07
N TRP A 623 11.93 5.35 -17.85
CA TRP A 623 12.22 5.26 -19.28
C TRP A 623 13.67 5.32 -19.76
N GLY A 624 14.61 5.60 -18.85
CA GLY A 624 16.00 5.68 -19.24
C GLY A 624 16.55 4.38 -19.83
N LYS A 625 15.90 3.27 -19.56
CA LYS A 625 16.36 1.99 -20.07
C LYS A 625 16.07 1.78 -21.56
N TYR A 626 15.16 2.58 -22.12
CA TYR A 626 14.81 2.42 -23.53
C TYR A 626 14.96 3.65 -24.43
N ALA A 627 14.87 4.85 -23.85
CA ALA A 627 14.94 6.07 -24.66
C ALA A 627 15.96 7.11 -24.22
N HIS A 628 16.39 7.93 -25.18
CA HIS A 628 17.36 8.99 -24.90
C HIS A 628 16.64 10.17 -24.26
N GLN A 629 15.43 10.45 -24.72
CA GLN A 629 14.63 11.54 -24.19
C GLN A 629 13.23 11.01 -23.92
N SER A 630 12.53 11.64 -22.96
CA SER A 630 11.19 11.16 -22.61
C SER A 630 10.16 12.27 -22.45
N PHE A 631 9.00 12.06 -23.06
CA PHE A 631 7.90 12.99 -22.97
C PHE A 631 6.84 12.30 -22.11
N GLY A 632 6.70 12.75 -20.87
CA GLY A 632 5.74 12.17 -19.96
C GLY A 632 5.23 13.21 -18.98
N ILE A 633 4.75 12.75 -17.82
CA ILE A 633 4.24 13.67 -16.81
C ILE A 633 4.86 13.36 -15.45
N ASP A 634 5.60 14.32 -14.91
CA ASP A 634 6.25 14.13 -13.61
C ASP A 634 5.76 15.09 -12.55
N ARG A 635 4.45 15.30 -12.53
CA ARG A 635 3.76 16.14 -11.57
C ARG A 635 2.39 15.50 -11.49
N PHE A 636 1.55 15.90 -10.54
CA PHE A 636 0.23 15.29 -10.42
C PHE A 636 -0.74 15.79 -11.49
N GLY A 637 -1.86 15.08 -11.63
CA GLY A 637 -2.85 15.42 -12.64
C GLY A 637 -3.70 16.64 -12.38
N ALA A 638 -4.91 16.61 -12.94
CA ALA A 638 -5.84 17.72 -12.81
C ALA A 638 -7.27 17.25 -13.03
N SER A 639 -8.21 17.90 -12.36
CA SER A 639 -9.62 17.58 -12.50
C SER A 639 -10.18 18.41 -13.66
N GLY A 640 -10.58 17.71 -14.73
CA GLY A 640 -11.13 18.40 -15.88
C GLY A 640 -11.52 17.39 -16.94
N LYS A 641 -12.20 17.83 -17.99
CA LYS A 641 -12.58 16.93 -19.07
C LYS A 641 -11.30 16.32 -19.63
N ALA A 642 -11.29 15.00 -19.80
CA ALA A 642 -10.12 14.28 -20.29
C ALA A 642 -9.39 14.93 -21.46
N PRO A 643 -10.11 15.27 -22.55
CA PRO A 643 -9.44 15.89 -23.70
C PRO A 643 -8.68 17.15 -23.33
N GLU A 644 -9.28 17.96 -22.46
CA GLU A 644 -8.67 19.20 -22.03
C GLU A 644 -7.43 18.95 -21.17
N VAL A 645 -7.48 17.89 -20.36
CA VAL A 645 -6.34 17.57 -19.50
C VAL A 645 -5.15 17.13 -20.37
N PHE A 646 -5.41 16.26 -21.35
CA PHE A 646 -4.33 15.82 -22.24
C PHE A 646 -3.66 17.01 -22.91
N LYS A 647 -4.48 17.95 -23.39
CA LYS A 647 -3.95 19.13 -24.07
C LYS A 647 -3.16 20.00 -23.10
N PHE A 648 -3.65 20.10 -21.87
CA PHE A 648 -2.96 20.87 -20.84
C PHE A 648 -1.53 20.38 -20.70
N PHE A 649 -1.36 19.06 -20.76
CA PHE A 649 -0.05 18.45 -20.62
C PHE A 649 0.71 18.34 -21.94
N GLY A 650 0.12 18.89 -23.00
CA GLY A 650 0.75 18.87 -24.31
C GLY A 650 0.71 17.59 -25.11
N PHE A 651 -0.13 16.64 -24.70
CA PHE A 651 -0.20 15.38 -25.42
C PHE A 651 -1.19 15.38 -26.59
N THR A 652 -0.72 15.97 -27.69
CA THR A 652 -1.48 16.06 -28.94
C THR A 652 -0.49 15.62 -30.01
N PRO A 653 -0.99 15.25 -31.20
CA PRO A 653 -0.05 14.83 -32.25
C PRO A 653 1.03 15.89 -32.48
N GLU A 654 0.61 17.14 -32.52
CA GLU A 654 1.53 18.25 -32.74
C GLU A 654 2.53 18.39 -31.60
N GLY A 655 2.07 18.19 -30.38
CA GLY A 655 2.95 18.31 -29.22
C GLY A 655 4.04 17.26 -29.22
N VAL A 656 3.69 16.03 -29.62
CA VAL A 656 4.66 14.95 -29.69
C VAL A 656 5.65 15.21 -30.82
N ALA A 657 5.12 15.61 -31.97
CA ALA A 657 5.94 15.88 -33.13
C ALA A 657 6.95 16.99 -32.85
N GLU A 658 6.49 18.06 -32.20
CA GLU A 658 7.39 19.16 -31.89
C GLU A 658 8.56 18.71 -31.02
N ARG A 659 8.25 17.93 -29.98
CA ARG A 659 9.30 17.45 -29.10
C ARG A 659 10.23 16.49 -29.86
N ALA A 660 9.67 15.79 -30.85
CA ALA A 660 10.46 14.88 -31.66
C ALA A 660 11.45 15.73 -32.46
N GLN A 661 10.98 16.86 -32.99
CA GLN A 661 11.85 17.76 -33.75
C GLN A 661 12.97 18.29 -32.86
N LYS A 662 12.63 18.66 -31.63
CA LYS A 662 13.62 19.18 -30.70
C LYS A 662 14.68 18.12 -30.41
N THR A 663 14.24 16.88 -30.30
CA THR A 663 15.15 15.76 -30.00
C THR A 663 16.08 15.53 -31.18
N ILE A 664 15.53 15.57 -32.39
CA ILE A 664 16.32 15.38 -33.61
C ILE A 664 17.41 16.45 -33.67
N ALA A 665 17.03 17.71 -33.51
CA ALA A 665 18.00 18.81 -33.56
C ALA A 665 19.04 18.70 -32.44
N PHE A 666 18.59 18.25 -31.28
CA PHE A 666 19.46 18.10 -30.11
C PHE A 666 20.61 17.10 -30.37
N TYR A 667 20.33 16.06 -31.14
CA TYR A 667 21.34 15.04 -31.42
C TYR A 667 21.99 15.09 -32.81
N LYS A 668 21.60 16.05 -33.64
CA LYS A 668 22.18 16.15 -34.97
C LYS A 668 23.70 16.11 -34.90
N GLY A 669 24.30 15.21 -35.67
CA GLY A 669 25.74 15.10 -35.70
C GLY A 669 26.36 14.22 -34.62
N ASP A 670 25.56 13.74 -33.68
CA ASP A 670 26.08 12.90 -32.61
C ASP A 670 25.95 11.42 -32.95
N LYS A 671 26.77 10.61 -32.28
CA LYS A 671 26.74 9.16 -32.46
C LYS A 671 25.85 8.64 -31.36
N LEU A 672 24.73 8.03 -31.72
CA LEU A 672 23.81 7.52 -30.70
C LEU A 672 23.94 6.02 -30.50
N ILE A 673 23.90 5.62 -29.24
CA ILE A 673 24.00 4.23 -28.82
C ILE A 673 22.65 3.84 -28.22
N SER A 674 22.18 2.64 -28.51
CA SER A 674 20.91 2.19 -27.96
C SER A 674 20.99 2.19 -26.44
N PRO A 675 19.95 2.70 -25.76
CA PRO A 675 19.98 2.71 -24.30
C PRO A 675 20.04 1.29 -23.74
N LEU A 676 19.78 0.31 -24.60
CA LEU A 676 19.80 -1.10 -24.22
C LEU A 676 21.19 -1.66 -23.95
N LYS A 677 22.20 -1.12 -24.62
CA LYS A 677 23.56 -1.62 -24.45
C LYS A 677 24.18 -1.36 -23.09
N LYS A 678 24.61 -2.44 -22.43
CA LYS A 678 25.23 -2.36 -21.12
C LYS A 678 26.73 -2.66 -21.19
N ALA A 679 27.48 -2.08 -20.25
CA ALA A 679 28.92 -2.29 -20.20
C ALA A 679 29.31 -3.48 -19.34
N PHE A 680 28.34 -4.02 -18.61
CA PHE A 680 28.58 -5.17 -17.73
C PHE A 680 27.26 -5.79 -17.30
N GLN B 3 -33.66 22.88 18.48
CA GLN B 3 -35.00 23.25 17.96
C GLN B 3 -34.88 23.89 16.58
N PHE B 4 -35.13 23.09 15.54
CA PHE B 4 -35.04 23.57 14.18
C PHE B 4 -36.42 23.96 13.66
N THR B 5 -36.46 24.98 12.82
CA THR B 5 -37.71 25.49 12.27
C THR B 5 -37.72 25.43 10.74
N ASP B 6 -38.75 26.02 10.13
CA ASP B 6 -38.86 25.99 8.67
C ASP B 6 -37.62 26.50 7.93
N ILE B 7 -36.96 27.52 8.48
CA ILE B 7 -35.77 28.06 7.82
C ILE B 7 -34.71 26.97 7.71
N ASP B 8 -34.65 26.10 8.71
CA ASP B 8 -33.69 25.01 8.69
C ASP B 8 -34.04 24.01 7.60
N LYS B 9 -35.33 23.71 7.46
CA LYS B 9 -35.76 22.78 6.42
C LYS B 9 -35.47 23.39 5.05
N LEU B 10 -35.65 24.71 4.93
CA LEU B 10 -35.38 25.38 3.67
C LEU B 10 -33.89 25.31 3.36
N ALA B 11 -33.06 25.49 4.38
CA ALA B 11 -31.61 25.42 4.18
C ALA B 11 -31.20 24.04 3.67
N VAL B 12 -31.81 23.00 4.22
CA VAL B 12 -31.50 21.64 3.80
C VAL B 12 -31.88 21.41 2.34
N SER B 13 -33.02 21.95 1.91
CA SER B 13 -33.45 21.80 0.52
C SER B 13 -32.49 22.57 -0.39
N THR B 14 -32.05 23.74 0.07
CA THR B 14 -31.14 24.59 -0.70
C THR B 14 -29.83 23.83 -0.93
N ILE B 15 -29.33 23.21 0.13
CA ILE B 15 -28.09 22.45 0.07
C ILE B 15 -28.25 21.30 -0.93
N ARG B 16 -29.32 20.53 -0.77
CA ARG B 16 -29.58 19.41 -1.66
C ARG B 16 -29.62 19.78 -3.13
N ILE B 17 -30.38 20.83 -3.45
CA ILE B 17 -30.50 21.28 -4.84
C ILE B 17 -29.23 21.93 -5.37
N LEU B 18 -28.52 22.67 -4.53
CA LEU B 18 -27.29 23.32 -4.98
C LEU B 18 -26.26 22.25 -5.37
N ALA B 19 -26.16 21.21 -4.56
CA ALA B 19 -25.21 20.13 -4.83
C ALA B 19 -25.59 19.42 -6.12
N VAL B 20 -26.89 19.18 -6.28
CA VAL B 20 -27.38 18.52 -7.49
C VAL B 20 -27.11 19.35 -8.73
N ASP B 21 -27.39 20.66 -8.66
CA ASP B 21 -27.15 21.54 -9.81
C ASP B 21 -25.67 21.57 -10.17
N THR B 22 -24.83 21.58 -9.14
CA THR B 22 -23.39 21.61 -9.33
C THR B 22 -22.94 20.38 -10.13
N VAL B 23 -23.44 19.21 -9.73
CA VAL B 23 -23.09 17.98 -10.42
C VAL B 23 -23.67 17.94 -11.83
N SER B 24 -24.92 18.37 -11.98
CA SER B 24 -25.55 18.36 -13.30
C SER B 24 -24.86 19.26 -14.32
N LYS B 25 -24.47 20.46 -13.92
CA LYS B 25 -23.82 21.37 -14.85
C LYS B 25 -22.50 20.77 -15.35
N ALA B 26 -21.79 20.09 -14.45
CA ALA B 26 -20.53 19.46 -14.83
C ALA B 26 -20.80 18.21 -15.65
N ASN B 27 -22.02 17.68 -15.53
CA ASN B 27 -22.38 16.46 -16.26
C ASN B 27 -21.38 15.40 -15.83
N SER B 28 -20.97 15.47 -14.58
CA SER B 28 -20.00 14.54 -14.01
C SER B 28 -20.02 14.74 -12.50
N GLY B 29 -19.86 13.66 -11.74
CA GLY B 29 -19.87 13.80 -10.30
C GLY B 29 -20.86 12.89 -9.60
N HIS B 30 -20.88 12.99 -8.28
CA HIS B 30 -21.73 12.15 -7.45
C HIS B 30 -22.82 12.91 -6.68
N PRO B 31 -24.09 12.71 -7.07
CA PRO B 31 -25.24 13.38 -6.43
C PRO B 31 -25.78 12.62 -5.22
N GLY B 32 -25.59 11.30 -5.24
CA GLY B 32 -26.08 10.42 -4.18
C GLY B 32 -25.87 10.80 -2.73
N ALA B 33 -24.62 10.72 -2.28
CA ALA B 33 -24.31 11.03 -0.88
C ALA B 33 -24.64 12.48 -0.51
N PRO B 34 -24.39 13.44 -1.41
CA PRO B 34 -24.70 14.83 -1.06
C PRO B 34 -26.18 14.96 -0.68
N LEU B 35 -27.06 14.34 -1.45
CA LEU B 35 -28.49 14.40 -1.18
C LEU B 35 -28.82 13.70 0.13
N GLY B 36 -28.15 12.58 0.38
CA GLY B 36 -28.40 11.82 1.58
C GLY B 36 -27.87 12.45 2.86
N MET B 37 -26.72 13.11 2.77
CA MET B 37 -26.11 13.73 3.95
C MET B 37 -26.39 15.21 4.18
N ALA B 38 -27.21 15.83 3.33
CA ALA B 38 -27.53 17.24 3.47
C ALA B 38 -28.08 17.62 4.85
N PRO B 39 -29.05 16.84 5.37
CA PRO B 39 -29.58 17.19 6.69
C PRO B 39 -28.49 17.20 7.76
N ALA B 40 -27.65 16.16 7.75
CA ALA B 40 -26.57 16.07 8.72
C ALA B 40 -25.58 17.21 8.55
N ALA B 41 -25.32 17.60 7.30
CA ALA B 41 -24.39 18.69 7.03
C ALA B 41 -24.92 19.99 7.65
N HIS B 42 -26.19 20.27 7.46
CA HIS B 42 -26.78 21.49 8.01
C HIS B 42 -26.70 21.49 9.52
N VAL B 43 -27.18 20.43 10.16
CA VAL B 43 -27.15 20.35 11.61
C VAL B 43 -25.73 20.45 12.16
N LEU B 44 -24.82 19.65 11.62
CA LEU B 44 -23.44 19.66 12.08
C LEU B 44 -22.77 21.03 11.92
N TRP B 45 -22.78 21.56 10.70
CA TRP B 45 -22.15 22.85 10.45
C TRP B 45 -22.81 23.97 11.26
N SER B 46 -24.11 23.88 11.49
CA SER B 46 -24.78 24.92 12.25
C SER B 46 -24.35 24.97 13.71
N GLN B 47 -23.75 23.89 14.21
CA GLN B 47 -23.29 23.90 15.60
C GLN B 47 -21.77 23.83 15.72
N MET B 48 -21.08 23.97 14.59
CA MET B 48 -19.62 23.97 14.58
C MET B 48 -19.13 25.38 14.88
N ARG B 49 -18.07 25.49 15.68
CA ARG B 49 -17.51 26.80 15.99
C ARG B 49 -16.33 26.96 15.04
N MET B 50 -16.51 27.80 14.02
CA MET B 50 -15.51 28.01 12.99
C MET B 50 -15.67 29.42 12.44
N ASN B 51 -14.63 29.94 11.78
CA ASN B 51 -14.70 31.28 11.19
C ASN B 51 -14.51 31.18 9.67
N PRO B 52 -15.61 31.24 8.91
CA PRO B 52 -15.51 31.15 7.45
C PRO B 52 -14.57 32.21 6.86
N THR B 53 -14.40 33.29 7.60
CA THR B 53 -13.53 34.41 7.19
C THR B 53 -12.07 34.15 7.53
N ASN B 54 -11.81 33.14 8.35
CA ASN B 54 -10.45 32.77 8.74
C ASN B 54 -10.39 31.25 8.87
N PRO B 55 -10.29 30.54 7.74
CA PRO B 55 -10.23 29.08 7.72
C PRO B 55 -9.04 28.49 8.45
N ASP B 56 -8.06 29.33 8.78
CA ASP B 56 -6.86 28.85 9.46
C ASP B 56 -6.88 29.02 10.98
N TRP B 57 -7.96 29.58 11.52
CA TRP B 57 -8.05 29.77 12.97
C TRP B 57 -7.71 28.45 13.65
N ILE B 58 -6.64 28.44 14.42
CA ILE B 58 -6.17 27.23 15.06
C ILE B 58 -7.15 26.47 15.94
N ASN B 59 -8.04 27.18 16.64
CA ASN B 59 -8.97 26.48 17.51
C ASN B 59 -10.35 26.21 16.91
N ARG B 60 -10.43 26.25 15.59
CA ARG B 60 -11.69 25.99 14.88
C ARG B 60 -12.07 24.53 14.99
N ASP B 61 -13.36 24.24 15.03
CA ASP B 61 -13.79 22.85 15.01
C ASP B 61 -13.43 22.49 13.57
N ARG B 62 -13.03 21.25 13.33
CA ARG B 62 -12.64 20.84 11.98
C ARG B 62 -13.58 19.78 11.41
N PHE B 63 -13.78 19.83 10.10
CA PHE B 63 -14.65 18.90 9.40
C PHE B 63 -13.89 18.20 8.28
N VAL B 64 -14.04 16.88 8.20
CA VAL B 64 -13.38 16.11 7.16
C VAL B 64 -14.39 15.25 6.40
N LEU B 65 -14.41 15.37 5.08
CA LEU B 65 -15.32 14.58 4.25
C LEU B 65 -14.52 13.35 3.80
N SER B 66 -14.59 12.27 4.56
CA SER B 66 -13.84 11.07 4.20
C SER B 66 -14.41 10.43 2.94
N ASN B 67 -15.72 10.58 2.71
CA ASN B 67 -16.31 10.06 1.49
C ASN B 67 -16.23 11.23 0.50
N GLY B 68 -14.99 11.49 0.07
CA GLY B 68 -14.68 12.59 -0.81
C GLY B 68 -15.47 12.79 -2.08
N HIS B 69 -15.95 11.72 -2.69
CA HIS B 69 -16.73 11.83 -3.91
C HIS B 69 -17.97 12.69 -3.70
N ALA B 70 -18.37 12.85 -2.44
CA ALA B 70 -19.54 13.65 -2.10
C ALA B 70 -19.17 15.13 -1.97
N VAL B 71 -18.05 15.51 -2.56
CA VAL B 71 -17.57 16.89 -2.48
C VAL B 71 -18.55 17.99 -2.88
N ALA B 72 -19.53 17.68 -3.73
CA ALA B 72 -20.48 18.72 -4.13
C ALA B 72 -21.19 19.24 -2.88
N LEU B 73 -21.33 18.37 -1.88
CA LEU B 73 -21.97 18.75 -0.62
C LEU B 73 -21.06 19.71 0.15
N LEU B 74 -19.77 19.40 0.18
CA LEU B 74 -18.81 20.25 0.87
C LEU B 74 -18.71 21.63 0.21
N TYR B 75 -18.63 21.66 -1.12
CA TYR B 75 -18.55 22.94 -1.81
C TYR B 75 -19.82 23.77 -1.54
N SER B 76 -20.96 23.10 -1.47
CA SER B 76 -22.22 23.78 -1.20
C SER B 76 -22.19 24.41 0.19
N MET B 77 -21.75 23.64 1.18
CA MET B 77 -21.68 24.15 2.54
C MET B 77 -20.69 25.29 2.65
N LEU B 78 -19.52 25.15 2.03
CA LEU B 78 -18.52 26.20 2.08
C LEU B 78 -19.10 27.51 1.53
N HIS B 79 -19.76 27.42 0.39
CA HIS B 79 -20.36 28.62 -0.20
C HIS B 79 -21.48 29.20 0.65
N LEU B 80 -22.43 28.37 1.02
CA LEU B 80 -23.57 28.81 1.81
C LEU B 80 -23.25 29.41 3.17
N THR B 81 -22.20 28.91 3.82
CA THR B 81 -21.86 29.40 5.14
C THR B 81 -20.88 30.58 5.21
N GLY B 82 -20.45 31.10 4.07
CA GLY B 82 -19.58 32.26 4.12
C GLY B 82 -18.11 32.13 3.75
N TYR B 83 -17.69 30.98 3.26
CA TYR B 83 -16.29 30.80 2.85
C TYR B 83 -16.07 31.49 1.52
N ASP B 84 -14.80 31.72 1.17
CA ASP B 84 -14.47 32.37 -0.08
C ASP B 84 -14.59 31.42 -1.26
N LEU B 85 -15.82 31.04 -1.58
CA LEU B 85 -16.11 30.14 -2.70
C LEU B 85 -17.44 30.64 -3.23
N SER B 86 -17.48 31.03 -4.49
CA SER B 86 -18.70 31.58 -5.10
C SER B 86 -19.53 30.58 -5.87
N ILE B 87 -20.72 31.02 -6.28
CA ILE B 87 -21.59 30.18 -7.08
C ILE B 87 -20.87 29.90 -8.39
N GLU B 88 -20.14 30.89 -8.90
CA GLU B 88 -19.41 30.70 -10.15
C GLU B 88 -18.40 29.57 -9.97
N ASP B 89 -17.77 29.51 -8.80
CA ASP B 89 -16.82 28.44 -8.55
C ASP B 89 -17.56 27.10 -8.66
N LEU B 90 -18.75 27.02 -8.07
CA LEU B 90 -19.53 25.79 -8.14
C LEU B 90 -19.91 25.50 -9.59
N LYS B 91 -20.12 26.56 -10.36
CA LYS B 91 -20.48 26.40 -11.77
C LYS B 91 -19.30 25.91 -12.61
N GLN B 92 -18.12 25.83 -12.00
CA GLN B 92 -16.93 25.36 -12.69
C GLN B 92 -16.45 24.04 -12.08
N PHE B 93 -17.36 23.36 -11.39
CA PHE B 93 -17.08 22.08 -10.74
C PHE B 93 -16.51 21.10 -11.76
N ARG B 94 -15.41 20.44 -11.38
CA ARG B 94 -14.76 19.45 -12.23
C ARG B 94 -14.21 19.94 -13.57
N GLN B 95 -13.98 21.25 -13.69
CA GLN B 95 -13.44 21.80 -14.93
C GLN B 95 -11.97 22.16 -14.76
N LEU B 96 -11.19 21.93 -15.82
CA LEU B 96 -9.76 22.22 -15.80
C LEU B 96 -9.39 23.57 -15.20
N GLY B 97 -8.62 23.54 -14.13
CA GLY B 97 -8.17 24.78 -13.51
C GLY B 97 -9.11 25.47 -12.54
N SER B 98 -10.28 24.88 -12.29
CA SER B 98 -11.22 25.52 -11.37
C SER B 98 -10.81 25.28 -9.92
N ARG B 99 -11.44 26.01 -9.01
CA ARG B 99 -11.16 25.88 -7.60
C ARG B 99 -12.02 24.78 -7.00
N THR B 100 -12.81 24.13 -7.86
CA THR B 100 -13.71 23.07 -7.42
C THR B 100 -13.48 21.75 -8.15
N PRO B 101 -12.35 21.09 -7.87
CA PRO B 101 -12.05 19.80 -8.52
C PRO B 101 -12.97 18.66 -8.06
N GLY B 102 -13.01 17.59 -8.85
CA GLY B 102 -13.85 16.43 -8.59
C GLY B 102 -13.80 15.76 -7.22
N HIS B 103 -12.73 16.04 -6.47
CA HIS B 103 -12.58 15.52 -5.12
C HIS B 103 -11.93 16.65 -4.32
N PRO B 104 -12.20 16.73 -3.02
CA PRO B 104 -11.65 17.80 -2.18
C PRO B 104 -10.13 17.84 -2.11
N GLU B 105 -9.57 19.03 -2.31
CA GLU B 105 -8.13 19.22 -2.25
C GLU B 105 -7.73 20.13 -1.09
N PHE B 106 -6.73 19.69 -0.34
CA PHE B 106 -6.19 20.40 0.82
C PHE B 106 -5.95 21.90 0.58
N GLU B 107 -5.54 22.24 -0.63
CA GLU B 107 -5.25 23.62 -1.01
C GLU B 107 -6.40 24.62 -0.84
N LEU B 108 -7.63 24.16 -1.02
CA LEU B 108 -8.78 25.05 -0.90
C LEU B 108 -9.09 25.41 0.55
N PRO B 109 -9.29 26.70 0.85
CA PRO B 109 -9.60 27.09 2.23
C PRO B 109 -10.92 26.43 2.65
N GLY B 110 -10.94 25.83 3.84
CA GLY B 110 -12.15 25.17 4.29
C GLY B 110 -12.07 23.66 4.09
N VAL B 111 -11.14 23.23 3.24
CA VAL B 111 -10.94 21.79 2.99
C VAL B 111 -9.73 21.44 3.87
N GLU B 112 -9.94 20.61 4.88
CA GLU B 112 -8.89 20.26 5.82
C GLU B 112 -7.81 19.28 5.37
N VAL B 113 -8.13 18.47 4.37
CA VAL B 113 -7.20 17.49 3.81
C VAL B 113 -7.72 17.05 2.45
N THR B 114 -6.87 16.41 1.65
CA THR B 114 -7.30 15.93 0.35
C THR B 114 -7.92 14.54 0.53
N THR B 115 -9.13 14.34 0.02
CA THR B 115 -9.76 13.03 0.11
C THR B 115 -10.16 12.56 -1.29
N GLY B 116 -10.75 11.37 -1.37
CA GLY B 116 -11.10 10.81 -2.67
C GLY B 116 -10.69 9.35 -2.53
N PRO B 117 -9.46 9.10 -2.06
CA PRO B 117 -9.00 7.72 -1.87
C PRO B 117 -9.69 7.32 -0.56
N LEU B 118 -10.61 6.38 -0.61
CA LEU B 118 -11.36 5.96 0.58
C LEU B 118 -10.53 5.52 1.78
N GLY B 119 -11.03 5.88 2.97
CA GLY B 119 -10.36 5.52 4.21
C GLY B 119 -9.36 6.53 4.74
N GLN B 120 -8.88 7.41 3.86
CA GLN B 120 -7.89 8.40 4.25
C GLN B 120 -8.44 9.49 5.18
N GLY B 121 -9.61 10.05 4.81
CA GLY B 121 -10.21 11.10 5.59
C GLY B 121 -10.41 10.81 7.07
N ILE B 122 -11.05 9.68 7.37
CA ILE B 122 -11.30 9.30 8.75
C ILE B 122 -9.97 9.13 9.48
N SER B 123 -8.98 8.58 8.79
CA SER B 123 -7.67 8.36 9.40
C SER B 123 -6.98 9.71 9.67
N ASN B 124 -7.14 10.65 8.74
CA ASN B 124 -6.58 12.00 8.89
C ASN B 124 -7.20 12.65 10.13
N ALA B 125 -8.51 12.45 10.28
CA ALA B 125 -9.25 13.03 11.40
C ALA B 125 -8.72 12.53 12.73
N VAL B 126 -8.36 11.26 12.79
CA VAL B 126 -7.81 10.70 14.02
C VAL B 126 -6.55 11.49 14.37
N GLY B 127 -5.75 11.80 13.35
CA GLY B 127 -4.52 12.57 13.58
C GLY B 127 -4.83 13.98 14.05
N MET B 128 -5.87 14.59 13.48
CA MET B 128 -6.25 15.94 13.87
C MET B 128 -6.67 15.97 15.33
N ALA B 129 -7.41 14.96 15.77
CA ALA B 129 -7.86 14.88 17.15
C ALA B 129 -6.69 14.67 18.09
N MET B 130 -5.70 13.90 17.64
CA MET B 130 -4.53 13.62 18.46
C MET B 130 -3.75 14.93 18.62
N ALA B 131 -3.63 15.69 17.54
CA ALA B 131 -2.91 16.97 17.56
C ALA B 131 -3.59 17.94 18.51
N GLN B 132 -4.92 17.99 18.46
CA GLN B 132 -5.68 18.87 19.34
C GLN B 132 -5.45 18.50 20.80
N ALA B 133 -5.48 17.20 21.09
CA ALA B 133 -5.28 16.73 22.45
C ALA B 133 -3.91 17.14 22.98
N ASN B 134 -2.89 17.04 22.13
CA ASN B 134 -1.53 17.41 22.54
C ASN B 134 -1.40 18.93 22.70
N LEU B 135 -1.97 19.69 21.77
CA LEU B 135 -1.89 21.15 21.86
C LEU B 135 -2.51 21.63 23.17
N ALA B 136 -3.67 21.07 23.51
CA ALA B 136 -4.38 21.45 24.73
C ALA B 136 -3.57 21.06 25.96
N ALA B 137 -3.07 19.83 25.98
CA ALA B 137 -2.29 19.34 27.11
C ALA B 137 -0.98 20.10 27.27
N THR B 138 -0.47 20.61 26.16
CA THR B 138 0.78 21.37 26.18
C THR B 138 0.65 22.86 26.51
N TYR B 139 -0.39 23.51 25.99
CA TYR B 139 -0.53 24.94 26.21
C TYR B 139 -1.66 25.47 27.10
N ASN B 140 -2.73 24.71 27.26
CA ASN B 140 -3.83 25.18 28.10
C ASN B 140 -3.36 25.43 29.54
N LYS B 141 -3.95 26.46 30.16
CA LYS B 141 -3.63 26.82 31.53
C LYS B 141 -4.93 27.27 32.22
N PRO B 142 -4.95 27.31 33.55
CA PRO B 142 -6.15 27.72 34.27
C PRO B 142 -6.62 29.09 33.73
N GLY B 143 -7.88 29.17 33.33
CA GLY B 143 -8.40 30.41 32.81
C GLY B 143 -7.98 30.69 31.38
N PHE B 144 -7.19 29.79 30.80
CA PHE B 144 -6.73 29.95 29.42
C PHE B 144 -6.89 28.67 28.61
N THR B 145 -8.11 28.41 28.16
CA THR B 145 -8.37 27.22 27.35
C THR B 145 -8.15 27.61 25.89
N LEU B 146 -6.90 27.55 25.45
CA LEU B 146 -6.58 27.91 24.07
C LEU B 146 -6.99 26.83 23.06
N SER B 147 -7.03 25.59 23.51
CA SER B 147 -7.38 24.48 22.62
C SER B 147 -8.45 23.56 23.19
N ASP B 148 -9.54 23.40 22.44
CA ASP B 148 -10.65 22.54 22.87
C ASP B 148 -11.59 22.23 21.71
N ASN B 149 -11.12 22.35 20.48
CA ASN B 149 -11.97 22.09 19.33
C ASN B 149 -12.29 20.61 19.14
N TYR B 150 -13.34 20.37 18.36
CA TYR B 150 -13.78 19.03 18.04
C TYR B 150 -13.35 18.72 16.62
N THR B 151 -13.29 17.43 16.30
CA THR B 151 -12.91 16.97 14.97
C THR B 151 -14.07 16.13 14.48
N TYR B 152 -14.74 16.62 13.43
CA TYR B 152 -15.89 15.95 12.85
C TYR B 152 -15.56 15.29 11.53
N VAL B 153 -16.13 14.11 11.30
CA VAL B 153 -15.89 13.39 10.05
C VAL B 153 -17.14 12.75 9.49
N PHE B 154 -17.27 12.82 8.16
CA PHE B 154 -18.37 12.19 7.46
C PHE B 154 -17.70 11.03 6.72
N LEU B 155 -18.29 9.84 6.76
CA LEU B 155 -17.72 8.72 6.03
C LEU B 155 -18.84 7.77 5.63
N GLY B 156 -18.55 6.90 4.66
CA GLY B 156 -19.53 5.95 4.19
C GLY B 156 -19.04 4.52 4.28
N ASP B 157 -19.76 3.61 3.63
CA ASP B 157 -19.40 2.19 3.65
C ASP B 157 -18.02 1.95 3.04
N GLY B 158 -17.68 2.72 2.02
CA GLY B 158 -16.39 2.57 1.36
C GLY B 158 -15.23 2.77 2.32
N CYS B 159 -15.27 3.83 3.12
CA CYS B 159 -14.21 4.09 4.08
C CYS B 159 -14.16 3.00 5.14
N LEU B 160 -15.33 2.52 5.56
CA LEU B 160 -15.40 1.48 6.58
C LEU B 160 -14.82 0.16 6.11
N GLN B 161 -14.75 -0.05 4.81
CA GLN B 161 -14.23 -1.31 4.29
C GLN B 161 -12.72 -1.31 4.07
N GLU B 162 -12.14 -0.12 3.86
CA GLU B 162 -10.70 -0.01 3.65
C GLU B 162 -9.96 -0.29 4.96
N GLY B 163 -9.01 -1.22 4.92
CA GLY B 163 -8.26 -1.57 6.11
C GLY B 163 -7.65 -0.42 6.89
N ILE B 164 -7.27 0.65 6.19
CA ILE B 164 -6.66 1.79 6.86
C ILE B 164 -7.58 2.38 7.94
N SER B 165 -8.89 2.40 7.69
CA SER B 165 -9.82 2.97 8.67
C SER B 165 -9.93 2.08 9.91
N SER B 166 -9.74 0.77 9.74
CA SER B 166 -9.81 -0.14 10.88
C SER B 166 -8.59 0.11 11.76
N GLU B 167 -7.43 0.28 11.12
CA GLU B 167 -6.19 0.55 11.84
C GLU B 167 -6.35 1.84 12.65
N ALA B 168 -6.75 2.90 11.95
CA ALA B 168 -6.94 4.21 12.56
C ALA B 168 -8.01 4.23 13.65
N SER B 169 -9.09 3.49 13.45
CA SER B 169 -10.18 3.45 14.42
C SER B 169 -9.81 2.63 15.66
N SER B 170 -9.04 1.56 15.45
CA SER B 170 -8.60 0.73 16.57
C SER B 170 -7.71 1.61 17.46
N LEU B 171 -6.77 2.31 16.84
CA LEU B 171 -5.86 3.19 17.58
C LEU B 171 -6.61 4.36 18.24
N ALA B 172 -7.58 4.93 17.52
CA ALA B 172 -8.35 6.05 18.07
C ALA B 172 -9.08 5.61 19.33
N GLY B 173 -9.60 4.38 19.31
CA GLY B 173 -10.32 3.85 20.46
C GLY B 173 -9.37 3.67 21.63
N HIS B 174 -8.19 3.11 21.36
CA HIS B 174 -7.21 2.92 22.42
C HIS B 174 -6.84 4.27 23.03
N LEU B 175 -6.72 5.28 22.17
CA LEU B 175 -6.34 6.63 22.59
C LEU B 175 -7.45 7.44 23.27
N LYS B 176 -8.65 6.86 23.32
CA LYS B 176 -9.80 7.50 23.96
C LYS B 176 -10.02 8.94 23.52
N LEU B 177 -9.99 9.17 22.21
CA LEU B 177 -10.17 10.51 21.65
C LEU B 177 -11.63 10.98 21.66
N GLY B 178 -12.06 11.47 22.83
CA GLY B 178 -13.43 11.93 23.00
C GLY B 178 -13.88 13.16 22.24
N ASN B 179 -12.94 13.85 21.58
CA ASN B 179 -13.32 15.03 20.82
C ASN B 179 -13.43 14.71 19.34
N LEU B 180 -13.31 13.42 19.01
CA LEU B 180 -13.44 12.96 17.64
C LEU B 180 -14.86 12.43 17.49
N ILE B 181 -15.60 12.96 16.53
CA ILE B 181 -16.97 12.55 16.29
C ILE B 181 -17.16 12.25 14.81
N ALA B 182 -17.55 11.02 14.51
CA ALA B 182 -17.74 10.60 13.13
C ALA B 182 -19.20 10.27 12.84
N ILE B 183 -19.67 10.67 11.68
CA ILE B 183 -21.03 10.39 11.28
C ILE B 183 -20.96 9.48 10.06
N TYR B 184 -21.48 8.27 10.23
CA TYR B 184 -21.49 7.24 9.19
C TYR B 184 -22.78 7.27 8.37
N ASP B 185 -22.62 7.51 7.08
CA ASP B 185 -23.75 7.56 6.16
C ASP B 185 -24.11 6.11 5.84
N ASP B 186 -25.02 5.57 6.64
CA ASP B 186 -25.49 4.19 6.53
C ASP B 186 -26.62 4.10 5.51
N ASN B 187 -26.28 4.07 4.23
CA ASN B 187 -27.28 4.02 3.17
C ASN B 187 -27.41 2.70 2.42
N LYS B 188 -26.71 1.67 2.89
CA LYS B 188 -26.76 0.33 2.30
C LYS B 188 -26.46 0.19 0.80
N ILE B 189 -25.68 1.12 0.26
CA ILE B 189 -25.34 1.08 -1.16
C ILE B 189 -23.88 1.42 -1.42
N THR B 190 -23.26 0.72 -2.38
CA THR B 190 -21.90 1.02 -2.81
C THR B 190 -21.95 0.88 -4.32
N ILE B 191 -20.83 1.05 -5.01
CA ILE B 191 -20.85 0.96 -6.46
C ILE B 191 -21.38 -0.34 -7.06
N ASP B 192 -21.06 -1.48 -6.45
CA ASP B 192 -21.52 -2.75 -6.98
C ASP B 192 -22.97 -3.08 -6.65
N GLY B 193 -23.63 -2.22 -5.89
CA GLY B 193 -25.01 -2.45 -5.53
C GLY B 193 -25.26 -2.42 -4.03
N ALA B 194 -26.12 -3.32 -3.55
CA ALA B 194 -26.43 -3.38 -2.13
C ALA B 194 -25.21 -3.80 -1.33
N THR B 195 -25.03 -3.22 -0.15
CA THR B 195 -23.89 -3.57 0.69
C THR B 195 -23.90 -5.03 1.09
N SER B 196 -25.10 -5.62 1.19
CA SER B 196 -25.24 -7.00 1.59
C SER B 196 -24.47 -8.04 0.76
N ILE B 197 -24.05 -7.67 -0.44
CA ILE B 197 -23.34 -8.61 -1.30
C ILE B 197 -21.85 -8.74 -0.98
N SER B 198 -21.33 -7.87 -0.11
CA SER B 198 -19.91 -7.93 0.24
C SER B 198 -19.59 -7.29 1.57
N PHE B 199 -20.57 -6.63 2.18
CA PHE B 199 -20.37 -5.93 3.45
C PHE B 199 -21.59 -6.02 4.34
N ASP B 200 -21.64 -7.06 5.18
CA ASP B 200 -22.76 -7.25 6.09
C ASP B 200 -22.35 -7.41 7.55
N GLU B 201 -21.16 -6.92 7.88
CA GLU B 201 -20.66 -7.00 9.24
C GLU B 201 -21.47 -6.08 10.15
N ASP B 202 -21.34 -6.28 11.46
CA ASP B 202 -22.02 -5.46 12.46
C ASP B 202 -21.06 -4.32 12.77
N VAL B 203 -21.21 -3.20 12.04
CA VAL B 203 -20.34 -2.05 12.24
C VAL B 203 -20.34 -1.53 13.68
N ALA B 204 -21.53 -1.38 14.26
CA ALA B 204 -21.63 -0.88 15.62
C ALA B 204 -20.83 -1.75 16.58
N LYS B 205 -21.02 -3.06 16.50
CA LYS B 205 -20.31 -3.98 17.38
C LYS B 205 -18.79 -3.86 17.19
N ARG B 206 -18.35 -3.74 15.95
CA ARG B 206 -16.92 -3.61 15.68
C ARG B 206 -16.36 -2.35 16.32
N TYR B 207 -17.05 -1.22 16.14
CA TYR B 207 -16.54 0.01 16.72
C TYR B 207 -16.58 0.02 18.24
N GLU B 208 -17.56 -0.65 18.84
CA GLU B 208 -17.61 -0.72 20.29
C GLU B 208 -16.43 -1.57 20.77
N ALA B 209 -16.01 -2.53 19.94
CA ALA B 209 -14.88 -3.39 20.28
C ALA B 209 -13.59 -2.58 20.34
N TYR B 210 -13.53 -1.50 19.55
CA TYR B 210 -12.36 -0.63 19.53
C TYR B 210 -12.39 0.30 20.75
N GLY B 211 -13.54 0.41 21.38
CA GLY B 211 -13.67 1.30 22.52
C GLY B 211 -14.39 2.58 22.14
N TRP B 212 -15.04 2.58 20.98
CA TRP B 212 -15.80 3.74 20.53
C TRP B 212 -17.20 3.65 21.07
N GLU B 213 -17.84 4.81 21.25
CA GLU B 213 -19.23 4.84 21.67
C GLU B 213 -19.94 4.87 20.33
N VAL B 214 -21.05 4.15 20.20
CA VAL B 214 -21.80 4.15 18.95
C VAL B 214 -23.22 4.61 19.22
N LEU B 215 -23.64 5.65 18.51
CA LEU B 215 -24.98 6.20 18.65
C LEU B 215 -25.71 5.97 17.32
N TYR B 216 -27.02 6.18 17.31
CA TYR B 216 -27.81 5.95 16.11
C TYR B 216 -28.81 7.06 15.79
N VAL B 217 -29.10 7.21 14.50
CA VAL B 217 -30.09 8.15 14.00
C VAL B 217 -30.80 7.36 12.92
N GLU B 218 -31.93 6.75 13.29
CA GLU B 218 -32.70 5.93 12.36
C GLU B 218 -33.16 6.65 11.10
N ASN B 219 -33.67 7.87 11.25
CA ASN B 219 -34.12 8.62 10.08
C ASN B 219 -33.23 9.80 9.74
N GLY B 220 -32.06 9.50 9.19
CA GLY B 220 -31.14 10.56 8.81
C GLY B 220 -31.64 11.40 7.66
N ASN B 221 -32.75 11.00 7.05
CA ASN B 221 -33.30 11.77 5.93
C ASN B 221 -34.03 13.03 6.38
N GLU B 222 -34.59 13.00 7.59
CA GLU B 222 -35.37 14.13 8.08
C GLU B 222 -35.17 14.50 9.55
N ASP B 223 -34.68 13.58 10.36
CA ASP B 223 -34.54 13.83 11.80
C ASP B 223 -33.46 14.81 12.22
N LEU B 224 -33.72 16.11 12.02
CA LEU B 224 -32.74 17.12 12.40
C LEU B 224 -32.45 17.11 13.89
N ALA B 225 -33.50 17.03 14.71
CA ALA B 225 -33.33 17.02 16.16
C ALA B 225 -32.53 15.81 16.61
N GLY B 226 -32.81 14.66 16.00
CA GLY B 226 -32.11 13.44 16.35
C GLY B 226 -30.63 13.54 16.03
N ILE B 227 -30.31 14.11 14.89
CA ILE B 227 -28.91 14.27 14.50
C ILE B 227 -28.24 15.20 15.50
N ALA B 228 -28.92 16.29 15.84
CA ALA B 228 -28.38 17.25 16.79
C ALA B 228 -28.19 16.59 18.15
N LYS B 229 -29.13 15.75 18.56
CA LYS B 229 -29.03 15.09 19.85
C LYS B 229 -27.85 14.12 19.89
N ALA B 230 -27.65 13.40 18.79
CA ALA B 230 -26.55 12.44 18.71
C ALA B 230 -25.22 13.18 18.88
N ILE B 231 -25.06 14.30 18.20
CA ILE B 231 -23.84 15.07 18.30
C ILE B 231 -23.65 15.58 19.74
N ALA B 232 -24.73 16.07 20.34
CA ALA B 232 -24.65 16.58 21.70
C ALA B 232 -24.19 15.46 22.65
N GLN B 233 -24.78 14.28 22.48
CA GLN B 233 -24.44 13.12 23.31
C GLN B 233 -22.97 12.73 23.11
N ALA B 234 -22.51 12.77 21.86
CA ALA B 234 -21.13 12.42 21.56
C ALA B 234 -20.16 13.28 22.36
N LYS B 235 -20.49 14.56 22.51
CA LYS B 235 -19.63 15.47 23.25
C LYS B 235 -19.55 15.15 24.73
N LEU B 236 -20.57 14.45 25.26
CA LEU B 236 -20.57 14.10 26.67
C LEU B 236 -19.61 12.96 27.00
N SER B 237 -19.37 12.08 26.04
CA SER B 237 -18.44 10.98 26.28
C SER B 237 -17.03 11.45 25.95
N LYS B 238 -16.44 12.18 26.88
CA LYS B 238 -15.09 12.74 26.69
C LYS B 238 -13.99 11.70 26.65
N ASP B 239 -14.31 10.48 27.09
CA ASP B 239 -13.34 9.39 27.15
C ASP B 239 -13.43 8.38 26.01
N LYS B 240 -14.29 8.64 25.02
CA LYS B 240 -14.44 7.72 23.90
C LYS B 240 -14.74 8.42 22.58
N PRO B 241 -14.07 8.03 21.49
CA PRO B 241 -14.41 8.69 20.24
C PRO B 241 -15.82 8.17 19.95
N THR B 242 -16.63 8.93 19.23
CA THR B 242 -18.00 8.50 18.96
C THR B 242 -18.34 8.36 17.49
N LEU B 243 -19.04 7.27 17.16
CA LEU B 243 -19.47 7.01 15.81
C LEU B 243 -20.99 7.05 15.81
N ILE B 244 -21.56 7.84 14.90
CA ILE B 244 -23.00 7.98 14.80
C ILE B 244 -23.45 7.27 13.52
N LYS B 245 -24.14 6.14 13.69
CA LYS B 245 -24.63 5.37 12.56
C LYS B 245 -25.94 6.01 12.14
N MET B 246 -25.88 6.82 11.09
CA MET B 246 -27.04 7.53 10.59
C MET B 246 -27.56 6.90 9.30
N THR B 247 -28.73 6.30 9.38
CA THR B 247 -29.31 5.65 8.22
C THR B 247 -29.96 6.68 7.30
N THR B 248 -29.62 6.62 6.02
CA THR B 248 -30.18 7.54 5.04
C THR B 248 -30.49 6.81 3.74
N THR B 249 -31.19 7.49 2.85
CA THR B 249 -31.50 6.94 1.54
C THR B 249 -30.61 7.69 0.57
N ILE B 250 -29.72 6.97 -0.10
CA ILE B 250 -28.82 7.62 -1.04
C ILE B 250 -29.65 8.29 -2.13
N GLY B 251 -29.28 9.53 -2.47
CA GLY B 251 -30.00 10.27 -3.49
C GLY B 251 -31.40 10.68 -3.09
N TYR B 252 -31.65 10.81 -1.79
CA TYR B 252 -32.96 11.20 -1.26
C TYR B 252 -33.56 12.34 -2.08
N GLY B 253 -34.79 12.14 -2.56
CA GLY B 253 -35.43 13.16 -3.37
C GLY B 253 -35.48 12.79 -4.83
N SER B 254 -34.47 12.07 -5.29
CA SER B 254 -34.40 11.63 -6.68
C SER B 254 -35.41 10.52 -6.94
N LEU B 255 -35.82 10.38 -8.20
CA LEU B 255 -36.76 9.34 -8.57
C LEU B 255 -36.08 7.98 -8.36
N HIS B 256 -34.76 7.98 -8.35
CA HIS B 256 -34.00 6.75 -8.17
C HIS B 256 -33.28 6.67 -6.82
N ALA B 257 -33.79 7.38 -5.83
CA ALA B 257 -33.18 7.35 -4.50
C ALA B 257 -33.14 5.90 -4.02
N GLY B 258 -32.06 5.54 -3.33
CA GLY B 258 -31.94 4.18 -2.83
C GLY B 258 -31.27 3.22 -3.80
N SER B 259 -31.00 3.69 -5.01
CA SER B 259 -30.36 2.87 -6.04
C SER B 259 -28.89 3.20 -6.19
N HIS B 260 -28.10 2.22 -6.60
CA HIS B 260 -26.67 2.42 -6.81
C HIS B 260 -26.46 3.34 -8.01
N SER B 261 -27.50 3.51 -8.83
CA SER B 261 -27.41 4.35 -10.01
C SER B 261 -27.21 5.83 -9.70
N VAL B 262 -27.57 6.26 -8.49
CA VAL B 262 -27.41 7.66 -8.14
C VAL B 262 -26.12 7.91 -7.36
N HIS B 263 -25.27 6.89 -7.27
CA HIS B 263 -24.01 7.05 -6.57
C HIS B 263 -23.07 8.02 -7.28
N GLY B 264 -22.78 7.76 -8.56
CA GLY B 264 -21.84 8.60 -9.27
C GLY B 264 -22.13 9.02 -10.70
N ALA B 265 -23.33 9.51 -10.95
CA ALA B 265 -23.69 10.00 -12.27
C ALA B 265 -24.69 11.12 -12.02
N PRO B 266 -24.61 12.21 -12.79
CA PRO B 266 -25.57 13.29 -12.56
C PRO B 266 -27.01 12.84 -12.78
N LEU B 267 -27.92 13.43 -12.02
CA LEU B 267 -29.34 13.09 -12.17
C LEU B 267 -29.78 13.64 -13.51
N LYS B 268 -30.73 12.98 -14.15
CA LYS B 268 -31.24 13.43 -15.44
C LYS B 268 -31.99 14.74 -15.25
N ALA B 269 -32.09 15.53 -16.32
CA ALA B 269 -32.77 16.81 -16.28
C ALA B 269 -34.16 16.76 -15.64
N ASP B 270 -35.00 15.85 -16.11
CA ASP B 270 -36.36 15.76 -15.56
C ASP B 270 -36.37 15.29 -14.11
N ASP B 271 -35.38 14.53 -13.70
CA ASP B 271 -35.32 14.06 -12.33
C ASP B 271 -35.03 15.29 -11.45
N VAL B 272 -34.13 16.15 -11.92
CA VAL B 272 -33.77 17.35 -11.20
C VAL B 272 -34.98 18.27 -11.09
N LYS B 273 -35.76 18.36 -12.16
CA LYS B 273 -36.95 19.21 -12.15
C LYS B 273 -37.95 18.78 -11.09
N GLN B 274 -38.29 17.49 -11.06
CA GLN B 274 -39.25 17.02 -10.07
C GLN B 274 -38.69 17.15 -8.66
N LEU B 275 -37.37 17.06 -8.54
CA LEU B 275 -36.73 17.19 -7.24
C LEU B 275 -36.96 18.59 -6.71
N LYS B 276 -36.74 19.58 -7.57
CA LYS B 276 -36.94 20.97 -7.19
C LYS B 276 -38.40 21.26 -6.85
N SER B 277 -39.31 20.85 -7.73
CA SER B 277 -40.73 21.08 -7.48
C SER B 277 -41.12 20.47 -6.14
N LYS B 278 -40.64 19.25 -5.90
CA LYS B 278 -40.92 18.53 -4.67
C LYS B 278 -40.53 19.34 -3.43
N PHE B 279 -39.40 20.02 -3.50
CA PHE B 279 -38.94 20.82 -2.37
C PHE B 279 -39.43 22.26 -2.41
N GLY B 280 -40.36 22.55 -3.32
CA GLY B 280 -40.90 23.89 -3.42
C GLY B 280 -40.03 24.90 -4.15
N PHE B 281 -39.12 24.41 -4.99
CA PHE B 281 -38.25 25.29 -5.77
C PHE B 281 -38.74 25.32 -7.22
N ASN B 282 -38.29 26.34 -7.96
CA ASN B 282 -38.66 26.49 -9.37
C ASN B 282 -37.85 25.49 -10.18
N PRO B 283 -38.52 24.53 -10.84
CA PRO B 283 -37.84 23.52 -11.65
C PRO B 283 -37.07 24.08 -12.85
N ASP B 284 -37.29 25.35 -13.17
CA ASP B 284 -36.61 25.95 -14.31
C ASP B 284 -35.47 26.90 -13.94
N LYS B 285 -35.09 26.91 -12.67
CA LYS B 285 -34.00 27.76 -12.22
C LYS B 285 -32.93 26.90 -11.55
N SER B 286 -31.68 27.34 -11.62
CA SER B 286 -30.57 26.59 -11.02
C SER B 286 -29.66 27.48 -10.20
N PHE B 287 -28.91 26.86 -9.29
CA PHE B 287 -27.97 27.56 -8.42
C PHE B 287 -28.69 28.69 -7.71
N VAL B 288 -29.80 28.34 -7.07
CA VAL B 288 -30.63 29.29 -6.35
C VAL B 288 -30.41 29.27 -4.84
N VAL B 289 -30.08 30.41 -4.27
CA VAL B 289 -29.90 30.49 -2.83
C VAL B 289 -30.84 31.56 -2.29
N PRO B 290 -31.92 31.14 -1.61
CA PRO B 290 -32.86 32.11 -1.06
C PRO B 290 -32.11 33.04 -0.12
N GLN B 291 -32.47 34.33 -0.14
CA GLN B 291 -31.80 35.29 0.73
C GLN B 291 -31.91 34.88 2.20
N GLU B 292 -33.07 34.33 2.59
CA GLU B 292 -33.28 33.92 3.98
C GLU B 292 -32.24 32.90 4.42
N VAL B 293 -31.70 32.14 3.48
CA VAL B 293 -30.71 31.13 3.82
C VAL B 293 -29.37 31.79 4.13
N TYR B 294 -28.96 32.75 3.30
CA TYR B 294 -27.72 33.47 3.54
C TYR B 294 -27.86 34.20 4.88
N ASP B 295 -29.02 34.82 5.09
CA ASP B 295 -29.26 35.54 6.34
C ASP B 295 -29.13 34.60 7.53
N HIS B 296 -29.73 33.42 7.41
CA HIS B 296 -29.71 32.44 8.48
C HIS B 296 -28.29 32.01 8.86
N TYR B 297 -27.48 31.69 7.86
CA TYR B 297 -26.11 31.26 8.13
C TYR B 297 -25.25 32.42 8.63
N GLN B 298 -25.56 33.63 8.19
CA GLN B 298 -24.82 34.81 8.63
C GLN B 298 -25.01 34.90 10.15
N LYS B 299 -26.26 34.75 10.57
CA LYS B 299 -26.61 34.84 11.98
C LYS B 299 -26.21 33.65 12.85
N THR B 300 -26.34 32.44 12.31
CA THR B 300 -26.03 31.25 13.09
C THR B 300 -24.61 30.69 13.01
N ILE B 301 -23.90 30.99 11.93
CA ILE B 301 -22.55 30.45 11.78
C ILE B 301 -21.43 31.48 11.61
N LEU B 302 -21.57 32.35 10.61
CA LEU B 302 -20.56 33.36 10.30
C LEU B 302 -20.29 34.40 11.39
N LYS B 303 -21.30 35.18 11.76
CA LYS B 303 -21.09 36.18 12.79
C LYS B 303 -20.66 35.56 14.11
N PRO B 304 -21.27 34.44 14.53
CA PRO B 304 -20.86 33.83 15.80
C PRO B 304 -19.42 33.31 15.70
N GLY B 305 -19.07 32.79 14.53
CA GLY B 305 -17.73 32.27 14.33
C GLY B 305 -16.68 33.37 14.38
N VAL B 306 -17.00 34.50 13.75
CA VAL B 306 -16.10 35.64 13.74
C VAL B 306 -15.88 36.13 15.17
N GLU B 307 -16.94 36.15 15.96
CA GLU B 307 -16.85 36.61 17.35
C GLU B 307 -16.07 35.62 18.21
N ALA B 308 -16.25 34.33 17.96
CA ALA B 308 -15.53 33.32 18.72
C ALA B 308 -14.04 33.46 18.43
N ASN B 309 -13.70 33.68 17.16
CA ASN B 309 -12.30 33.84 16.77
C ASN B 309 -11.76 35.10 17.44
N ASN B 310 -12.61 36.12 17.53
CA ASN B 310 -12.23 37.39 18.15
C ASN B 310 -11.92 37.20 19.64
N LYS B 311 -12.81 36.51 20.34
CA LYS B 311 -12.60 36.26 21.77
C LYS B 311 -11.32 35.44 21.96
N TRP B 312 -11.08 34.49 21.06
CA TRP B 312 -9.90 33.65 21.14
C TRP B 312 -8.63 34.49 20.98
N ASN B 313 -8.63 35.40 20.01
CA ASN B 313 -7.48 36.26 19.78
C ASN B 313 -7.21 37.10 21.05
N LYS B 314 -8.28 37.54 21.70
CA LYS B 314 -8.14 38.33 22.92
C LYS B 314 -7.53 37.47 24.01
N LEU B 315 -8.04 36.25 24.15
CA LEU B 315 -7.54 35.31 25.15
C LEU B 315 -6.07 34.99 24.93
N PHE B 316 -5.68 34.77 23.67
CA PHE B 316 -4.30 34.44 23.35
C PHE B 316 -3.36 35.63 23.59
N SER B 317 -3.85 36.84 23.33
CA SER B 317 -3.05 38.03 23.54
C SER B 317 -2.70 38.14 25.02
N GLU B 318 -3.69 37.90 25.88
CA GLU B 318 -3.50 37.96 27.33
C GLU B 318 -2.58 36.81 27.78
N TYR B 319 -2.75 35.65 27.14
CA TYR B 319 -1.95 34.47 27.44
C TYR B 319 -0.47 34.78 27.24
N GLN B 320 -0.17 35.46 26.14
CA GLN B 320 1.21 35.81 25.81
C GLN B 320 1.82 36.75 26.85
N LYS B 321 0.98 37.52 27.53
CA LYS B 321 1.46 38.43 28.56
C LYS B 321 1.64 37.65 29.87
N LYS B 322 0.71 36.74 30.12
CA LYS B 322 0.72 35.89 31.32
C LYS B 322 1.85 34.87 31.28
N PHE B 323 2.04 34.25 30.12
CA PHE B 323 3.05 33.23 29.93
C PHE B 323 3.94 33.62 28.76
N PRO B 324 4.89 34.53 28.99
CA PRO B 324 5.81 35.01 27.96
C PRO B 324 6.49 33.91 27.13
N GLU B 325 7.06 32.94 27.82
CA GLU B 325 7.76 31.84 27.16
C GLU B 325 6.84 30.93 26.34
N LEU B 326 5.84 30.34 26.99
CA LEU B 326 4.92 29.46 26.29
C LEU B 326 4.15 30.24 25.22
N GLY B 327 3.84 31.49 25.53
CA GLY B 327 3.12 32.32 24.58
C GLY B 327 3.93 32.60 23.33
N ALA B 328 5.20 32.91 23.51
CA ALA B 328 6.07 33.19 22.36
C ALA B 328 6.27 31.90 21.58
N GLU B 329 6.35 30.77 22.28
CA GLU B 329 6.52 29.48 21.63
C GLU B 329 5.35 29.16 20.72
N LEU B 330 4.13 29.28 21.24
CA LEU B 330 2.95 29.00 20.42
C LEU B 330 2.85 30.02 19.30
N ALA B 331 3.13 31.29 19.60
CA ALA B 331 3.07 32.33 18.59
C ALA B 331 3.99 31.95 17.42
N ARG B 332 5.20 31.52 17.75
CA ARG B 332 6.16 31.12 16.73
C ARG B 332 5.58 29.99 15.90
N ARG B 333 5.08 28.96 16.56
CA ARG B 333 4.52 27.82 15.86
C ARG B 333 3.36 28.21 14.96
N LEU B 334 2.51 29.11 15.42
CA LEU B 334 1.38 29.53 14.60
C LEU B 334 1.85 30.32 13.37
N SER B 335 3.05 30.88 13.45
CA SER B 335 3.57 31.63 12.32
C SER B 335 4.16 30.65 11.31
N GLY B 336 4.25 29.39 11.71
CA GLY B 336 4.76 28.36 10.83
C GLY B 336 6.28 28.37 10.66
N GLN B 337 6.99 28.87 11.66
CA GLN B 337 8.45 28.94 11.58
C GLN B 337 9.15 28.18 12.71
N LEU B 338 10.25 27.52 12.37
CA LEU B 338 11.03 26.78 13.36
C LEU B 338 11.83 27.82 14.13
N PRO B 339 12.43 27.42 15.27
CA PRO B 339 13.22 28.37 16.05
C PRO B 339 14.39 28.93 15.25
N ALA B 340 14.71 30.20 15.45
CA ALA B 340 15.82 30.81 14.73
C ALA B 340 17.11 30.07 15.06
N ASN B 341 17.83 29.67 14.01
CA ASN B 341 19.10 28.96 14.17
C ASN B 341 18.97 27.61 14.86
N TRP B 342 17.79 27.00 14.79
CA TRP B 342 17.57 25.70 15.42
C TRP B 342 18.56 24.65 14.89
N GLU B 343 18.93 24.80 13.62
CA GLU B 343 19.83 23.85 12.99
C GLU B 343 21.20 23.77 13.66
N SER B 344 21.51 24.77 14.50
CA SER B 344 22.79 24.79 15.19
C SER B 344 22.93 23.59 16.12
N LYS B 345 21.81 22.96 16.45
CA LYS B 345 21.82 21.81 17.35
C LYS B 345 21.99 20.47 16.63
N LEU B 346 22.01 20.50 15.30
CA LEU B 346 22.18 19.27 14.53
C LEU B 346 23.63 18.80 14.67
N PRO B 347 23.83 17.49 14.91
CA PRO B 347 25.15 16.90 15.07
C PRO B 347 26.00 17.05 13.80
N THR B 348 27.29 17.27 13.99
CA THR B 348 28.22 17.40 12.87
C THR B 348 29.38 16.44 13.10
N TYR B 349 29.97 15.95 12.01
CA TYR B 349 31.06 15.00 12.13
C TYR B 349 32.22 15.29 11.17
N THR B 350 33.33 14.57 11.38
CA THR B 350 34.52 14.70 10.56
C THR B 350 35.03 13.29 10.29
N ALA B 351 35.96 13.17 9.34
CA ALA B 351 36.53 11.87 9.00
C ALA B 351 37.21 11.20 10.18
N LYS B 352 37.47 11.97 11.23
CA LYS B 352 38.11 11.44 12.42
C LYS B 352 37.16 10.69 13.33
N ASP B 353 35.87 11.00 13.24
CA ASP B 353 34.88 10.34 14.08
C ASP B 353 34.72 8.87 13.69
N SER B 354 34.25 8.07 14.64
CA SER B 354 34.05 6.64 14.41
C SER B 354 32.91 6.35 13.45
N ALA B 355 32.85 5.11 12.96
CA ALA B 355 31.81 4.68 12.05
C ALA B 355 30.52 4.44 12.83
N VAL B 356 29.40 4.81 12.23
CA VAL B 356 28.09 4.64 12.87
C VAL B 356 27.03 4.30 11.83
N ALA B 357 26.04 3.52 12.22
CA ALA B 357 24.95 3.16 11.31
C ALA B 357 24.09 4.41 11.20
N THR B 358 23.56 4.71 10.02
CA THR B 358 22.74 5.90 9.87
C THR B 358 21.48 5.81 10.73
N ARG B 359 21.12 4.58 11.10
CA ARG B 359 19.97 4.35 11.94
C ARG B 359 20.25 4.96 13.31
N LYS B 360 21.47 4.75 13.80
CA LYS B 360 21.90 5.27 15.09
C LYS B 360 22.12 6.78 15.01
N LEU B 361 22.67 7.24 13.89
CA LEU B 361 22.92 8.66 13.69
C LEU B 361 21.60 9.41 13.75
N SER B 362 20.56 8.79 13.17
CA SER B 362 19.22 9.37 13.17
C SER B 362 18.74 9.53 14.60
N GLU B 363 18.95 8.50 15.40
CA GLU B 363 18.54 8.52 16.81
C GLU B 363 19.19 9.69 17.52
N THR B 364 20.46 9.93 17.23
CA THR B 364 21.20 11.02 17.85
C THR B 364 20.67 12.39 17.45
N VAL B 365 20.25 12.54 16.19
CA VAL B 365 19.67 13.79 15.73
C VAL B 365 18.40 14.08 16.53
N LEU B 366 17.54 13.07 16.61
CA LEU B 366 16.28 13.20 17.33
C LEU B 366 16.54 13.59 18.79
N GLU B 367 17.53 12.95 19.40
CA GLU B 367 17.88 13.27 20.78
C GLU B 367 18.38 14.70 20.93
N ASP B 368 19.10 15.19 19.92
CA ASP B 368 19.66 16.53 19.97
C ASP B 368 18.73 17.66 19.56
N VAL B 369 17.56 17.36 19.03
CA VAL B 369 16.65 18.42 18.61
C VAL B 369 15.23 18.38 19.19
N TYR B 370 14.85 17.27 19.83
CA TYR B 370 13.50 17.19 20.35
C TYR B 370 13.16 18.30 21.34
N ASN B 371 14.12 18.70 22.15
CA ASN B 371 13.87 19.75 23.13
C ASN B 371 13.79 21.10 22.43
N GLN B 372 14.58 21.26 21.39
CA GLN B 372 14.63 22.50 20.61
C GLN B 372 13.36 22.68 19.76
N LEU B 373 12.72 21.56 19.40
CA LEU B 373 11.51 21.58 18.58
C LEU B 373 10.31 21.00 19.29
N PRO B 374 9.60 21.81 20.08
CA PRO B 374 8.42 21.34 20.81
C PRO B 374 7.32 20.79 19.91
N GLU B 375 7.31 21.20 18.65
CA GLU B 375 6.30 20.74 17.69
C GLU B 375 6.64 19.37 17.10
N LEU B 376 7.82 18.85 17.42
CA LEU B 376 8.23 17.55 16.92
C LEU B 376 7.47 16.44 17.65
N ILE B 377 6.77 15.60 16.89
CA ILE B 377 6.01 14.50 17.47
C ILE B 377 6.42 13.21 16.74
N GLY B 378 7.09 12.32 17.46
CA GLY B 378 7.55 11.09 16.83
C GLY B 378 6.71 9.86 17.12
N GLY B 379 7.17 8.73 16.59
CA GLY B 379 6.47 7.47 16.80
C GLY B 379 7.03 6.38 15.92
N SER B 380 6.52 5.17 16.12
CA SER B 380 6.94 4.02 15.33
C SER B 380 5.79 3.04 15.22
N ALA B 381 5.79 2.27 14.14
CA ALA B 381 4.75 1.27 13.93
C ALA B 381 5.25 -0.04 14.56
N ASP B 382 5.29 -0.06 15.90
CA ASP B 382 5.74 -1.22 16.66
C ASP B 382 7.18 -1.63 16.39
N LEU B 383 8.04 -0.66 16.08
CA LEU B 383 9.45 -0.94 15.80
C LEU B 383 10.37 0.07 16.48
N THR B 384 9.94 0.57 17.64
CA THR B 384 10.72 1.55 18.37
C THR B 384 12.17 1.13 18.63
N PRO B 385 12.40 -0.09 19.14
CA PRO B 385 13.77 -0.54 19.41
C PRO B 385 14.58 -0.84 18.14
N SER B 386 13.90 -0.92 17.01
CA SER B 386 14.55 -1.21 15.73
C SER B 386 14.82 0.06 14.93
N ASN B 387 13.86 0.98 14.95
CA ASN B 387 13.97 2.24 14.23
C ASN B 387 14.80 3.26 15.01
N LEU B 388 14.85 3.10 16.33
CA LEU B 388 15.58 4.01 17.22
C LEU B 388 15.02 5.43 17.11
N THR B 389 13.70 5.52 17.12
CA THR B 389 12.97 6.77 16.97
C THR B 389 12.52 7.48 18.26
N ARG B 390 12.71 6.84 19.41
CA ARG B 390 12.28 7.42 20.67
C ARG B 390 13.44 7.97 21.49
N TRP B 391 13.41 9.26 21.81
CA TRP B 391 14.48 9.86 22.60
C TRP B 391 14.41 9.36 24.05
N LYS B 392 15.56 9.36 24.72
CA LYS B 392 15.68 8.87 26.08
C LYS B 392 14.60 9.22 27.11
N GLU B 393 14.39 10.50 27.35
CA GLU B 393 13.41 10.94 28.35
C GLU B 393 12.02 11.24 27.81
N ALA B 394 11.67 10.67 26.66
CA ALA B 394 10.36 10.93 26.07
C ALA B 394 9.20 10.42 26.92
N LEU B 395 8.04 11.03 26.74
CA LEU B 395 6.82 10.63 27.42
C LEU B 395 5.88 10.25 26.29
N ASP B 396 5.35 9.04 26.33
CA ASP B 396 4.45 8.59 25.26
C ASP B 396 3.12 9.33 25.24
N PHE B 397 2.60 9.53 24.03
CA PHE B 397 1.31 10.18 23.87
C PHE B 397 0.31 9.07 24.18
N GLN B 398 -0.46 9.24 25.24
CA GLN B 398 -1.43 8.24 25.66
C GLN B 398 -2.53 8.90 26.48
N PRO B 399 -3.67 8.21 26.66
CA PRO B 399 -4.76 8.78 27.45
C PRO B 399 -4.22 8.78 28.89
N PRO B 400 -4.62 9.76 29.71
CA PRO B 400 -4.16 9.87 31.10
C PRO B 400 -4.38 8.60 31.93
N SER B 401 -5.46 7.89 31.64
CA SER B 401 -5.79 6.67 32.39
C SER B 401 -4.90 5.47 32.03
N SER B 402 -4.08 5.60 31.00
CA SER B 402 -3.21 4.50 30.58
C SER B 402 -2.15 4.10 31.61
N GLY B 403 -1.44 5.09 32.13
CA GLY B 403 -0.39 4.81 33.09
C GLY B 403 0.94 4.74 32.36
N SER B 404 0.90 4.92 31.04
CA SER B 404 2.09 4.88 30.19
C SER B 404 2.44 6.27 29.66
N GLY B 405 1.58 7.25 29.97
CA GLY B 405 1.80 8.62 29.52
C GLY B 405 0.51 9.40 29.53
N ASN B 406 0.50 10.54 28.87
CA ASN B 406 -0.72 11.35 28.78
C ASN B 406 -0.71 12.14 27.47
N TYR B 407 -1.69 13.00 27.26
CA TYR B 407 -1.78 13.75 26.01
C TYR B 407 -0.69 14.78 25.76
N SER B 408 0.13 15.07 26.78
CA SER B 408 1.22 16.02 26.60
C SER B 408 2.41 15.24 26.04
N GLY B 409 2.29 13.91 26.03
CA GLY B 409 3.36 13.07 25.51
C GLY B 409 3.61 13.36 24.04
N ARG B 410 4.85 13.14 23.59
CA ARG B 410 5.22 13.42 22.20
C ARG B 410 5.68 12.21 21.39
N TYR B 411 5.47 11.02 21.92
CA TYR B 411 5.86 9.80 21.22
C TYR B 411 4.65 8.87 21.08
N ILE B 412 4.32 8.55 19.84
CA ILE B 412 3.16 7.72 19.54
C ILE B 412 3.45 6.25 19.26
N ARG B 413 2.74 5.37 19.95
CA ARG B 413 2.87 3.93 19.75
C ARG B 413 1.80 3.57 18.73
N TYR B 414 2.16 3.63 17.45
CA TYR B 414 1.20 3.34 16.39
C TYR B 414 0.79 1.88 16.24
N GLY B 415 1.59 0.97 16.78
CA GLY B 415 1.27 -0.44 16.63
C GLY B 415 1.63 -0.86 15.21
N ILE B 416 1.26 -2.07 14.81
CA ILE B 416 1.58 -2.53 13.46
C ILE B 416 0.53 -1.99 12.48
N ARG B 417 0.59 -0.68 12.24
CA ARG B 417 -0.37 0.01 11.38
C ARG B 417 0.29 1.10 10.54
N GLU B 418 1.11 0.69 9.57
CA GLU B 418 1.82 1.65 8.73
C GLU B 418 0.91 2.60 7.96
N HIS B 419 -0.10 2.05 7.30
CA HIS B 419 -0.99 2.89 6.51
C HIS B 419 -1.68 3.96 7.35
N ALA B 420 -2.25 3.56 8.48
CA ALA B 420 -2.92 4.52 9.35
C ALA B 420 -1.90 5.53 9.87
N MET B 421 -0.69 5.06 10.18
CA MET B 421 0.35 5.97 10.68
C MET B 421 0.60 7.06 9.63
N GLY B 422 0.64 6.66 8.37
CA GLY B 422 0.87 7.62 7.31
C GLY B 422 -0.23 8.67 7.24
N ALA B 423 -1.49 8.23 7.29
CA ALA B 423 -2.62 9.17 7.22
C ALA B 423 -2.78 9.98 8.51
N ILE B 424 -2.42 9.38 9.63
CA ILE B 424 -2.53 10.10 10.90
C ILE B 424 -1.47 11.21 10.94
N MET B 425 -0.28 10.93 10.41
CA MET B 425 0.75 11.97 10.39
C MET B 425 0.25 13.10 9.49
N ASN B 426 -0.40 12.75 8.40
CA ASN B 426 -0.94 13.78 7.50
C ASN B 426 -1.92 14.66 8.27
N GLY B 427 -2.75 14.03 9.10
CA GLY B 427 -3.74 14.75 9.88
C GLY B 427 -3.13 15.64 10.94
N ILE B 428 -2.07 15.16 11.58
CA ILE B 428 -1.36 15.91 12.59
C ILE B 428 -0.71 17.13 11.92
N SER B 429 -0.08 16.89 10.78
CA SER B 429 0.55 17.96 10.01
C SER B 429 -0.50 18.99 9.59
N ALA B 430 -1.63 18.49 9.06
CA ALA B 430 -2.71 19.35 8.60
C ALA B 430 -3.34 20.20 9.69
N PHE B 431 -3.28 19.72 10.93
CA PHE B 431 -3.86 20.47 12.05
C PHE B 431 -3.28 21.88 12.14
N GLY B 432 -1.97 21.99 11.95
CA GLY B 432 -1.31 23.28 12.01
C GLY B 432 -0.39 23.40 13.22
N ALA B 433 -0.23 24.63 13.72
CA ALA B 433 0.64 24.89 14.87
C ALA B 433 2.02 24.30 14.62
N ASN B 434 2.42 24.31 13.34
CA ASN B 434 3.72 23.79 12.91
C ASN B 434 4.06 22.37 13.38
N TYR B 435 3.04 21.56 13.66
CA TYR B 435 3.32 20.19 14.10
C TYR B 435 4.22 19.48 13.09
N LYS B 436 5.24 18.79 13.61
CA LYS B 436 6.18 18.06 12.77
C LYS B 436 6.18 16.58 13.14
N PRO B 437 5.22 15.83 12.60
CA PRO B 437 5.19 14.40 12.94
C PRO B 437 6.18 13.58 12.11
N TYR B 438 6.73 12.56 12.73
CA TYR B 438 7.62 11.64 12.02
C TYR B 438 7.23 10.25 12.51
N GLY B 439 7.36 9.26 11.64
CA GLY B 439 7.01 7.91 12.01
C GLY B 439 8.01 6.91 11.49
N GLY B 440 8.36 5.94 12.32
CA GLY B 440 9.32 4.95 11.91
C GLY B 440 8.76 3.58 11.59
N THR B 441 9.43 2.91 10.67
CA THR B 441 9.10 1.54 10.26
C THR B 441 10.21 1.11 9.32
N PHE B 442 10.19 -0.15 8.90
CA PHE B 442 11.20 -0.63 7.97
C PHE B 442 10.85 -0.06 6.60
N LEU B 443 11.86 0.36 5.86
CA LEU B 443 11.64 0.92 4.53
C LEU B 443 10.72 0.05 3.67
N ASN B 444 10.91 -1.25 3.72
CA ASN B 444 10.09 -2.15 2.92
C ASN B 444 8.60 -2.11 3.24
N PHE B 445 8.25 -1.71 4.45
CA PHE B 445 6.84 -1.67 4.83
C PHE B 445 6.21 -0.30 4.73
N VAL B 446 7.00 0.68 4.30
CA VAL B 446 6.48 2.02 4.07
C VAL B 446 5.50 1.80 2.92
N SER B 447 5.81 0.79 2.09
CA SER B 447 5.00 0.44 0.94
C SER B 447 3.56 0.07 1.30
N TYR B 448 3.36 -0.37 2.54
CA TYR B 448 2.03 -0.74 3.04
C TYR B 448 1.18 0.51 3.17
N ALA B 449 1.84 1.66 3.24
CA ALA B 449 1.15 2.93 3.41
C ALA B 449 1.16 3.82 2.16
N ALA B 450 1.43 3.24 1.00
CA ALA B 450 1.48 4.02 -0.23
C ALA B 450 0.26 4.92 -0.45
N GLY B 451 -0.93 4.45 -0.09
CA GLY B 451 -2.12 5.25 -0.27
C GLY B 451 -2.02 6.60 0.40
N ALA B 452 -1.55 6.59 1.64
CA ALA B 452 -1.40 7.82 2.43
C ALA B 452 -0.20 8.65 1.99
N VAL B 453 0.93 7.99 1.75
CA VAL B 453 2.14 8.70 1.31
C VAL B 453 1.85 9.51 0.05
N ARG B 454 1.07 8.93 -0.86
CA ARG B 454 0.75 9.62 -2.11
C ARG B 454 0.04 10.94 -1.82
N LEU B 455 -0.85 10.94 -0.84
CA LEU B 455 -1.57 12.16 -0.49
C LEU B 455 -0.66 13.15 0.23
N SER B 456 0.36 12.62 0.92
CA SER B 456 1.30 13.49 1.60
C SER B 456 1.98 14.32 0.51
N ALA B 457 2.31 13.66 -0.60
CA ALA B 457 2.97 14.32 -1.73
C ALA B 457 2.02 15.25 -2.48
N LEU B 458 0.82 14.76 -2.79
CA LEU B 458 -0.15 15.56 -3.53
C LEU B 458 -0.61 16.78 -2.75
N SER B 459 -0.99 16.59 -1.50
CA SER B 459 -1.46 17.70 -0.68
C SER B 459 -0.31 18.59 -0.22
N GLY B 460 0.87 17.98 -0.05
CA GLY B 460 2.01 18.73 0.41
C GLY B 460 2.14 18.78 1.92
N HIS B 461 1.93 17.65 2.59
CA HIS B 461 2.08 17.58 4.04
C HIS B 461 3.53 17.16 4.27
N PRO B 462 4.34 18.02 4.91
CA PRO B 462 5.74 17.69 5.16
C PRO B 462 6.03 16.65 6.24
N VAL B 463 5.30 15.55 6.21
CA VAL B 463 5.51 14.48 7.20
C VAL B 463 6.85 13.78 6.91
N ILE B 464 7.40 13.14 7.93
CA ILE B 464 8.68 12.46 7.80
C ILE B 464 8.63 10.98 8.17
N TRP B 465 9.11 10.13 7.27
CA TRP B 465 9.17 8.70 7.52
C TRP B 465 10.61 8.32 7.84
N VAL B 466 10.81 7.76 9.02
CA VAL B 466 12.14 7.31 9.42
C VAL B 466 12.14 5.85 9.05
N ALA B 467 12.61 5.56 7.84
CA ALA B 467 12.62 4.21 7.29
C ALA B 467 13.95 3.51 7.40
N THR B 468 14.11 2.69 8.43
CA THR B 468 15.35 1.96 8.67
C THR B 468 15.37 0.63 7.93
N HIS B 469 16.52 -0.05 7.97
CA HIS B 469 16.69 -1.35 7.30
C HIS B 469 16.35 -1.18 5.83
N ASP B 470 17.11 -0.31 5.17
CA ASP B 470 16.88 0.06 3.78
C ASP B 470 17.27 -0.89 2.65
N SER B 471 17.92 -2.01 2.94
CA SER B 471 18.33 -2.90 1.85
C SER B 471 18.68 -4.31 2.29
N ILE B 472 19.41 -5.01 1.42
CA ILE B 472 19.86 -6.36 1.71
C ILE B 472 20.71 -6.34 2.96
N GLY B 473 21.13 -5.14 3.37
CA GLY B 473 21.93 -5.01 4.57
C GLY B 473 21.16 -5.57 5.76
N VAL B 474 19.86 -5.76 5.57
CA VAL B 474 18.99 -6.33 6.59
C VAL B 474 19.52 -7.71 6.96
N GLY B 475 20.03 -8.43 5.96
CA GLY B 475 20.57 -9.74 6.19
C GLY B 475 19.59 -10.90 6.35
N GLU B 476 19.68 -11.58 7.49
CA GLU B 476 18.87 -12.76 7.76
C GLU B 476 17.36 -12.73 7.58
N ASP B 477 16.70 -11.62 7.88
CA ASP B 477 15.25 -11.59 7.72
C ASP B 477 14.85 -11.94 6.29
N GLY B 478 15.76 -11.73 5.35
CA GLY B 478 15.48 -12.12 3.98
C GLY B 478 14.72 -11.19 3.04
N PRO B 479 14.42 -11.68 1.82
CA PRO B 479 13.72 -10.96 0.76
C PRO B 479 12.38 -10.30 1.09
N THR B 480 11.61 -10.87 2.02
CA THR B 480 10.33 -10.26 2.37
C THR B 480 10.55 -8.99 3.17
N HIS B 481 11.79 -8.76 3.60
CA HIS B 481 12.14 -7.58 4.39
C HIS B 481 13.15 -6.67 3.72
N GLN B 482 13.67 -7.10 2.57
CA GLN B 482 14.67 -6.30 1.87
C GLN B 482 14.16 -5.50 0.67
N PRO B 483 14.10 -4.17 0.79
CA PRO B 483 13.64 -3.26 -0.25
C PRO B 483 14.46 -3.42 -1.54
N ILE B 484 13.81 -3.34 -2.69
CA ILE B 484 14.47 -3.41 -4.01
C ILE B 484 13.87 -2.29 -4.88
N GLU B 485 12.55 -2.23 -4.95
CA GLU B 485 11.80 -1.27 -5.75
C GLU B 485 11.35 -0.02 -4.98
N THR B 486 11.43 -0.05 -3.65
CA THR B 486 10.94 1.06 -2.81
C THR B 486 11.40 2.48 -3.14
N LEU B 487 12.71 2.70 -3.25
CA LEU B 487 13.20 4.04 -3.55
C LEU B 487 12.75 4.48 -4.94
N ALA B 488 12.88 3.58 -5.91
CA ALA B 488 12.50 3.86 -7.29
C ALA B 488 11.03 4.28 -7.34
N HIS B 489 10.20 3.59 -6.57
CA HIS B 489 8.77 3.88 -6.49
C HIS B 489 8.52 5.34 -6.08
N PHE B 490 9.02 5.71 -4.90
CA PHE B 490 8.80 7.05 -4.41
C PHE B 490 9.58 8.14 -5.16
N ARG B 491 10.66 7.77 -5.83
CA ARG B 491 11.41 8.76 -6.61
C ARG B 491 10.61 9.09 -7.86
N SER B 492 9.68 8.20 -8.20
CA SER B 492 8.81 8.38 -9.37
C SER B 492 7.54 9.14 -8.97
N LEU B 493 7.35 9.31 -7.67
CA LEU B 493 6.19 10.03 -7.16
C LEU B 493 6.57 11.50 -7.05
N PRO B 494 5.76 12.39 -7.66
CA PRO B 494 6.08 13.82 -7.59
C PRO B 494 6.00 14.34 -6.16
N ASN B 495 6.80 15.37 -5.90
CA ASN B 495 6.82 16.06 -4.61
C ASN B 495 7.11 15.25 -3.34
N ILE B 496 8.18 14.48 -3.34
CA ILE B 496 8.55 13.75 -2.14
C ILE B 496 10.06 13.58 -2.11
N GLN B 497 10.65 13.90 -0.96
CA GLN B 497 12.10 13.75 -0.80
C GLN B 497 12.35 12.30 -0.42
N VAL B 498 13.36 11.70 -1.02
CA VAL B 498 13.72 10.33 -0.71
C VAL B 498 15.20 10.35 -0.34
N TRP B 499 15.45 10.67 0.93
CA TRP B 499 16.81 10.76 1.45
C TRP B 499 17.41 9.41 1.78
N ARG B 500 18.67 9.22 1.42
CA ARG B 500 19.37 7.98 1.73
C ARG B 500 20.78 8.45 2.12
N PRO B 501 20.89 9.08 3.31
CA PRO B 501 22.15 9.61 3.86
C PRO B 501 23.27 8.58 3.99
N ALA B 502 24.46 8.98 3.54
CA ALA B 502 25.63 8.10 3.58
C ALA B 502 26.34 8.08 4.92
N ASP B 503 26.34 9.21 5.62
CA ASP B 503 27.02 9.25 6.91
C ASP B 503 26.44 10.29 7.88
N GLY B 504 27.19 10.57 8.95
CA GLY B 504 26.74 11.51 9.95
C GLY B 504 26.26 12.85 9.44
N ASN B 505 27.09 13.52 8.65
CA ASN B 505 26.71 14.82 8.13
C ASN B 505 25.51 14.75 7.19
N GLU B 506 25.46 13.72 6.36
CA GLU B 506 24.33 13.59 5.44
C GLU B 506 23.03 13.36 6.21
N VAL B 507 23.10 12.64 7.32
CA VAL B 507 21.89 12.39 8.11
C VAL B 507 21.36 13.72 8.65
N SER B 508 22.25 14.59 9.11
CA SER B 508 21.81 15.88 9.62
C SER B 508 21.24 16.75 8.50
N ALA B 509 21.83 16.64 7.31
CA ALA B 509 21.34 17.41 6.17
C ALA B 509 19.91 16.93 5.86
N ALA B 510 19.72 15.61 5.86
CA ALA B 510 18.42 15.03 5.59
C ALA B 510 17.36 15.56 6.55
N TYR B 511 17.69 15.57 7.84
CA TYR B 511 16.75 16.08 8.82
C TYR B 511 16.57 17.59 8.71
N LYS B 512 17.64 18.30 8.38
CA LYS B 512 17.54 19.75 8.26
C LYS B 512 16.55 20.11 7.17
N ASN B 513 16.75 19.53 5.98
CA ASN B 513 15.87 19.79 4.85
C ASN B 513 14.45 19.29 5.07
N SER B 514 14.32 18.12 5.68
CA SER B 514 13.01 17.53 5.93
C SER B 514 12.18 18.36 6.90
N LEU B 515 12.80 18.82 7.99
CA LEU B 515 12.10 19.62 8.98
C LEU B 515 11.78 21.04 8.52
N GLU B 516 12.67 21.64 7.72
CA GLU B 516 12.43 23.00 7.23
C GLU B 516 11.40 23.00 6.11
N SER B 517 11.18 21.84 5.51
CA SER B 517 10.22 21.70 4.43
C SER B 517 8.81 22.11 4.86
N LYS B 518 8.14 22.92 4.04
CA LYS B 518 6.78 23.36 4.32
C LYS B 518 5.73 22.64 3.48
N HIS B 519 6.09 22.24 2.27
CA HIS B 519 5.11 21.59 1.40
C HIS B 519 5.54 20.27 0.79
N THR B 520 6.61 19.66 1.30
CA THR B 520 7.06 18.40 0.73
C THR B 520 7.41 17.33 1.77
N PRO B 521 6.73 16.17 1.70
CA PRO B 521 7.01 15.09 2.65
C PRO B 521 8.40 14.50 2.44
N SER B 522 8.83 13.66 3.36
CA SER B 522 10.14 13.06 3.27
C SER B 522 10.25 11.63 3.79
N ILE B 523 11.04 10.83 3.09
CA ILE B 523 11.30 9.46 3.50
C ILE B 523 12.80 9.44 3.67
N ILE B 524 13.26 9.12 4.88
CA ILE B 524 14.69 9.06 5.14
C ILE B 524 15.05 7.59 5.29
N ALA B 525 15.74 7.05 4.28
CA ALA B 525 16.14 5.65 4.26
C ALA B 525 17.43 5.48 5.04
N LEU B 526 17.36 4.68 6.10
CA LEU B 526 18.50 4.45 6.97
C LEU B 526 18.98 3.01 7.01
N SER B 527 20.28 2.84 7.27
CA SER B 527 20.90 1.53 7.32
C SER B 527 21.13 1.08 8.75
N ARG B 528 21.35 -0.21 8.91
CA ARG B 528 21.61 -0.76 10.22
C ARG B 528 23.10 -1.09 10.38
N GLN B 529 23.78 -1.24 9.26
CA GLN B 529 25.21 -1.55 9.29
C GLN B 529 26.01 -0.27 9.53
N ASN B 530 27.18 -0.42 10.16
CA ASN B 530 28.02 0.72 10.45
C ASN B 530 28.66 1.25 9.18
N LEU B 531 28.73 2.58 9.08
CA LEU B 531 29.34 3.25 7.93
C LEU B 531 30.31 4.30 8.46
N PRO B 532 31.44 4.51 7.77
CA PRO B 532 32.44 5.50 8.19
C PRO B 532 32.05 6.94 7.90
N GLN B 533 32.61 7.87 8.67
CA GLN B 533 32.33 9.28 8.46
C GLN B 533 33.19 9.68 7.26
N LEU B 534 32.52 10.03 6.17
CA LEU B 534 33.18 10.38 4.92
C LEU B 534 34.00 11.66 4.92
N GLU B 535 35.14 11.58 4.24
CA GLU B 535 36.02 12.73 4.09
C GLU B 535 35.46 13.48 2.89
N GLY B 536 34.92 14.67 3.13
CA GLY B 536 34.35 15.45 2.05
C GLY B 536 32.87 15.72 2.21
N SER B 537 32.26 15.12 3.22
CA SER B 537 30.83 15.32 3.45
C SER B 537 30.61 16.51 4.39
N SER B 538 29.44 17.12 4.30
CA SER B 538 29.08 18.26 5.14
C SER B 538 27.58 18.48 5.02
N ILE B 539 26.99 19.08 6.04
CA ILE B 539 25.56 19.36 6.02
C ILE B 539 25.25 20.31 4.86
N GLU B 540 26.06 21.35 4.72
CA GLU B 540 25.87 22.34 3.67
C GLU B 540 25.79 21.71 2.27
N SER B 541 26.78 20.89 1.94
CA SER B 541 26.83 20.25 0.64
C SER B 541 25.72 19.21 0.44
N ALA B 542 25.52 18.36 1.44
CA ALA B 542 24.49 17.33 1.35
C ALA B 542 23.09 17.94 1.28
N SER B 543 22.94 19.14 1.82
CA SER B 543 21.64 19.82 1.79
C SER B 543 21.24 20.20 0.38
N LYS B 544 22.15 20.02 -0.57
CA LYS B 544 21.88 20.33 -1.98
C LYS B 544 21.37 19.09 -2.72
N GLY B 545 21.23 17.98 -1.99
CA GLY B 545 20.74 16.75 -2.58
C GLY B 545 21.75 15.92 -3.34
N GLY B 546 22.76 16.59 -3.90
CA GLY B 546 23.79 15.91 -4.64
C GLY B 546 25.02 16.79 -4.69
N TYR B 547 26.20 16.19 -4.56
CA TYR B 547 27.44 16.95 -4.59
C TYR B 547 28.64 16.05 -4.84
N VAL B 548 29.78 16.69 -5.12
CA VAL B 548 31.01 15.95 -5.34
C VAL B 548 31.64 15.71 -3.98
N LEU B 549 31.65 14.45 -3.55
CA LEU B 549 32.21 14.07 -2.27
C LEU B 549 33.73 14.03 -2.35
N GLN B 550 34.22 13.31 -3.35
CA GLN B 550 35.66 13.17 -3.55
C GLN B 550 35.95 13.57 -4.99
N ASP B 551 36.64 14.70 -5.15
CA ASP B 551 36.97 15.20 -6.47
C ASP B 551 38.38 14.82 -6.91
N VAL B 552 38.63 14.96 -8.21
CA VAL B 552 39.92 14.67 -8.80
C VAL B 552 39.92 15.29 -10.19
N ALA B 553 41.07 15.81 -10.60
CA ALA B 553 41.19 16.44 -11.91
C ALA B 553 41.11 15.43 -13.04
N ASN B 554 40.33 15.78 -14.07
CA ASN B 554 40.14 14.94 -15.25
C ASN B 554 39.92 13.48 -14.90
N PRO B 555 38.82 13.17 -14.21
CA PRO B 555 38.52 11.79 -13.82
C PRO B 555 38.24 10.91 -15.04
N ASP B 556 38.54 9.62 -14.91
CA ASP B 556 38.29 8.68 -15.99
C ASP B 556 36.85 8.20 -15.91
N ILE B 557 36.26 8.38 -14.73
CA ILE B 557 34.87 7.98 -14.53
C ILE B 557 34.31 8.63 -13.27
N ILE B 558 33.00 8.80 -13.23
CA ILE B 558 32.35 9.36 -12.07
C ILE B 558 31.50 8.25 -11.46
N LEU B 559 31.68 8.02 -10.17
CA LEU B 559 30.91 7.01 -9.46
C LEU B 559 29.87 7.78 -8.66
N VAL B 560 28.60 7.62 -9.01
CA VAL B 560 27.55 8.32 -8.29
C VAL B 560 26.81 7.28 -7.45
N ALA B 561 26.73 7.52 -6.15
CA ALA B 561 26.09 6.58 -5.25
C ALA B 561 25.28 7.24 -4.13
N THR B 562 24.62 6.40 -3.33
CA THR B 562 23.81 6.87 -2.23
C THR B 562 24.03 5.99 -1.01
N GLY B 563 23.63 6.51 0.15
CA GLY B 563 23.75 5.77 1.40
C GLY B 563 24.99 4.94 1.61
N SER B 564 24.79 3.67 1.96
CA SER B 564 25.87 2.74 2.22
C SER B 564 26.82 2.50 1.05
N GLU B 565 26.40 2.82 -0.16
CA GLU B 565 27.26 2.62 -1.33
C GLU B 565 28.25 3.76 -1.60
N VAL B 566 28.11 4.87 -0.89
CA VAL B 566 29.04 5.97 -1.09
C VAL B 566 30.41 5.54 -0.55
N SER B 567 30.44 5.02 0.67
CA SER B 567 31.69 4.57 1.25
C SER B 567 32.28 3.45 0.38
N LEU B 568 31.41 2.60 -0.13
CA LEU B 568 31.83 1.50 -1.00
C LEU B 568 32.51 2.06 -2.25
N SER B 569 31.96 3.14 -2.78
CA SER B 569 32.52 3.76 -3.99
C SER B 569 33.84 4.46 -3.67
N VAL B 570 33.97 4.97 -2.45
CA VAL B 570 35.21 5.63 -2.02
C VAL B 570 36.29 4.56 -1.99
N GLU B 571 35.96 3.39 -1.46
CA GLU B 571 36.93 2.29 -1.40
C GLU B 571 37.22 1.80 -2.82
N ALA B 572 36.21 1.76 -3.67
CA ALA B 572 36.39 1.33 -5.05
C ALA B 572 37.37 2.28 -5.75
N ALA B 573 37.28 3.57 -5.42
CA ALA B 573 38.16 4.56 -6.01
C ALA B 573 39.62 4.30 -5.64
N LYS B 574 39.84 3.76 -4.45
CA LYS B 574 41.20 3.43 -4.01
C LYS B 574 41.72 2.31 -4.88
N THR B 575 40.89 1.31 -5.12
CA THR B 575 41.27 0.18 -5.96
C THR B 575 41.61 0.68 -7.36
N LEU B 576 40.78 1.58 -7.89
CA LEU B 576 41.01 2.13 -9.22
C LEU B 576 42.28 2.95 -9.28
N ALA B 577 42.54 3.74 -8.23
CA ALA B 577 43.74 4.56 -8.19
C ALA B 577 44.99 3.68 -8.23
N ALA B 578 44.89 2.51 -7.62
CA ALA B 578 45.99 1.57 -7.58
C ALA B 578 46.29 1.05 -8.99
N LYS B 579 45.34 1.25 -9.89
CA LYS B 579 45.46 0.83 -11.29
C LYS B 579 45.67 2.05 -12.18
N ASN B 580 46.01 3.17 -11.56
CA ASN B 580 46.24 4.42 -12.28
C ASN B 580 44.96 4.89 -13.00
N ILE B 581 43.82 4.70 -12.34
CA ILE B 581 42.52 5.12 -12.88
C ILE B 581 41.92 6.14 -11.91
N LYS B 582 41.49 7.28 -12.44
CA LYS B 582 40.91 8.35 -11.63
C LYS B 582 39.39 8.31 -11.56
N ALA B 583 38.86 8.24 -10.34
CA ALA B 583 37.42 8.21 -10.17
C ALA B 583 36.94 9.33 -9.24
N ARG B 584 35.99 10.12 -9.74
CA ARG B 584 35.40 11.18 -8.92
C ARG B 584 34.20 10.53 -8.27
N VAL B 585 33.99 10.79 -6.99
CA VAL B 585 32.86 10.20 -6.28
C VAL B 585 31.80 11.25 -5.98
N VAL B 586 30.58 10.99 -6.43
CA VAL B 586 29.47 11.88 -6.21
C VAL B 586 28.47 11.21 -5.29
N SER B 587 27.99 11.96 -4.29
CA SER B 587 27.00 11.45 -3.36
C SER B 587 25.68 12.12 -3.73
N LEU B 588 24.63 11.30 -3.88
CA LEU B 588 23.31 11.79 -4.27
C LEU B 588 22.26 11.45 -3.20
N PRO B 589 22.40 12.05 -2.00
CA PRO B 589 21.49 11.85 -0.85
C PRO B 589 20.00 11.93 -1.17
N ASP B 590 19.62 12.85 -2.05
CA ASP B 590 18.21 13.00 -2.41
C ASP B 590 17.98 13.52 -3.82
N PHE B 591 17.36 12.67 -4.64
CA PHE B 591 17.04 13.01 -6.02
C PHE B 591 16.20 14.30 -6.09
N PHE B 592 15.16 14.36 -5.27
CA PHE B 592 14.27 15.52 -5.25
C PHE B 592 15.02 16.84 -5.04
N THR B 593 15.75 16.91 -3.94
CA THR B 593 16.51 18.12 -3.60
C THR B 593 17.53 18.44 -4.68
N PHE B 594 18.20 17.43 -5.22
CA PHE B 594 19.19 17.63 -6.26
C PHE B 594 18.53 18.25 -7.49
N ASP B 595 17.42 17.68 -7.91
CA ASP B 595 16.70 18.19 -9.08
C ASP B 595 16.24 19.63 -8.91
N LYS B 596 16.11 20.08 -7.67
CA LYS B 596 15.67 21.44 -7.38
C LYS B 596 16.78 22.46 -7.61
N GLN B 597 18.02 22.01 -7.57
CA GLN B 597 19.16 22.91 -7.76
C GLN B 597 19.21 23.40 -9.21
N PRO B 598 19.83 24.57 -9.43
CA PRO B 598 19.91 25.09 -10.80
C PRO B 598 20.67 24.13 -11.71
N LEU B 599 20.24 24.06 -12.98
CA LEU B 599 20.86 23.17 -13.95
C LEU B 599 22.39 23.35 -13.96
N GLU B 600 22.84 24.58 -13.79
CA GLU B 600 24.27 24.89 -13.75
C GLU B 600 24.99 24.08 -12.70
N TYR B 601 24.42 24.04 -11.49
CA TYR B 601 25.02 23.29 -10.39
C TYR B 601 24.99 21.79 -10.66
N ARG B 602 23.82 21.29 -11.07
CA ARG B 602 23.68 19.87 -11.34
C ARG B 602 24.70 19.39 -12.38
N LEU B 603 24.89 20.19 -13.43
CA LEU B 603 25.85 19.83 -14.48
C LEU B 603 27.28 19.86 -13.96
N SER B 604 27.53 20.68 -12.93
CA SER B 604 28.88 20.76 -12.36
C SER B 604 29.16 19.47 -11.59
N VAL B 605 28.09 18.81 -11.16
CA VAL B 605 28.23 17.55 -10.42
C VAL B 605 28.23 16.35 -11.38
N LEU B 606 27.40 16.43 -12.43
CA LEU B 606 27.31 15.36 -13.43
C LEU B 606 27.49 15.99 -14.82
N PRO B 607 28.73 16.37 -15.18
CA PRO B 607 29.08 16.99 -16.46
C PRO B 607 29.15 16.07 -17.66
N ASP B 608 29.40 16.66 -18.83
CA ASP B 608 29.53 15.89 -20.07
C ASP B 608 30.98 15.39 -20.10
N ASN B 609 31.30 14.66 -21.16
CA ASN B 609 32.65 14.15 -21.39
C ASN B 609 33.26 13.20 -20.37
N VAL B 610 32.43 12.47 -19.63
CA VAL B 610 32.94 11.51 -18.67
C VAL B 610 31.88 10.46 -18.35
N PRO B 611 32.25 9.18 -18.41
CA PRO B 611 31.25 8.15 -18.10
C PRO B 611 30.82 8.23 -16.63
N ILE B 612 29.53 8.01 -16.41
CA ILE B 612 28.95 8.07 -15.08
C ILE B 612 28.28 6.73 -14.78
N MET B 613 28.72 6.08 -13.71
CA MET B 613 28.18 4.79 -13.30
C MET B 613 27.59 4.92 -11.90
N SER B 614 26.32 4.54 -11.75
CA SER B 614 25.66 4.62 -10.44
C SER B 614 25.88 3.34 -9.64
N VAL B 615 25.90 3.49 -8.31
CA VAL B 615 26.10 2.37 -7.40
C VAL B 615 25.10 2.45 -6.24
N GLU B 616 24.16 1.51 -6.20
CA GLU B 616 23.14 1.49 -5.15
C GLU B 616 22.55 0.09 -5.12
N VAL B 617 22.50 -0.52 -3.94
CA VAL B 617 21.98 -1.89 -3.82
C VAL B 617 20.47 -2.05 -3.93
N LEU B 618 19.88 -1.37 -4.90
CA LEU B 618 18.44 -1.46 -5.14
C LEU B 618 18.19 -1.37 -6.64
N ALA B 619 16.93 -1.33 -7.05
CA ALA B 619 16.60 -1.28 -8.48
C ALA B 619 17.36 -0.19 -9.23
N THR B 620 17.70 -0.46 -10.48
CA THR B 620 18.43 0.50 -11.30
C THR B 620 17.47 1.28 -12.20
N THR B 621 16.22 0.87 -12.20
CA THR B 621 15.17 1.48 -13.03
C THR B 621 15.07 2.99 -13.02
N CYS B 622 15.41 3.62 -11.91
CA CYS B 622 15.31 5.07 -11.77
C CYS B 622 16.60 5.85 -12.01
N TRP B 623 17.70 5.16 -12.29
CA TRP B 623 18.97 5.82 -12.48
C TRP B 623 19.33 6.40 -13.84
N GLY B 624 18.51 6.15 -14.85
CA GLY B 624 18.79 6.67 -16.18
C GLY B 624 18.90 8.19 -16.24
N LYS B 625 18.31 8.87 -15.27
CA LYS B 625 18.34 10.32 -15.25
C LYS B 625 19.69 10.90 -14.84
N TYR B 626 20.54 10.10 -14.22
CA TYR B 626 21.85 10.58 -13.76
C TYR B 626 23.08 9.86 -14.29
N ALA B 627 22.96 8.57 -14.63
CA ALA B 627 24.11 7.80 -15.09
C ALA B 627 23.96 7.07 -16.41
N HIS B 628 25.09 6.80 -17.05
CA HIS B 628 25.11 6.08 -18.32
C HIS B 628 24.95 4.58 -18.08
N GLN B 629 25.53 4.09 -16.99
CA GLN B 629 25.47 2.67 -16.62
C GLN B 629 25.16 2.59 -15.13
N SER B 630 24.50 1.51 -14.72
CA SER B 630 24.15 1.37 -13.32
C SER B 630 24.42 -0.01 -12.74
N PHE B 631 25.01 -0.01 -11.54
CA PHE B 631 25.31 -1.22 -10.81
C PHE B 631 24.32 -1.24 -9.64
N GLY B 632 23.33 -2.12 -9.72
CA GLY B 632 22.34 -2.22 -8.66
C GLY B 632 21.82 -3.63 -8.54
N ILE B 633 20.60 -3.78 -8.01
CA ILE B 633 19.99 -5.09 -7.86
C ILE B 633 18.58 -5.05 -8.41
N ASP B 634 18.33 -5.85 -9.44
CA ASP B 634 17.01 -5.89 -10.06
C ASP B 634 16.35 -7.27 -9.97
N ARG B 635 16.51 -7.89 -8.80
CA ARG B 635 15.92 -9.17 -8.49
C ARG B 635 15.73 -9.08 -6.98
N PHE B 636 15.03 -10.04 -6.38
CA PHE B 636 14.81 -9.97 -4.94
C PHE B 636 16.05 -10.37 -4.13
N GLY B 637 16.02 -10.08 -2.83
CA GLY B 637 17.15 -10.37 -1.97
C GLY B 637 17.39 -11.82 -1.58
N ALA B 638 18.00 -12.00 -0.42
CA ALA B 638 18.31 -13.34 0.09
C ALA B 638 18.47 -13.32 1.60
N SER B 639 18.12 -14.43 2.24
CA SER B 639 18.24 -14.56 3.68
C SER B 639 19.64 -15.08 3.99
N GLY B 640 20.44 -14.24 4.65
CA GLY B 640 21.80 -14.63 5.00
C GLY B 640 22.49 -13.52 5.75
N LYS B 641 23.69 -13.78 6.28
CA LYS B 641 24.43 -12.75 6.98
C LYS B 641 24.65 -11.60 5.99
N ALA B 642 24.38 -10.38 6.44
CA ALA B 642 24.53 -9.19 5.61
C ALA B 642 25.79 -9.13 4.74
N PRO B 643 26.98 -9.30 5.34
CA PRO B 643 28.22 -9.24 4.57
C PRO B 643 28.24 -10.24 3.42
N GLU B 644 27.71 -11.44 3.66
CA GLU B 644 27.67 -12.48 2.65
C GLU B 644 26.68 -12.14 1.54
N VAL B 645 25.57 -11.51 1.91
CA VAL B 645 24.57 -11.12 0.92
C VAL B 645 25.16 -10.06 -0.01
N PHE B 646 25.83 -9.06 0.56
CA PHE B 646 26.45 -8.02 -0.26
C PHE B 646 27.42 -8.61 -1.28
N LYS B 647 28.25 -9.54 -0.81
CA LYS B 647 29.23 -10.19 -1.68
C LYS B 647 28.55 -11.03 -2.75
N PHE B 648 27.46 -11.68 -2.38
CA PHE B 648 26.70 -12.49 -3.32
C PHE B 648 26.28 -11.64 -4.52
N PHE B 649 25.90 -10.40 -4.23
CA PHE B 649 25.47 -9.47 -5.27
C PHE B 649 26.62 -8.67 -5.88
N GLY B 650 27.84 -9.00 -5.47
CA GLY B 650 29.02 -8.34 -6.01
C GLY B 650 29.35 -6.95 -5.49
N PHE B 651 28.72 -6.54 -4.39
CA PHE B 651 29.00 -5.21 -3.88
C PHE B 651 30.17 -5.14 -2.90
N THR B 652 31.36 -5.15 -3.48
CA THR B 652 32.62 -5.04 -2.75
C THR B 652 33.39 -3.96 -3.50
N PRO B 653 34.44 -3.40 -2.86
CA PRO B 653 35.20 -2.36 -3.55
C PRO B 653 35.71 -2.86 -4.91
N GLU B 654 36.19 -4.11 -4.92
CA GLU B 654 36.71 -4.71 -6.15
C GLU B 654 35.60 -4.87 -7.21
N GLY B 655 34.42 -5.27 -6.77
CA GLY B 655 33.31 -5.46 -7.69
C GLY B 655 32.88 -4.17 -8.36
N VAL B 656 32.86 -3.08 -7.60
CA VAL B 656 32.48 -1.79 -8.14
C VAL B 656 33.56 -1.32 -9.11
N ALA B 657 34.82 -1.45 -8.69
CA ALA B 657 35.95 -1.02 -9.52
C ALA B 657 35.98 -1.77 -10.85
N GLU B 658 35.74 -3.07 -10.81
CA GLU B 658 35.75 -3.86 -12.03
C GLU B 658 34.70 -3.35 -13.01
N ARG B 659 33.49 -3.12 -12.52
CA ARG B 659 32.42 -2.64 -13.38
C ARG B 659 32.74 -1.24 -13.88
N ALA B 660 33.48 -0.47 -13.07
CA ALA B 660 33.89 0.86 -13.49
C ALA B 660 34.85 0.71 -14.68
N GLN B 661 35.77 -0.25 -14.59
CA GLN B 661 36.71 -0.49 -15.67
C GLN B 661 35.98 -0.90 -16.95
N LYS B 662 34.97 -1.75 -16.80
CA LYS B 662 34.18 -2.19 -17.95
C LYS B 662 33.50 -0.99 -18.61
N THR B 663 32.97 -0.10 -17.77
CA THR B 663 32.27 1.08 -18.25
C THR B 663 33.23 2.00 -19.00
N ILE B 664 34.44 2.16 -18.46
CA ILE B 664 35.45 2.98 -19.11
C ILE B 664 35.81 2.44 -20.49
N ALA B 665 36.06 1.13 -20.57
CA ALA B 665 36.42 0.50 -21.84
C ALA B 665 35.26 0.58 -22.82
N PHE B 666 34.05 0.42 -22.30
CA PHE B 666 32.83 0.46 -23.11
C PHE B 666 32.68 1.78 -23.85
N TYR B 667 33.08 2.88 -23.21
CA TYR B 667 32.93 4.21 -23.78
C TYR B 667 34.20 4.83 -24.36
N LYS B 668 35.32 4.12 -24.29
CA LYS B 668 36.58 4.66 -24.82
C LYS B 668 36.39 5.16 -26.25
N GLY B 669 36.75 6.41 -26.49
CA GLY B 669 36.64 6.98 -27.83
C GLY B 669 35.30 7.61 -28.16
N ASP B 670 34.32 7.47 -27.27
CA ASP B 670 33.00 8.04 -27.52
C ASP B 670 32.84 9.42 -26.89
N LYS B 671 31.91 10.20 -27.44
CA LYS B 671 31.60 11.52 -26.91
C LYS B 671 30.45 11.30 -25.94
N LEU B 672 30.68 11.63 -24.68
CA LEU B 672 29.62 11.43 -23.70
C LEU B 672 28.93 12.72 -23.29
N ILE B 673 27.60 12.63 -23.18
CA ILE B 673 26.77 13.75 -22.80
C ILE B 673 26.16 13.45 -21.44
N SER B 674 26.09 14.46 -20.58
CA SER B 674 25.51 14.27 -19.25
C SER B 674 24.06 13.81 -19.40
N PRO B 675 23.65 12.80 -18.62
CA PRO B 675 22.28 12.29 -18.69
C PRO B 675 21.28 13.38 -18.29
N LEU B 676 21.81 14.46 -17.72
CA LEU B 676 20.98 15.58 -17.28
C LEU B 676 20.45 16.45 -18.41
N LYS B 677 21.17 16.53 -19.52
CA LYS B 677 20.75 17.37 -20.63
C LYS B 677 19.51 16.88 -21.36
N LYS B 678 18.51 17.75 -21.46
CA LYS B 678 17.25 17.43 -22.12
C LYS B 678 17.09 18.20 -23.42
N ALA B 679 16.34 17.61 -24.36
CA ALA B 679 16.10 18.25 -25.66
C ALA B 679 14.89 19.17 -25.62
N PHE B 680 14.09 19.06 -24.56
CA PHE B 680 12.89 19.88 -24.41
C PHE B 680 12.38 19.84 -22.97
CA CA C . 1.98 -11.04 20.20
N1' THD D . 5.12 -4.44 9.19
C2' THD D . 4.79 -5.50 8.43
CM2 THD D . 3.76 -5.35 7.42
N3' THD D . 5.40 -6.67 8.62
C4' THD D . 6.39 -6.82 9.59
N4' THD D . 6.92 -8.03 9.66
C5' THD D . 6.80 -5.69 10.43
C6' THD D . 6.09 -4.53 10.17
C7' THD D . 7.87 -5.73 11.53
N3 THD D . 7.52 -6.85 12.55
C2 THD D . 7.98 -8.18 12.58
S1 THD D . 7.24 -9.06 13.85
C5 THD D . 6.37 -7.70 14.36
C4 THD D . 6.64 -6.62 13.56
CM4 THD D . 6.02 -5.28 13.75
C6 THD D . 5.43 -7.75 15.55
C7 THD D . 5.48 -8.97 16.37
O7 THD D . 4.21 -9.05 17.01
PA THD D . 3.39 -10.33 16.79
O1A THD D . 2.83 -10.55 15.41
O2A THD D . 2.46 -10.12 17.85
O3A THD D . 4.17 -11.58 17.44
PB THD D . 5.09 -12.08 18.67
O1B THD D . 3.98 -12.48 19.52
O2B THD D . 5.83 -13.22 18.17
O3B THD D . 5.98 -10.97 19.11
C8 THD D . 8.93 -8.46 11.78
O9 THD D . 9.57 -7.77 10.95
C9 THD D . 9.24 -9.86 11.95
O10 THD D . 8.91 -10.58 10.77
CA CA E . -22.42 4.68 2.17
N1' THD F . -10.59 2.47 -3.78
C2' THD F . -10.19 3.56 -3.08
CM2 THD F . -9.13 3.41 -2.09
N3' THD F . -10.77 4.74 -3.28
C4' THD F . -11.78 4.89 -4.24
N4' THD F . -12.28 6.13 -4.35
C5' THD F . -12.25 3.75 -5.03
C6' THD F . -11.59 2.58 -4.75
C7' THD F . -13.37 3.81 -6.10
N3 THD F . -14.68 4.32 -5.42
C2 THD F . -15.18 5.64 -5.39
S1 THD F . -16.61 5.73 -4.44
C5 THD F . -16.56 4.08 -4.11
C4 THD F . -15.48 3.48 -4.71
CM4 THD F . -15.17 2.04 -4.60
C6 THD F . -17.62 3.42 -3.25
C7 THD F . -18.75 4.26 -2.85
O7 THD F . -19.30 3.68 -1.67
PA THD F . -19.47 4.59 -0.43
O1A THD F . -18.22 5.06 0.26
O2A THD F . -20.39 3.74 0.29
O3A THD F . -20.55 5.74 -0.77
PB THD F . -21.92 6.10 -1.53
O1B THD F . -22.80 5.75 -0.41
O2B THD F . -21.86 7.53 -1.80
O3B THD F . -21.99 5.29 -2.80
C8 THD F . -14.62 6.49 -6.15
O9 THD F . -13.67 6.39 -6.97
C9 THD F . -15.28 7.77 -5.96
O10 THD F . -14.37 8.69 -5.35
#